data_1THQ
# 
_entry.id   1THQ 
# 
_audit_conform.dict_name       mmcif_pdbx.dic 
_audit_conform.dict_version    5.386 
_audit_conform.dict_location   http://mmcif.pdb.org/dictionaries/ascii/mmcif_pdbx.dic 
# 
loop_
_database_2.database_id 
_database_2.database_code 
_database_2.pdbx_database_accession 
_database_2.pdbx_DOI 
PDB   1THQ         pdb_00001thq 10.2210/pdb1thq/pdb 
RCSB  RCSB022650   ?            ?                   
WWPDB D_1000022650 ?            ?                   
# 
loop_
_pdbx_audit_revision_history.ordinal 
_pdbx_audit_revision_history.data_content_type 
_pdbx_audit_revision_history.major_revision 
_pdbx_audit_revision_history.minor_revision 
_pdbx_audit_revision_history.revision_date 
1 'Structure model' 1 0 2004-08-10 
2 'Structure model' 1 1 2008-04-30 
3 'Structure model' 1 2 2011-07-13 
4 'Structure model' 1 3 2024-02-14 
# 
_pdbx_audit_revision_details.ordinal             1 
_pdbx_audit_revision_details.revision_ordinal    1 
_pdbx_audit_revision_details.data_content_type   'Structure model' 
_pdbx_audit_revision_details.provider            repository 
_pdbx_audit_revision_details.type                'Initial release' 
_pdbx_audit_revision_details.description         ? 
_pdbx_audit_revision_details.details             ? 
# 
loop_
_pdbx_audit_revision_group.ordinal 
_pdbx_audit_revision_group.revision_ordinal 
_pdbx_audit_revision_group.data_content_type 
_pdbx_audit_revision_group.group 
1 2 'Structure model' 'Version format compliance' 
2 3 'Structure model' Advisory                    
3 3 'Structure model' 'Version format compliance' 
4 4 'Structure model' 'Data collection'           
5 4 'Structure model' 'Database references'       
6 4 'Structure model' 'Derived calculations'      
# 
loop_
_pdbx_audit_revision_category.ordinal 
_pdbx_audit_revision_category.revision_ordinal 
_pdbx_audit_revision_category.data_content_type 
_pdbx_audit_revision_category.category 
1 4 'Structure model' chem_comp_atom     
2 4 'Structure model' chem_comp_bond     
3 4 'Structure model' database_2         
4 4 'Structure model' struct_ref_seq_dif 
5 4 'Structure model' struct_site        
# 
loop_
_pdbx_audit_revision_item.ordinal 
_pdbx_audit_revision_item.revision_ordinal 
_pdbx_audit_revision_item.data_content_type 
_pdbx_audit_revision_item.item 
1 4 'Structure model' '_database_2.pdbx_DOI'                
2 4 'Structure model' '_database_2.pdbx_database_accession' 
3 4 'Structure model' '_struct_ref_seq_dif.details'         
4 4 'Structure model' '_struct_site.pdbx_auth_asym_id'      
5 4 'Structure model' '_struct_site.pdbx_auth_comp_id'      
6 4 'Structure model' '_struct_site.pdbx_auth_seq_id'       
# 
_pdbx_database_status.status_code                     REL 
_pdbx_database_status.entry_id                        1THQ 
_pdbx_database_status.recvd_initial_deposition_date   2004-06-01 
_pdbx_database_status.deposit_site                    RCSB 
_pdbx_database_status.process_site                    RCSB 
_pdbx_database_status.status_code_sf                  REL 
_pdbx_database_status.SG_entry                        . 
_pdbx_database_status.status_code_mr                  ? 
_pdbx_database_status.pdb_format_compatible           Y 
_pdbx_database_status.status_code_cs                  ? 
_pdbx_database_status.status_code_nmr_data            ? 
_pdbx_database_status.methods_development_category    ? 
# 
loop_
_pdbx_database_related.db_name 
_pdbx_database_related.db_id 
_pdbx_database_related.details 
_pdbx_database_related.content_type 
PDB 1MM4 'Solution NMR Structure of PagP' unspecified 
PDB 1MM5 'Solution NMR Structure of PagP' unspecified 
# 
loop_
_audit_author.name 
_audit_author.pdbx_ordinal 
'Ahn, V.E.'    1 
'Lo, E.I.'     2 
'Engel, C.K.'  3 
'Chen, L.'     4 
'Hwang, P.M.'  5 
'Kay, L.E.'    6 
'Bishop, R.E.' 7 
'Prive, G.G.'  8 
# 
_citation.id                        primary 
_citation.title                     'A hydrocarbon ruler measures palmitate in the enzymatic acylation of endotoxin.' 
_citation.journal_abbrev            'Embo J.' 
_citation.journal_volume            23 
_citation.page_first                2931 
_citation.page_last                 2941 
_citation.year                      2004 
_citation.journal_id_ASTM           EMJODG 
_citation.country                   UK 
_citation.journal_id_ISSN           0261-4189 
_citation.journal_id_CSD            0897 
_citation.book_publisher            ? 
_citation.pdbx_database_id_PubMed   15272304 
_citation.pdbx_database_id_DOI      10.1038/sj.emboj.7600320 
# 
loop_
_citation_author.citation_id 
_citation_author.name 
_citation_author.ordinal 
_citation_author.identifier_ORCID 
primary 'Ahn, V.E.'    1 ? 
primary 'Lo, E.I.'     2 ? 
primary 'Engel, C.K.'  3 ? 
primary 'Chen, L.'     4 ? 
primary 'Hwang, P.M.'  5 ? 
primary 'Kay, L.E.'    6 ? 
primary 'Bishop, R.E.' 7 ? 
primary 'Prive, G.G.'  8 ? 
# 
loop_
_entity.id 
_entity.type 
_entity.src_method 
_entity.pdbx_description 
_entity.formula_weight 
_entity.pdbx_number_of_molecules 
_entity.pdbx_ec 
_entity.pdbx_mutation 
_entity.pdbx_fragment 
_entity.details 
1 polymer     man 'CrcA protein'                  20198.434 1  ? ? ? ? 
2 non-polymer syn 'ACETATE ION'                   59.044    5  ? ? ? ? 
3 non-polymer syn 'LAURYL DIMETHYLAMINE-N-OXIDE'  229.402   5  ? ? ? ? 
4 non-polymer syn '(4S)-2-METHYL-2,4-PENTANEDIOL' 118.174   2  ? ? ? ? 
5 water       nat water                           18.015    38 ? ? ? ? 
# 
_entity_poly.entity_id                      1 
_entity_poly.type                           'polypeptide(L)' 
_entity_poly.nstd_linkage                   no 
_entity_poly.nstd_monomer                   no 
_entity_poly.pdbx_seq_one_letter_code       
;MNADEWMTTFRENIAQTWQQPEHYDLYIPAITWHARFAYDKEKTDRYNERPWGGGFGLSRWDEKGNWHGLYAMAFKDSWN
KWEPIAGYGWESTWRPLADENFHLGLGFTAGVTARDNWNYIPLPVLLPLASVGYGPVTFQMTYIPGTYNNGNVYFAWMRF
QFLEHHHHHH
;
_entity_poly.pdbx_seq_one_letter_code_can   
;MNADEWMTTFRENIAQTWQQPEHYDLYIPAITWHARFAYDKEKTDRYNERPWGGGFGLSRWDEKGNWHGLYAMAFKDSWN
KWEPIAGYGWESTWRPLADENFHLGLGFTAGVTARDNWNYIPLPVLLPLASVGYGPVTFQMTYIPGTYNNGNVYFAWMRF
QFLEHHHHHH
;
_entity_poly.pdbx_strand_id                 A 
_entity_poly.pdbx_target_identifier         ? 
# 
loop_
_pdbx_entity_nonpoly.entity_id 
_pdbx_entity_nonpoly.name 
_pdbx_entity_nonpoly.comp_id 
2 'ACETATE ION'                   ACT 
3 'LAURYL DIMETHYLAMINE-N-OXIDE'  LDA 
4 '(4S)-2-METHYL-2,4-PENTANEDIOL' MPD 
5 water                           HOH 
# 
loop_
_entity_poly_seq.entity_id 
_entity_poly_seq.num 
_entity_poly_seq.mon_id 
_entity_poly_seq.hetero 
1 1   MET n 
1 2   ASN n 
1 3   ALA n 
1 4   ASP n 
1 5   GLU n 
1 6   TRP n 
1 7   MET n 
1 8   THR n 
1 9   THR n 
1 10  PHE n 
1 11  ARG n 
1 12  GLU n 
1 13  ASN n 
1 14  ILE n 
1 15  ALA n 
1 16  GLN n 
1 17  THR n 
1 18  TRP n 
1 19  GLN n 
1 20  GLN n 
1 21  PRO n 
1 22  GLU n 
1 23  HIS n 
1 24  TYR n 
1 25  ASP n 
1 26  LEU n 
1 27  TYR n 
1 28  ILE n 
1 29  PRO n 
1 30  ALA n 
1 31  ILE n 
1 32  THR n 
1 33  TRP n 
1 34  HIS n 
1 35  ALA n 
1 36  ARG n 
1 37  PHE n 
1 38  ALA n 
1 39  TYR n 
1 40  ASP n 
1 41  LYS n 
1 42  GLU n 
1 43  LYS n 
1 44  THR n 
1 45  ASP n 
1 46  ARG n 
1 47  TYR n 
1 48  ASN n 
1 49  GLU n 
1 50  ARG n 
1 51  PRO n 
1 52  TRP n 
1 53  GLY n 
1 54  GLY n 
1 55  GLY n 
1 56  PHE n 
1 57  GLY n 
1 58  LEU n 
1 59  SER n 
1 60  ARG n 
1 61  TRP n 
1 62  ASP n 
1 63  GLU n 
1 64  LYS n 
1 65  GLY n 
1 66  ASN n 
1 67  TRP n 
1 68  HIS n 
1 69  GLY n 
1 70  LEU n 
1 71  TYR n 
1 72  ALA n 
1 73  MET n 
1 74  ALA n 
1 75  PHE n 
1 76  LYS n 
1 77  ASP n 
1 78  SER n 
1 79  TRP n 
1 80  ASN n 
1 81  LYS n 
1 82  TRP n 
1 83  GLU n 
1 84  PRO n 
1 85  ILE n 
1 86  ALA n 
1 87  GLY n 
1 88  TYR n 
1 89  GLY n 
1 90  TRP n 
1 91  GLU n 
1 92  SER n 
1 93  THR n 
1 94  TRP n 
1 95  ARG n 
1 96  PRO n 
1 97  LEU n 
1 98  ALA n 
1 99  ASP n 
1 100 GLU n 
1 101 ASN n 
1 102 PHE n 
1 103 HIS n 
1 104 LEU n 
1 105 GLY n 
1 106 LEU n 
1 107 GLY n 
1 108 PHE n 
1 109 THR n 
1 110 ALA n 
1 111 GLY n 
1 112 VAL n 
1 113 THR n 
1 114 ALA n 
1 115 ARG n 
1 116 ASP n 
1 117 ASN n 
1 118 TRP n 
1 119 ASN n 
1 120 TYR n 
1 121 ILE n 
1 122 PRO n 
1 123 LEU n 
1 124 PRO n 
1 125 VAL n 
1 126 LEU n 
1 127 LEU n 
1 128 PRO n 
1 129 LEU n 
1 130 ALA n 
1 131 SER n 
1 132 VAL n 
1 133 GLY n 
1 134 TYR n 
1 135 GLY n 
1 136 PRO n 
1 137 VAL n 
1 138 THR n 
1 139 PHE n 
1 140 GLN n 
1 141 MET n 
1 142 THR n 
1 143 TYR n 
1 144 ILE n 
1 145 PRO n 
1 146 GLY n 
1 147 THR n 
1 148 TYR n 
1 149 ASN n 
1 150 ASN n 
1 151 GLY n 
1 152 ASN n 
1 153 VAL n 
1 154 TYR n 
1 155 PHE n 
1 156 ALA n 
1 157 TRP n 
1 158 MET n 
1 159 ARG n 
1 160 PHE n 
1 161 GLN n 
1 162 PHE n 
1 163 LEU n 
1 164 GLU n 
1 165 HIS n 
1 166 HIS n 
1 167 HIS n 
1 168 HIS n 
1 169 HIS n 
1 170 HIS n 
# 
_entity_src_gen.entity_id                          1 
_entity_src_gen.pdbx_src_id                        1 
_entity_src_gen.pdbx_alt_source_flag               sample 
_entity_src_gen.pdbx_seq_type                      ? 
_entity_src_gen.pdbx_beg_seq_num                   ? 
_entity_src_gen.pdbx_end_seq_num                   ? 
_entity_src_gen.gene_src_common_name               ? 
_entity_src_gen.gene_src_genus                     Escherichia 
_entity_src_gen.pdbx_gene_src_gene                 'CRCA, B0622' 
_entity_src_gen.gene_src_species                   ? 
_entity_src_gen.gene_src_strain                    ? 
_entity_src_gen.gene_src_tissue                    ? 
_entity_src_gen.gene_src_tissue_fraction           ? 
_entity_src_gen.gene_src_details                   ? 
_entity_src_gen.pdbx_gene_src_fragment             ? 
_entity_src_gen.pdbx_gene_src_scientific_name      'Escherichia coli' 
_entity_src_gen.pdbx_gene_src_ncbi_taxonomy_id     562 
_entity_src_gen.pdbx_gene_src_variant              ? 
_entity_src_gen.pdbx_gene_src_cell_line            ? 
_entity_src_gen.pdbx_gene_src_atcc                 ? 
_entity_src_gen.pdbx_gene_src_organ                ? 
_entity_src_gen.pdbx_gene_src_organelle            ? 
_entity_src_gen.pdbx_gene_src_cell                 ? 
_entity_src_gen.pdbx_gene_src_cellular_location    ? 
_entity_src_gen.host_org_common_name               ? 
_entity_src_gen.pdbx_host_org_scientific_name      'Escherichia coli BL21(DE3)' 
_entity_src_gen.pdbx_host_org_ncbi_taxonomy_id     469008 
_entity_src_gen.host_org_genus                     Escherichia 
_entity_src_gen.pdbx_host_org_gene                 ? 
_entity_src_gen.pdbx_host_org_organ                ? 
_entity_src_gen.host_org_species                   'Escherichia coli' 
_entity_src_gen.pdbx_host_org_tissue               ? 
_entity_src_gen.pdbx_host_org_tissue_fraction      ? 
_entity_src_gen.pdbx_host_org_strain               'BL21(DE3)' 
_entity_src_gen.pdbx_host_org_variant              ? 
_entity_src_gen.pdbx_host_org_cell_line            ? 
_entity_src_gen.pdbx_host_org_atcc                 ? 
_entity_src_gen.pdbx_host_org_culture_collection   ? 
_entity_src_gen.pdbx_host_org_cell                 ? 
_entity_src_gen.pdbx_host_org_organelle            ? 
_entity_src_gen.pdbx_host_org_cellular_location    ? 
_entity_src_gen.pdbx_host_org_vector_type          PET 
_entity_src_gen.pdbx_host_org_vector               ? 
_entity_src_gen.host_org_details                   ? 
_entity_src_gen.expression_system_id               ? 
_entity_src_gen.plasmid_name                       'PET-21(A)' 
_entity_src_gen.plasmid_details                    ? 
_entity_src_gen.pdbx_description                   ? 
# 
loop_
_chem_comp.id 
_chem_comp.type 
_chem_comp.mon_nstd_flag 
_chem_comp.name 
_chem_comp.pdbx_synonyms 
_chem_comp.formula 
_chem_comp.formula_weight 
ACT non-polymer         . 'ACETATE ION'                   ? 'C2 H3 O2 -1'    59.044  
ALA 'L-peptide linking' y ALANINE                         ? 'C3 H7 N O2'     89.093  
ARG 'L-peptide linking' y ARGININE                        ? 'C6 H15 N4 O2 1' 175.209 
ASN 'L-peptide linking' y ASPARAGINE                      ? 'C4 H8 N2 O3'    132.118 
ASP 'L-peptide linking' y 'ASPARTIC ACID'                 ? 'C4 H7 N O4'     133.103 
GLN 'L-peptide linking' y GLUTAMINE                       ? 'C5 H10 N2 O3'   146.144 
GLU 'L-peptide linking' y 'GLUTAMIC ACID'                 ? 'C5 H9 N O4'     147.129 
GLY 'peptide linking'   y GLYCINE                         ? 'C2 H5 N O2'     75.067  
HIS 'L-peptide linking' y HISTIDINE                       ? 'C6 H10 N3 O2 1' 156.162 
HOH non-polymer         . WATER                           ? 'H2 O'           18.015  
ILE 'L-peptide linking' y ISOLEUCINE                      ? 'C6 H13 N O2'    131.173 
LDA non-polymer         . 'LAURYL DIMETHYLAMINE-N-OXIDE'  ? 'C14 H31 N O'    229.402 
LEU 'L-peptide linking' y LEUCINE                         ? 'C6 H13 N O2'    131.173 
LYS 'L-peptide linking' y LYSINE                          ? 'C6 H15 N2 O2 1' 147.195 
MET 'L-peptide linking' y METHIONINE                      ? 'C5 H11 N O2 S'  149.211 
MPD non-polymer         . '(4S)-2-METHYL-2,4-PENTANEDIOL' ? 'C6 H14 O2'      118.174 
PHE 'L-peptide linking' y PHENYLALANINE                   ? 'C9 H11 N O2'    165.189 
PRO 'L-peptide linking' y PROLINE                         ? 'C5 H9 N O2'     115.130 
SER 'L-peptide linking' y SERINE                          ? 'C3 H7 N O3'     105.093 
THR 'L-peptide linking' y THREONINE                       ? 'C4 H9 N O3'     119.119 
TRP 'L-peptide linking' y TRYPTOPHAN                      ? 'C11 H12 N2 O2'  204.225 
TYR 'L-peptide linking' y TYROSINE                        ? 'C9 H11 N O3'    181.189 
VAL 'L-peptide linking' y VALINE                          ? 'C5 H11 N O2'    117.146 
# 
loop_
_pdbx_poly_seq_scheme.asym_id 
_pdbx_poly_seq_scheme.entity_id 
_pdbx_poly_seq_scheme.seq_id 
_pdbx_poly_seq_scheme.mon_id 
_pdbx_poly_seq_scheme.ndb_seq_num 
_pdbx_poly_seq_scheme.pdb_seq_num 
_pdbx_poly_seq_scheme.auth_seq_num 
_pdbx_poly_seq_scheme.pdb_mon_id 
_pdbx_poly_seq_scheme.auth_mon_id 
_pdbx_poly_seq_scheme.pdb_strand_id 
_pdbx_poly_seq_scheme.pdb_ins_code 
_pdbx_poly_seq_scheme.hetero 
A 1 1   MET 1   0   ?   ?   ?   A . n 
A 1 2   ASN 2   1   ?   ?   ?   A . n 
A 1 3   ALA 3   2   ?   ?   ?   A . n 
A 1 4   ASP 4   3   ?   ?   ?   A . n 
A 1 5   GLU 5   4   ?   ?   ?   A . n 
A 1 6   TRP 6   5   ?   ?   ?   A . n 
A 1 7   MET 7   6   ?   ?   ?   A . n 
A 1 8   THR 8   7   7   THR THR A . n 
A 1 9   THR 9   8   8   THR THR A . n 
A 1 10  PHE 10  9   9   PHE PHE A . n 
A 1 11  ARG 11  10  10  ARG ARG A . n 
A 1 12  GLU 12  11  11  GLU GLU A . n 
A 1 13  ASN 13  12  12  ASN ASN A . n 
A 1 14  ILE 14  13  13  ILE ILE A . n 
A 1 15  ALA 15  14  14  ALA ALA A . n 
A 1 16  GLN 16  15  15  GLN GLN A . n 
A 1 17  THR 17  16  16  THR THR A . n 
A 1 18  TRP 18  17  17  TRP TRP A . n 
A 1 19  GLN 19  18  18  GLN GLN A . n 
A 1 20  GLN 20  19  19  GLN GLN A . n 
A 1 21  PRO 21  20  20  PRO PRO A . n 
A 1 22  GLU 22  21  21  GLU GLU A . n 
A 1 23  HIS 23  22  22  HIS HIS A . n 
A 1 24  TYR 24  23  23  TYR TYR A . n 
A 1 25  ASP 25  24  24  ASP ASP A . n 
A 1 26  LEU 26  25  25  LEU LEU A . n 
A 1 27  TYR 27  26  26  TYR TYR A . n 
A 1 28  ILE 28  27  27  ILE ILE A . n 
A 1 29  PRO 29  28  28  PRO PRO A . n 
A 1 30  ALA 30  29  29  ALA ALA A . n 
A 1 31  ILE 31  30  30  ILE ILE A . n 
A 1 32  THR 32  31  31  THR THR A . n 
A 1 33  TRP 33  32  32  TRP TRP A . n 
A 1 34  HIS 34  33  33  HIS HIS A . n 
A 1 35  ALA 35  34  34  ALA ALA A . n 
A 1 36  ARG 36  35  35  ARG ARG A . n 
A 1 37  PHE 37  36  36  PHE PHE A . n 
A 1 38  ALA 38  37  37  ALA ALA A . n 
A 1 39  TYR 39  38  ?   ?   ?   A . n 
A 1 40  ASP 40  39  ?   ?   ?   A . n 
A 1 41  LYS 41  40  ?   ?   ?   A . n 
A 1 42  GLU 42  41  ?   ?   ?   A . n 
A 1 43  LYS 43  42  ?   ?   ?   A . n 
A 1 44  THR 44  43  ?   ?   ?   A . n 
A 1 45  ASP 45  44  ?   ?   ?   A . n 
A 1 46  ARG 46  45  ?   ?   ?   A . n 
A 1 47  TYR 47  46  ?   ?   ?   A . n 
A 1 48  ASN 48  47  ?   ?   ?   A . n 
A 1 49  GLU 49  48  48  GLU GLU A . n 
A 1 50  ARG 50  49  49  ARG ARG A . n 
A 1 51  PRO 51  50  50  PRO PRO A . n 
A 1 52  TRP 52  51  51  TRP TRP A . n 
A 1 53  GLY 53  52  52  GLY GLY A . n 
A 1 54  GLY 54  53  53  GLY GLY A . n 
A 1 55  GLY 55  54  54  GLY GLY A . n 
A 1 56  PHE 56  55  55  PHE PHE A . n 
A 1 57  GLY 57  56  56  GLY GLY A . n 
A 1 58  LEU 58  57  57  LEU LEU A . n 
A 1 59  SER 59  58  58  SER SER A . n 
A 1 60  ARG 60  59  59  ARG ARG A . n 
A 1 61  TRP 61  60  60  TRP TRP A . n 
A 1 62  ASP 62  61  61  ASP ASP A . n 
A 1 63  GLU 63  62  62  GLU GLU A . n 
A 1 64  LYS 64  63  63  LYS LYS A . n 
A 1 65  GLY 65  64  64  GLY GLY A . n 
A 1 66  ASN 66  65  65  ASN ASN A . n 
A 1 67  TRP 67  66  66  TRP TRP A . n 
A 1 68  HIS 68  67  67  HIS HIS A . n 
A 1 69  GLY 69  68  68  GLY GLY A . n 
A 1 70  LEU 70  69  69  LEU LEU A . n 
A 1 71  TYR 71  70  70  TYR TYR A . n 
A 1 72  ALA 72  71  71  ALA ALA A . n 
A 1 73  MET 73  72  72  MET MET A . n 
A 1 74  ALA 74  73  73  ALA ALA A . n 
A 1 75  PHE 75  74  74  PHE PHE A . n 
A 1 76  LYS 76  75  75  LYS LYS A . n 
A 1 77  ASP 77  76  76  ASP ASP A . n 
A 1 78  SER 78  77  77  SER SER A . n 
A 1 79  TRP 79  78  78  TRP TRP A . n 
A 1 80  ASN 80  79  79  ASN ASN A . n 
A 1 81  LYS 81  80  80  LYS LYS A . n 
A 1 82  TRP 82  81  81  TRP TRP A . n 
A 1 83  GLU 83  82  82  GLU GLU A . n 
A 1 84  PRO 84  83  83  PRO PRO A . n 
A 1 85  ILE 85  84  84  ILE ILE A . n 
A 1 86  ALA 86  85  85  ALA ALA A . n 
A 1 87  GLY 87  86  86  GLY GLY A . n 
A 1 88  TYR 88  87  87  TYR TYR A . n 
A 1 89  GLY 89  88  88  GLY GLY A . n 
A 1 90  TRP 90  89  89  TRP TRP A . n 
A 1 91  GLU 91  90  90  GLU GLU A . n 
A 1 92  SER 92  91  91  SER SER A . n 
A 1 93  THR 93  92  92  THR THR A . n 
A 1 94  TRP 94  93  93  TRP TRP A . n 
A 1 95  ARG 95  94  94  ARG ARG A . n 
A 1 96  PRO 96  95  95  PRO PRO A . n 
A 1 97  LEU 97  96  96  LEU LEU A . n 
A 1 98  ALA 98  97  97  ALA ALA A . n 
A 1 99  ASP 99  98  98  ASP ASP A . n 
A 1 100 GLU 100 99  99  GLU GLU A . n 
A 1 101 ASN 101 100 100 ASN ASN A . n 
A 1 102 PHE 102 101 101 PHE PHE A . n 
A 1 103 HIS 103 102 102 HIS HIS A . n 
A 1 104 LEU 104 103 103 LEU LEU A . n 
A 1 105 GLY 105 104 104 GLY GLY A . n 
A 1 106 LEU 106 105 105 LEU LEU A . n 
A 1 107 GLY 107 106 106 GLY GLY A . n 
A 1 108 PHE 108 107 107 PHE PHE A . n 
A 1 109 THR 109 108 108 THR THR A . n 
A 1 110 ALA 110 109 109 ALA ALA A . n 
A 1 111 GLY 111 110 110 GLY GLY A . n 
A 1 112 VAL 112 111 111 VAL VAL A . n 
A 1 113 THR 113 112 112 THR THR A . n 
A 1 114 ALA 114 113 113 ALA ALA A . n 
A 1 115 ARG 115 114 114 ARG ARG A . n 
A 1 116 ASP 116 115 115 ASP ASP A . n 
A 1 117 ASN 117 116 116 ASN ASN A . n 
A 1 118 TRP 118 117 117 TRP TRP A . n 
A 1 119 ASN 119 118 118 ASN ASN A . n 
A 1 120 TYR 120 119 119 TYR TYR A . n 
A 1 121 ILE 121 120 120 ILE ILE A . n 
A 1 122 PRO 122 121 121 PRO PRO A . n 
A 1 123 LEU 123 122 122 LEU LEU A . n 
A 1 124 PRO 124 123 123 PRO PRO A . n 
A 1 125 VAL 125 124 124 VAL VAL A . n 
A 1 126 LEU 126 125 125 LEU LEU A . n 
A 1 127 LEU 127 126 126 LEU LEU A . n 
A 1 128 PRO 128 127 127 PRO PRO A . n 
A 1 129 LEU 129 128 128 LEU LEU A . n 
A 1 130 ALA 130 129 129 ALA ALA A . n 
A 1 131 SER 131 130 130 SER SER A . n 
A 1 132 VAL 132 131 131 VAL VAL A . n 
A 1 133 GLY 133 132 132 GLY GLY A . n 
A 1 134 TYR 134 133 133 TYR TYR A . n 
A 1 135 GLY 135 134 134 GLY GLY A . n 
A 1 136 PRO 136 135 135 PRO PRO A . n 
A 1 137 VAL 137 136 136 VAL VAL A . n 
A 1 138 THR 138 137 137 THR THR A . n 
A 1 139 PHE 139 138 138 PHE PHE A . n 
A 1 140 GLN 140 139 139 GLN GLN A . n 
A 1 141 MET 141 140 140 MET MET A . n 
A 1 142 THR 142 141 141 THR THR A . n 
A 1 143 TYR 143 142 142 TYR TYR A . n 
A 1 144 ILE 144 143 143 ILE ILE A . n 
A 1 145 PRO 145 144 144 PRO PRO A . n 
A 1 146 GLY 146 145 145 GLY GLY A . n 
A 1 147 THR 147 146 146 THR THR A . n 
A 1 148 TYR 148 147 147 TYR TYR A . n 
A 1 149 ASN 149 148 148 ASN ASN A . n 
A 1 150 ASN 150 149 149 ASN ASN A . n 
A 1 151 GLY 151 150 150 GLY GLY A . n 
A 1 152 ASN 152 151 151 ASN ASN A . n 
A 1 153 VAL 153 152 152 VAL VAL A . n 
A 1 154 TYR 154 153 153 TYR TYR A . n 
A 1 155 PHE 155 154 154 PHE PHE A . n 
A 1 156 ALA 156 155 155 ALA ALA A . n 
A 1 157 TRP 157 156 156 TRP TRP A . n 
A 1 158 MET 158 157 157 MET MET A . n 
A 1 159 ARG 159 158 158 ARG ARG A . n 
A 1 160 PHE 160 159 159 PHE PHE A . n 
A 1 161 GLN 161 160 160 GLN GLN A . n 
A 1 162 PHE 162 161 161 PHE PHE A . n 
A 1 163 LEU 163 162 162 LEU LEU A . n 
A 1 164 GLU 164 163 163 GLU GLU A . n 
A 1 165 HIS 165 164 ?   ?   ?   A . n 
A 1 166 HIS 166 165 ?   ?   ?   A . n 
A 1 167 HIS 167 166 ?   ?   ?   A . n 
A 1 168 HIS 168 167 ?   ?   ?   A . n 
A 1 169 HIS 169 168 ?   ?   ?   A . n 
A 1 170 HIS 170 169 ?   ?   ?   A . n 
# 
loop_
_pdbx_nonpoly_scheme.asym_id 
_pdbx_nonpoly_scheme.entity_id 
_pdbx_nonpoly_scheme.mon_id 
_pdbx_nonpoly_scheme.ndb_seq_num 
_pdbx_nonpoly_scheme.pdb_seq_num 
_pdbx_nonpoly_scheme.auth_seq_num 
_pdbx_nonpoly_scheme.pdb_mon_id 
_pdbx_nonpoly_scheme.auth_mon_id 
_pdbx_nonpoly_scheme.pdb_strand_id 
_pdbx_nonpoly_scheme.pdb_ins_code 
B 2 ACT 1  400 400 ACT ACT A . 
C 2 ACT 1  401 401 ACT ACT A . 
D 2 ACT 1  402 402 ACT ACT A . 
E 2 ACT 1  403 403 ACT ACT A . 
F 2 ACT 1  404 404 ACT ACT A . 
G 3 LDA 1  200 200 LDA LDA A . 
H 3 LDA 1  201 201 LDA LDA A . 
I 3 LDA 1  202 202 LDA LDA A . 
J 3 LDA 1  203 203 LDA LDA A . 
K 3 LDA 1  204 204 LDA LDA A . 
L 4 MPD 1  300 300 MPD MPD A . 
M 4 MPD 1  301 301 MPD MPD A . 
N 5 HOH 1  500 500 HOH HOH A . 
N 5 HOH 2  501 501 HOH HOH A . 
N 5 HOH 3  502 502 HOH HOH A . 
N 5 HOH 4  503 503 HOH HOH A . 
N 5 HOH 5  504 504 HOH HOH A . 
N 5 HOH 6  505 505 HOH HOH A . 
N 5 HOH 7  506 506 HOH HOH A . 
N 5 HOH 8  507 507 HOH HOH A . 
N 5 HOH 9  508 508 HOH HOH A . 
N 5 HOH 10 509 509 HOH HOH A . 
N 5 HOH 11 510 510 HOH HOH A . 
N 5 HOH 12 511 511 HOH HOH A . 
N 5 HOH 13 512 512 HOH HOH A . 
N 5 HOH 14 513 513 HOH HOH A . 
N 5 HOH 15 514 514 HOH HOH A . 
N 5 HOH 16 515 515 HOH HOH A . 
N 5 HOH 17 516 516 HOH HOH A . 
N 5 HOH 18 517 517 HOH HOH A . 
N 5 HOH 19 518 518 HOH HOH A . 
N 5 HOH 20 519 519 HOH HOH A . 
N 5 HOH 21 520 520 HOH HOH A . 
N 5 HOH 22 521 521 HOH HOH A . 
N 5 HOH 23 522 522 HOH HOH A . 
N 5 HOH 24 523 523 HOH HOH A . 
N 5 HOH 25 524 524 HOH HOH A . 
N 5 HOH 26 525 525 HOH HOH A . 
N 5 HOH 27 526 526 HOH HOH A . 
N 5 HOH 28 527 527 HOH HOH A . 
N 5 HOH 29 528 528 HOH HOH A . 
N 5 HOH 30 529 529 HOH HOH A . 
N 5 HOH 31 530 530 HOH HOH A . 
N 5 HOH 32 531 531 HOH HOH A . 
N 5 HOH 33 532 532 HOH HOH A . 
N 5 HOH 34 533 533 HOH HOH A . 
N 5 HOH 35 534 534 HOH HOH A . 
N 5 HOH 36 535 535 HOH HOH A . 
N 5 HOH 37 536 536 HOH HOH A . 
N 5 HOH 38 537 537 HOH HOH A . 
# 
loop_
_pdbx_unobs_or_zero_occ_atoms.id 
_pdbx_unobs_or_zero_occ_atoms.PDB_model_num 
_pdbx_unobs_or_zero_occ_atoms.polymer_flag 
_pdbx_unobs_or_zero_occ_atoms.occupancy_flag 
_pdbx_unobs_or_zero_occ_atoms.auth_asym_id 
_pdbx_unobs_or_zero_occ_atoms.auth_comp_id 
_pdbx_unobs_or_zero_occ_atoms.auth_seq_id 
_pdbx_unobs_or_zero_occ_atoms.PDB_ins_code 
_pdbx_unobs_or_zero_occ_atoms.auth_atom_id 
_pdbx_unobs_or_zero_occ_atoms.label_alt_id 
_pdbx_unobs_or_zero_occ_atoms.label_asym_id 
_pdbx_unobs_or_zero_occ_atoms.label_comp_id 
_pdbx_unobs_or_zero_occ_atoms.label_seq_id 
_pdbx_unobs_or_zero_occ_atoms.label_atom_id 
1  1 N 1 A LDA 203 ? N1  ? J LDA 1 N1  
2  1 N 1 A LDA 203 ? O1  ? J LDA 1 O1  
3  1 N 1 A LDA 203 ? CM1 ? J LDA 1 CM1 
4  1 N 1 A LDA 203 ? CM2 ? J LDA 1 CM2 
5  1 N 1 A LDA 203 ? C10 ? J LDA 1 C10 
6  1 N 1 A LDA 203 ? C11 ? J LDA 1 C11 
7  1 N 1 A LDA 203 ? C12 ? J LDA 1 C12 
8  1 N 1 A LDA 204 ? N1  ? K LDA 1 N1  
9  1 N 1 A LDA 204 ? O1  ? K LDA 1 O1  
10 1 N 1 A LDA 204 ? CM1 ? K LDA 1 CM1 
11 1 N 1 A LDA 204 ? CM2 ? K LDA 1 CM2 
12 1 N 1 A LDA 204 ? C10 ? K LDA 1 C10 
13 1 N 1 A LDA 204 ? C11 ? K LDA 1 C11 
14 1 N 1 A LDA 204 ? C12 ? K LDA 1 C12 
# 
loop_
_software.name 
_software.classification 
_software.version 
_software.citation_id 
_software.pdbx_ordinal 
REFMAC    refinement       5.1.24 ? 1 
DENZO     'data reduction' .      ? 2 
SCALEPACK 'data scaling'   .      ? 3 
SOLVE     phasing          .      ? 4 
# 
_cell.entry_id           1THQ 
_cell.length_a           50.670 
_cell.length_b           50.670 
_cell.length_c           158.480 
_cell.angle_alpha        90.00 
_cell.angle_beta         90.00 
_cell.angle_gamma        90.00 
_cell.Z_PDB              8 
_cell.pdbx_unique_axis   ? 
_cell.length_a_esd       ? 
_cell.length_b_esd       ? 
_cell.length_c_esd       ? 
_cell.angle_alpha_esd    ? 
_cell.angle_beta_esd     ? 
_cell.angle_gamma_esd    ? 
# 
_symmetry.entry_id                         1THQ 
_symmetry.space_group_name_H-M             'P 41 2 2' 
_symmetry.pdbx_full_space_group_name_H-M   ? 
_symmetry.cell_setting                     ? 
_symmetry.Int_Tables_number                91 
_symmetry.space_group_name_Hall            ? 
# 
_exptl.entry_id          1THQ 
_exptl.method            'X-RAY DIFFRACTION' 
_exptl.crystals_number   1 
# 
_exptl_crystal.id                    1 
_exptl_crystal.density_meas          ? 
_exptl_crystal.density_Matthews      2.75 
_exptl_crystal.density_percent_sol   55.3 
_exptl_crystal.description           ? 
_exptl_crystal.F_000                 ? 
_exptl_crystal.preparation           ? 
# 
_exptl_crystal_grow.crystal_id      1 
_exptl_crystal_grow.method          'VAPOR DIFFUSION, HANGING DROP' 
_exptl_crystal_grow.temp            298 
_exptl_crystal_grow.temp_details    ? 
_exptl_crystal_grow.pH              5.6 
_exptl_crystal_grow.pdbx_details    
'MPD, sodium acetate, ammonium acetate, pH 5.6, VAPOR DIFFUSION, HANGING DROP, temperature 298K' 
_exptl_crystal_grow.pdbx_pH_range   . 
# 
_diffrn.id                     1 
_diffrn.ambient_temp           100 
_diffrn.ambient_temp_details   ? 
_diffrn.crystal_id             1 
# 
_diffrn_detector.diffrn_id              1 
_diffrn_detector.detector               CCD 
_diffrn_detector.type                   'ADSC QUANTUM 4' 
_diffrn_detector.pdbx_collection_date   2002-02-04 
_diffrn_detector.details                ? 
# 
_diffrn_radiation.diffrn_id                        1 
_diffrn_radiation.wavelength_id                    1 
_diffrn_radiation.pdbx_monochromatic_or_laue_m_l   M 
_diffrn_radiation.monochromator                    ? 
_diffrn_radiation.pdbx_diffrn_protocol             'SINGLE WAVELENGTH' 
_diffrn_radiation.pdbx_scattering_type             x-ray 
# 
_diffrn_radiation_wavelength.id           1 
_diffrn_radiation_wavelength.wavelength   0.9505 
_diffrn_radiation_wavelength.wt           1.0 
# 
_diffrn_source.diffrn_id                   1 
_diffrn_source.source                      SYNCHROTRON 
_diffrn_source.type                        'CHESS BEAMLINE F1' 
_diffrn_source.pdbx_synchrotron_site       CHESS 
_diffrn_source.pdbx_synchrotron_beamline   F1 
_diffrn_source.pdbx_wavelength             ? 
_diffrn_source.pdbx_wavelength_list        0.9505 
# 
_reflns.entry_id                     1THQ 
_reflns.observed_criterion_sigma_F   ? 
_reflns.observed_criterion_sigma_I   -3 
_reflns.d_resolution_high            1.9 
_reflns.d_resolution_low             20 
_reflns.number_all                   17041 
_reflns.number_obs                   17041 
_reflns.percent_possible_obs         99.5 
_reflns.pdbx_Rmerge_I_obs            ? 
_reflns.pdbx_Rsym_value              ? 
_reflns.pdbx_netI_over_sigmaI        ? 
_reflns.B_iso_Wilson_estimate        ? 
_reflns.pdbx_redundancy              13 
_reflns.R_free_details               ? 
_reflns.limit_h_max                  ? 
_reflns.limit_h_min                  ? 
_reflns.limit_k_max                  ? 
_reflns.limit_k_min                  ? 
_reflns.limit_l_max                  ? 
_reflns.limit_l_min                  ? 
_reflns.observed_criterion_F_max     ? 
_reflns.observed_criterion_F_min     ? 
_reflns.pdbx_chi_squared             ? 
_reflns.pdbx_scaling_rejects         ? 
_reflns.pdbx_ordinal                 1 
_reflns.pdbx_diffrn_id               1 
# 
_reflns_shell.d_res_high             1.9 
_reflns_shell.d_res_low              1.97 
_reflns_shell.percent_possible_all   99.9 
_reflns_shell.Rmerge_I_obs           0.337 
_reflns_shell.pdbx_Rsym_value        ? 
_reflns_shell.meanI_over_sigI_obs    ? 
_reflns_shell.pdbx_redundancy        11 
_reflns_shell.percent_possible_obs   ? 
_reflns_shell.number_unique_all      1648 
_reflns_shell.number_measured_all    ? 
_reflns_shell.number_measured_obs    ? 
_reflns_shell.number_unique_obs      ? 
_reflns_shell.pdbx_chi_squared       ? 
_reflns_shell.pdbx_ordinal           1 
_reflns_shell.pdbx_diffrn_id         1 
# 
_refine.entry_id                                 1THQ 
_refine.ls_number_reflns_obs                     16230 
_refine.ls_number_reflns_all                     16230 
_refine.pdbx_ls_sigma_I                          ? 
_refine.pdbx_ls_sigma_F                          ? 
_refine.pdbx_data_cutoff_high_absF               ? 
_refine.pdbx_data_cutoff_low_absF                ? 
_refine.pdbx_data_cutoff_high_rms_absF           ? 
_refine.ls_d_res_low                             18.29 
_refine.ls_d_res_high                            1.90 
_refine.ls_percent_reflns_obs                    100.00 
_refine.ls_R_factor_obs                          0.21842 
_refine.ls_R_factor_all                          ? 
_refine.ls_R_factor_R_work                       0.21648 
_refine.ls_R_factor_R_free                       0.25546 
_refine.ls_R_factor_R_free_error                 ? 
_refine.ls_R_factor_R_free_error_details         ? 
_refine.ls_percent_reflns_R_free                 4.9 
_refine.ls_number_reflns_R_free                  828 
_refine.ls_number_parameters                     ? 
_refine.ls_number_restraints                     ? 
_refine.occupancy_min                            ? 
_refine.occupancy_max                            ? 
_refine.correlation_coeff_Fo_to_Fc               0.944 
_refine.correlation_coeff_Fo_to_Fc_free          0.933 
_refine.B_iso_mean                               30.263 
_refine.aniso_B[1][1]                            0.05 
_refine.aniso_B[2][2]                            0.05 
_refine.aniso_B[3][3]                            -0.10 
_refine.aniso_B[1][2]                            0.00 
_refine.aniso_B[1][3]                            0.00 
_refine.aniso_B[2][3]                            0.00 
_refine.solvent_model_details                    'BABINET MODEL WITH MASK' 
_refine.solvent_model_param_ksol                 ? 
_refine.solvent_model_param_bsol                 ? 
_refine.pdbx_solvent_vdw_probe_radii             1.40 
_refine.pdbx_solvent_ion_probe_radii             0.80 
_refine.pdbx_solvent_shrinkage_radii             0.80 
_refine.pdbx_ls_cross_valid_method               THROUGHOUT 
_refine.details                                  ? 
_refine.pdbx_starting_model                      ? 
_refine.pdbx_method_to_determine_struct          MIRAS 
_refine.pdbx_isotropic_thermal_model             ? 
_refine.pdbx_stereochemistry_target_values       'MAXIMUM LIKELIHOOD' 
_refine.pdbx_stereochem_target_val_spec_case     ? 
_refine.pdbx_R_Free_selection_details            RANDOM 
_refine.pdbx_overall_ESU_R                       0.149 
_refine.pdbx_overall_ESU_R_Free                  0.143 
_refine.overall_SU_ML                            0.087 
_refine.overall_SU_B                             2.883 
_refine.ls_redundancy_reflns_obs                 ? 
_refine.B_iso_min                                ? 
_refine.B_iso_max                                ? 
_refine.overall_SU_R_Cruickshank_DPI             ? 
_refine.overall_SU_R_free                        ? 
_refine.ls_wR_factor_R_free                      ? 
_refine.ls_wR_factor_R_work                      ? 
_refine.overall_FOM_free_R_set                   ? 
_refine.overall_FOM_work_R_set                   ? 
_refine.pdbx_refine_id                           'X-RAY DIFFRACTION' 
_refine.pdbx_overall_phase_error                 ? 
_refine.pdbx_TLS_residual_ADP_flag               'LIKELY RESIDUAL' 
_refine.pdbx_diffrn_id                           1 
_refine.pdbx_overall_SU_R_free_Cruickshank_DPI   ? 
_refine.pdbx_overall_SU_R_Blow_DPI               ? 
_refine.pdbx_overall_SU_R_free_Blow_DPI          ? 
# 
_refine_hist.pdbx_refine_id                   'X-RAY DIFFRACTION' 
_refine_hist.cycle_id                         LAST 
_refine_hist.pdbx_number_atoms_protein        1224 
_refine_hist.pdbx_number_atoms_nucleic_acid   0 
_refine_hist.pdbx_number_atoms_ligand         102 
_refine_hist.number_atoms_solvent             38 
_refine_hist.number_atoms_total               1364 
_refine_hist.d_res_high                       1.90 
_refine_hist.d_res_low                        18.29 
# 
loop_
_refine_ls_restr.type 
_refine_ls_restr.dev_ideal 
_refine_ls_restr.dev_ideal_target 
_refine_ls_restr.weight 
_refine_ls_restr.number 
_refine_ls_restr.pdbx_refine_id 
_refine_ls_restr.pdbx_restraint_function 
r_bond_refined_d         0.015 0.021 ? 1368 'X-RAY DIFFRACTION' ? 
r_bond_other_d           ?     ?     ? ?    'X-RAY DIFFRACTION' ? 
r_angle_refined_deg      1.436 1.943 ? 1849 'X-RAY DIFFRACTION' ? 
r_angle_other_deg        ?     ?     ? ?    'X-RAY DIFFRACTION' ? 
r_dihedral_angle_1_deg   6.189 5.000 ? 145  'X-RAY DIFFRACTION' ? 
r_dihedral_angle_2_deg   ?     ?     ? ?    'X-RAY DIFFRACTION' ? 
r_dihedral_angle_3_deg   ?     ?     ? ?    'X-RAY DIFFRACTION' ? 
r_dihedral_angle_4_deg   ?     ?     ? ?    'X-RAY DIFFRACTION' ? 
r_chiral_restr           0.107 0.200 ? 166  'X-RAY DIFFRACTION' ? 
r_gen_planes_refined     0.007 0.020 ? 1063 'X-RAY DIFFRACTION' ? 
r_gen_planes_other       ?     ?     ? ?    'X-RAY DIFFRACTION' ? 
r_nbd_refined            0.205 0.200 ? 511  'X-RAY DIFFRACTION' ? 
r_nbd_other              ?     ?     ? ?    'X-RAY DIFFRACTION' ? 
r_nbtor_refined          ?     ?     ? ?    'X-RAY DIFFRACTION' ? 
r_nbtor_other            ?     ?     ? ?    'X-RAY DIFFRACTION' ? 
r_xyhbond_nbd_refined    0.154 0.200 ? 50   'X-RAY DIFFRACTION' ? 
r_xyhbond_nbd_other      ?     ?     ? ?    'X-RAY DIFFRACTION' ? 
r_metal_ion_refined      ?     ?     ? ?    'X-RAY DIFFRACTION' ? 
r_metal_ion_other        ?     ?     ? ?    'X-RAY DIFFRACTION' ? 
r_symmetry_vdw_refined   0.197 0.200 ? 39   'X-RAY DIFFRACTION' ? 
r_symmetry_vdw_other     ?     ?     ? ?    'X-RAY DIFFRACTION' ? 
r_symmetry_hbond_refined 0.237 0.200 ? 7    'X-RAY DIFFRACTION' ? 
r_symmetry_hbond_other   ?     ?     ? ?    'X-RAY DIFFRACTION' ? 
r_mcbond_it              0.844 1.500 ? 744  'X-RAY DIFFRACTION' ? 
r_mcbond_other           ?     ?     ? ?    'X-RAY DIFFRACTION' ? 
r_mcangle_it             1.463 2.000 ? 1175 'X-RAY DIFFRACTION' ? 
r_scbond_it              2.128 3.000 ? 624  'X-RAY DIFFRACTION' ? 
r_scangle_it             3.301 4.500 ? 674  'X-RAY DIFFRACTION' ? 
r_rigid_bond_restr       ?     ?     ? ?    'X-RAY DIFFRACTION' ? 
r_sphericity_free        ?     ?     ? ?    'X-RAY DIFFRACTION' ? 
r_sphericity_bonded      ?     ?     ? ?    'X-RAY DIFFRACTION' ? 
# 
_refine_ls_shell.pdbx_total_number_of_bins_used   20 
_refine_ls_shell.d_res_high                       1.900 
_refine_ls_shell.d_res_low                        1.949 
_refine_ls_shell.number_reflns_R_work             1187 
_refine_ls_shell.R_factor_R_work                  0.226 
_refine_ls_shell.percent_reflns_obs               ? 
_refine_ls_shell.R_factor_R_free                  0.253 
_refine_ls_shell.R_factor_R_free_error            ? 
_refine_ls_shell.percent_reflns_R_free            ? 
_refine_ls_shell.number_reflns_R_free             57 
_refine_ls_shell.number_reflns_obs                ? 
_refine_ls_shell.redundancy_reflns_obs            ? 
_refine_ls_shell.number_reflns_all                ? 
_refine_ls_shell.pdbx_refine_id                   'X-RAY DIFFRACTION' 
_refine_ls_shell.R_factor_all                     ? 
# 
_struct.entry_id                  1THQ 
_struct.title                     'Crystal Structure of Outer Membrane Enzyme PagP' 
_struct.pdbx_model_details        ? 
_struct.pdbx_CASP_flag            ? 
_struct.pdbx_model_type_details   ? 
# 
_struct_keywords.entry_id        1THQ 
_struct_keywords.pdbx_keywords   TRANSFERASE 
_struct_keywords.text            'palmitoyltransferase, beta-barrel, outer membrane enzyme, pagp, TRANSFERASE' 
# 
loop_
_struct_asym.id 
_struct_asym.pdbx_blank_PDB_chainid_flag 
_struct_asym.pdbx_modified 
_struct_asym.entity_id 
_struct_asym.details 
A N N 1 ? 
B N N 2 ? 
C N N 2 ? 
D N N 2 ? 
E N N 2 ? 
F N N 2 ? 
G N N 3 ? 
H N N 3 ? 
I N N 3 ? 
J N N 3 ? 
K N N 3 ? 
L N N 4 ? 
M N N 4 ? 
N N N 5 ? 
# 
_struct_ref.id                         1 
_struct_ref.db_name                    UNP 
_struct_ref.db_code                    CRCA_ECOLI 
_struct_ref.pdbx_db_accession          P37001 
_struct_ref.entity_id                  1 
_struct_ref.pdbx_seq_one_letter_code   
;NADEWMTTFRENIAQTWQQPEHYDLYIPAITWHARFAYDKEKTDRYNERPWGGGFGLSRWDEKGNWHGLYAMAFKDSWNK
WEPIAGYGWESTWRPLADENFHLGLGFTAGVTARDNWNYIPLPVLLPLASVGYGPVTFQMTYIPGTYNNGNVYFAWMRFQ
F
;
_struct_ref.pdbx_align_begin           26 
_struct_ref.pdbx_db_isoform            ? 
# 
_struct_ref_seq.align_id                      1 
_struct_ref_seq.ref_id                        1 
_struct_ref_seq.pdbx_PDB_id_code              1THQ 
_struct_ref_seq.pdbx_strand_id                A 
_struct_ref_seq.seq_align_beg                 2 
_struct_ref_seq.pdbx_seq_align_beg_ins_code   ? 
_struct_ref_seq.seq_align_end                 162 
_struct_ref_seq.pdbx_seq_align_end_ins_code   ? 
_struct_ref_seq.pdbx_db_accession             P37001 
_struct_ref_seq.db_align_beg                  26 
_struct_ref_seq.pdbx_db_align_beg_ins_code    ? 
_struct_ref_seq.db_align_end                  186 
_struct_ref_seq.pdbx_db_align_end_ins_code    ? 
_struct_ref_seq.pdbx_auth_seq_align_beg       1 
_struct_ref_seq.pdbx_auth_seq_align_end       161 
# 
loop_
_struct_ref_seq_dif.align_id 
_struct_ref_seq_dif.pdbx_pdb_id_code 
_struct_ref_seq_dif.mon_id 
_struct_ref_seq_dif.pdbx_pdb_strand_id 
_struct_ref_seq_dif.seq_num 
_struct_ref_seq_dif.pdbx_pdb_ins_code 
_struct_ref_seq_dif.pdbx_seq_db_name 
_struct_ref_seq_dif.pdbx_seq_db_accession_code 
_struct_ref_seq_dif.db_mon_id 
_struct_ref_seq_dif.pdbx_seq_db_seq_num 
_struct_ref_seq_dif.details 
_struct_ref_seq_dif.pdbx_auth_seq_num 
_struct_ref_seq_dif.pdbx_ordinal 
1 1THQ MET A 1   ? UNP P37001 ? ? 'cloning artifact' 0   1 
1 1THQ LEU A 163 ? UNP P37001 ? ? 'cloning artifact' 162 2 
1 1THQ GLU A 164 ? UNP P37001 ? ? 'cloning artifact' 163 3 
1 1THQ HIS A 165 ? UNP P37001 ? ? 'cloning artifact' 164 4 
1 1THQ HIS A 166 ? UNP P37001 ? ? 'cloning artifact' 165 5 
1 1THQ HIS A 167 ? UNP P37001 ? ? 'cloning artifact' 166 6 
1 1THQ HIS A 168 ? UNP P37001 ? ? 'cloning artifact' 167 7 
1 1THQ HIS A 169 ? UNP P37001 ? ? 'cloning artifact' 168 8 
1 1THQ HIS A 170 ? UNP P37001 ? ? 'cloning artifact' 169 9 
# 
_pdbx_struct_assembly.id                   1 
_pdbx_struct_assembly.details              author_defined_assembly 
_pdbx_struct_assembly.method_details       ? 
_pdbx_struct_assembly.oligomeric_details   monomeric 
_pdbx_struct_assembly.oligomeric_count     1 
# 
_pdbx_struct_assembly_gen.assembly_id       1 
_pdbx_struct_assembly_gen.oper_expression   1 
_pdbx_struct_assembly_gen.asym_id_list      A,B,C,D,E,F,G,H,I,J,K,L,M,N 
# 
_pdbx_struct_oper_list.id                   1 
_pdbx_struct_oper_list.type                 'identity operation' 
_pdbx_struct_oper_list.name                 1_555 
_pdbx_struct_oper_list.symmetry_operation   x,y,z 
_pdbx_struct_oper_list.matrix[1][1]         1.0000000000 
_pdbx_struct_oper_list.matrix[1][2]         0.0000000000 
_pdbx_struct_oper_list.matrix[1][3]         0.0000000000 
_pdbx_struct_oper_list.vector[1]            0.0000000000 
_pdbx_struct_oper_list.matrix[2][1]         0.0000000000 
_pdbx_struct_oper_list.matrix[2][2]         1.0000000000 
_pdbx_struct_oper_list.matrix[2][3]         0.0000000000 
_pdbx_struct_oper_list.vector[2]            0.0000000000 
_pdbx_struct_oper_list.matrix[3][1]         0.0000000000 
_pdbx_struct_oper_list.matrix[3][2]         0.0000000000 
_pdbx_struct_oper_list.matrix[3][3]         1.0000000000 
_pdbx_struct_oper_list.vector[3]            0.0000000000 
# 
_struct_biol.id   1 
# 
loop_
_struct_conf.conf_type_id 
_struct_conf.id 
_struct_conf.pdbx_PDB_helix_id 
_struct_conf.beg_label_comp_id 
_struct_conf.beg_label_asym_id 
_struct_conf.beg_label_seq_id 
_struct_conf.pdbx_beg_PDB_ins_code 
_struct_conf.end_label_comp_id 
_struct_conf.end_label_asym_id 
_struct_conf.end_label_seq_id 
_struct_conf.pdbx_end_PDB_ins_code 
_struct_conf.beg_auth_comp_id 
_struct_conf.beg_auth_asym_id 
_struct_conf.beg_auth_seq_id 
_struct_conf.end_auth_comp_id 
_struct_conf.end_auth_asym_id 
_struct_conf.end_auth_seq_id 
_struct_conf.pdbx_PDB_helix_class 
_struct_conf.details 
_struct_conf.pdbx_PDB_helix_length 
HELX_P HELX_P1 1 THR A 8   ? GLN A 20  ? THR A 7   GLN A 19  1 ? 13 
HELX_P HELX_P2 2 ARG A 36  ? ALA A 38  ? ARG A 35  ALA A 37  5 ? 3  
HELX_P HELX_P3 3 ARG A 115 ? ASN A 119 ? ARG A 114 ASN A 118 5 ? 5  
# 
_struct_conf_type.id          HELX_P 
_struct_conf_type.criteria    ? 
_struct_conf_type.reference   ? 
# 
_struct_sheet.id               A 
_struct_sheet.type             ? 
_struct_sheet.number_strands   9 
_struct_sheet.details          ? 
# 
loop_
_struct_sheet_order.sheet_id 
_struct_sheet_order.range_id_1 
_struct_sheet_order.range_id_2 
_struct_sheet_order.offset 
_struct_sheet_order.sense 
A 1 2 ? anti-parallel 
A 2 3 ? anti-parallel 
A 3 4 ? anti-parallel 
A 4 5 ? anti-parallel 
A 5 6 ? anti-parallel 
A 6 7 ? anti-parallel 
A 7 8 ? anti-parallel 
A 8 9 ? anti-parallel 
# 
loop_
_struct_sheet_range.sheet_id 
_struct_sheet_range.id 
_struct_sheet_range.beg_label_comp_id 
_struct_sheet_range.beg_label_asym_id 
_struct_sheet_range.beg_label_seq_id 
_struct_sheet_range.pdbx_beg_PDB_ins_code 
_struct_sheet_range.end_label_comp_id 
_struct_sheet_range.end_label_asym_id 
_struct_sheet_range.end_label_seq_id 
_struct_sheet_range.pdbx_end_PDB_ins_code 
_struct_sheet_range.beg_auth_comp_id 
_struct_sheet_range.beg_auth_asym_id 
_struct_sheet_range.beg_auth_seq_id 
_struct_sheet_range.end_auth_comp_id 
_struct_sheet_range.end_auth_asym_id 
_struct_sheet_range.end_auth_seq_id 
A 1 HIS A 23  ? HIS A 34  ? HIS A 22  HIS A 33  
A 2 GLY A 54  ? TRP A 61  ? GLY A 53  TRP A 60  
A 3 TRP A 67  ? LYS A 76  ? TRP A 66  LYS A 75  
A 4 TRP A 82  ? TRP A 94  ? TRP A 81  TRP A 93  
A 5 PHE A 102 ? THR A 113 ? PHE A 101 THR A 112 
A 6 LEU A 123 ? TYR A 134 ? LEU A 122 TYR A 133 
A 7 VAL A 137 ? ILE A 144 ? VAL A 136 ILE A 143 
A 8 VAL A 153 ? PHE A 162 ? VAL A 152 PHE A 161 
A 9 HIS A 23  ? HIS A 34  ? HIS A 22  HIS A 33  
# 
loop_
_pdbx_struct_sheet_hbond.sheet_id 
_pdbx_struct_sheet_hbond.range_id_1 
_pdbx_struct_sheet_hbond.range_id_2 
_pdbx_struct_sheet_hbond.range_1_label_atom_id 
_pdbx_struct_sheet_hbond.range_1_label_comp_id 
_pdbx_struct_sheet_hbond.range_1_label_asym_id 
_pdbx_struct_sheet_hbond.range_1_label_seq_id 
_pdbx_struct_sheet_hbond.range_1_PDB_ins_code 
_pdbx_struct_sheet_hbond.range_1_auth_atom_id 
_pdbx_struct_sheet_hbond.range_1_auth_comp_id 
_pdbx_struct_sheet_hbond.range_1_auth_asym_id 
_pdbx_struct_sheet_hbond.range_1_auth_seq_id 
_pdbx_struct_sheet_hbond.range_2_label_atom_id 
_pdbx_struct_sheet_hbond.range_2_label_comp_id 
_pdbx_struct_sheet_hbond.range_2_label_asym_id 
_pdbx_struct_sheet_hbond.range_2_label_seq_id 
_pdbx_struct_sheet_hbond.range_2_PDB_ins_code 
_pdbx_struct_sheet_hbond.range_2_auth_atom_id 
_pdbx_struct_sheet_hbond.range_2_auth_comp_id 
_pdbx_struct_sheet_hbond.range_2_auth_asym_id 
_pdbx_struct_sheet_hbond.range_2_auth_seq_id 
A 1 2 N TYR A 27  ? N TYR A 26  O GLY A 55  ? O GLY A 54  
A 2 3 N LEU A 58  ? N LEU A 57  O LEU A 70  ? O LEU A 69  
A 3 4 N MET A 73  ? N MET A 72  O ILE A 85  ? O ILE A 84  
A 4 5 N ALA A 86  ? N ALA A 85  O VAL A 112 ? O VAL A 111 
A 5 6 N GLY A 111 ? N GLY A 110 O VAL A 125 ? O VAL A 124 
A 6 7 N VAL A 132 ? N VAL A 131 O PHE A 139 ? O PHE A 138 
A 7 8 N THR A 138 ? N THR A 137 O ARG A 159 ? O ARG A 158 
A 8 9 O TYR A 154 ? O TYR A 153 N TRP A 33  ? N TRP A 32  
# 
loop_
_struct_site.id 
_struct_site.pdbx_evidence_code 
_struct_site.pdbx_auth_asym_id 
_struct_site.pdbx_auth_comp_id 
_struct_site.pdbx_auth_seq_id 
_struct_site.pdbx_auth_ins_code 
_struct_site.pdbx_num_residues 
_struct_site.details 
AC1 Software A ACT 400 ? 1 'BINDING SITE FOR RESIDUE ACT A 400' 
AC2 Software A ACT 401 ? 3 'BINDING SITE FOR RESIDUE ACT A 401' 
AC3 Software A ACT 402 ? 3 'BINDING SITE FOR RESIDUE ACT A 402' 
AC4 Software A ACT 403 ? 1 'BINDING SITE FOR RESIDUE ACT A 403' 
AC5 Software A ACT 404 ? 2 'BINDING SITE FOR RESIDUE ACT A 404' 
AC6 Software A LDA 200 ? 6 'BINDING SITE FOR RESIDUE LDA A 200' 
AC7 Software A LDA 201 ? 2 'BINDING SITE FOR RESIDUE LDA A 201' 
AC8 Software A LDA 202 ? 2 'BINDING SITE FOR RESIDUE LDA A 202' 
AC9 Software A LDA 203 ? 1 'BINDING SITE FOR RESIDUE LDA A 203' 
BC1 Software A LDA 204 ? 1 'BINDING SITE FOR RESIDUE LDA A 204' 
BC2 Software A MPD 300 ? 3 'BINDING SITE FOR RESIDUE MPD A 300' 
BC3 Software A MPD 301 ? 1 'BINDING SITE FOR RESIDUE MPD A 301' 
# 
loop_
_struct_site_gen.id 
_struct_site_gen.site_id 
_struct_site_gen.pdbx_num_res 
_struct_site_gen.label_comp_id 
_struct_site_gen.label_asym_id 
_struct_site_gen.label_seq_id 
_struct_site_gen.pdbx_auth_ins_code 
_struct_site_gen.auth_comp_id 
_struct_site_gen.auth_asym_id 
_struct_site_gen.auth_seq_id 
_struct_site_gen.label_atom_id 
_struct_site_gen.label_alt_id 
_struct_site_gen.symmetry 
_struct_site_gen.details 
1  AC1 1 ARG A 115 ? ARG A 114 . ? 1_555 ? 
2  AC2 3 ASN A 13  ? ASN A 12  . ? 1_555 ? 
3  AC2 3 TYR A 88  ? TYR A 87  . ? 1_555 ? 
4  AC2 3 TRP A 90  ? TRP A 89  . ? 1_555 ? 
5  AC3 3 LEU A 26  ? LEU A 25  . ? 1_555 ? 
6  AC3 3 ALA A 114 ? ALA A 113 . ? 5_655 ? 
7  AC3 3 TYR A 120 ? TYR A 119 . ? 5_655 ? 
8  AC4 1 GLU A 22  ? GLU A 21  . ? 1_555 ? 
9  AC5 2 PRO A 136 ? PRO A 135 . ? 1_555 ? 
10 AC5 2 GLN A 161 ? GLN A 160 . ? 1_555 ? 
11 AC6 6 TYR A 71  ? TYR A 70  . ? 1_555 ? 
12 AC6 6 MET A 73  ? MET A 72  . ? 1_555 ? 
13 AC6 6 PHE A 75  ? PHE A 74  . ? 1_555 ? 
14 AC6 6 LYS A 76  ? LYS A 75  . ? 1_555 ? 
15 AC6 6 GLU A 83  ? GLU A 82  . ? 1_555 ? 
16 AC6 6 TRP A 157 ? TRP A 156 . ? 1_555 ? 
17 AC7 2 TYR A 24  ? TYR A 23  . ? 1_555 ? 
18 AC7 2 PHE A 56  ? PHE A 55  . ? 1_555 ? 
19 AC8 2 SER A 92  ? SER A 91  . ? 1_555 ? 
20 AC8 2 TRP A 94  ? TRP A 93  . ? 1_555 ? 
21 AC9 1 PHE A 37  ? PHE A 36  . ? 1_555 ? 
22 BC1 1 ILE A 31  ? ILE A 30  . ? 1_555 ? 
23 BC2 3 ASP A 99  ? ASP A 98  . ? 4_464 ? 
24 BC2 3 THR A 147 ? THR A 146 . ? 1_555 ? 
25 BC2 3 HOH N .   ? HOH A 509 . ? 4_464 ? 
26 BC3 1 ASN A 119 ? ASN A 118 . ? 3_655 ? 
# 
_pdbx_validate_rmsd_bond.id                        1 
_pdbx_validate_rmsd_bond.PDB_model_num             1 
_pdbx_validate_rmsd_bond.auth_atom_id_1            CD 
_pdbx_validate_rmsd_bond.auth_asym_id_1            A 
_pdbx_validate_rmsd_bond.auth_comp_id_1            GLU 
_pdbx_validate_rmsd_bond.auth_seq_id_1             62 
_pdbx_validate_rmsd_bond.PDB_ins_code_1            ? 
_pdbx_validate_rmsd_bond.label_alt_id_1            ? 
_pdbx_validate_rmsd_bond.auth_atom_id_2            OE1 
_pdbx_validate_rmsd_bond.auth_asym_id_2            A 
_pdbx_validate_rmsd_bond.auth_comp_id_2            GLU 
_pdbx_validate_rmsd_bond.auth_seq_id_2             62 
_pdbx_validate_rmsd_bond.PDB_ins_code_2            ? 
_pdbx_validate_rmsd_bond.label_alt_id_2            ? 
_pdbx_validate_rmsd_bond.bond_value                1.344 
_pdbx_validate_rmsd_bond.bond_target_value         1.252 
_pdbx_validate_rmsd_bond.bond_deviation            0.092 
_pdbx_validate_rmsd_bond.bond_standard_deviation   0.011 
_pdbx_validate_rmsd_bond.linker_flag               N 
# 
loop_
_pdbx_validate_rmsd_angle.id 
_pdbx_validate_rmsd_angle.PDB_model_num 
_pdbx_validate_rmsd_angle.auth_atom_id_1 
_pdbx_validate_rmsd_angle.auth_asym_id_1 
_pdbx_validate_rmsd_angle.auth_comp_id_1 
_pdbx_validate_rmsd_angle.auth_seq_id_1 
_pdbx_validate_rmsd_angle.PDB_ins_code_1 
_pdbx_validate_rmsd_angle.label_alt_id_1 
_pdbx_validate_rmsd_angle.auth_atom_id_2 
_pdbx_validate_rmsd_angle.auth_asym_id_2 
_pdbx_validate_rmsd_angle.auth_comp_id_2 
_pdbx_validate_rmsd_angle.auth_seq_id_2 
_pdbx_validate_rmsd_angle.PDB_ins_code_2 
_pdbx_validate_rmsd_angle.label_alt_id_2 
_pdbx_validate_rmsd_angle.auth_atom_id_3 
_pdbx_validate_rmsd_angle.auth_asym_id_3 
_pdbx_validate_rmsd_angle.auth_comp_id_3 
_pdbx_validate_rmsd_angle.auth_seq_id_3 
_pdbx_validate_rmsd_angle.PDB_ins_code_3 
_pdbx_validate_rmsd_angle.label_alt_id_3 
_pdbx_validate_rmsd_angle.angle_value 
_pdbx_validate_rmsd_angle.angle_target_value 
_pdbx_validate_rmsd_angle.angle_deviation 
_pdbx_validate_rmsd_angle.angle_standard_deviation 
_pdbx_validate_rmsd_angle.linker_flag 
1 1 NE A ARG 35 ? ? CZ A ARG 35 ? ? NH1 A ARG 35 ? ? 123.69 120.30 3.39  0.50 N 
2 1 NE A ARG 35 ? ? CZ A ARG 35 ? ? NH2 A ARG 35 ? ? 115.48 120.30 -4.82 0.50 N 
# 
_pdbx_validate_torsion.id              1 
_pdbx_validate_torsion.PDB_model_num   1 
_pdbx_validate_torsion.auth_comp_id    LEU 
_pdbx_validate_torsion.auth_asym_id    A 
_pdbx_validate_torsion.auth_seq_id     162 
_pdbx_validate_torsion.PDB_ins_code    ? 
_pdbx_validate_torsion.label_alt_id    ? 
_pdbx_validate_torsion.phi             78.89 
_pdbx_validate_torsion.psi             139.40 
# 
_pdbx_refine_tls.id               1 
_pdbx_refine_tls.details          ? 
_pdbx_refine_tls.method           refined 
_pdbx_refine_tls.origin_x         -0.1214 
_pdbx_refine_tls.origin_y         -0.2890 
_pdbx_refine_tls.origin_z         0.3111 
_pdbx_refine_tls.T[1][1]          0.1428 
_pdbx_refine_tls.T[2][2]          0.0145 
_pdbx_refine_tls.T[3][3]          0.0494 
_pdbx_refine_tls.T[1][2]          -0.0331 
_pdbx_refine_tls.T[1][3]          -0.0019 
_pdbx_refine_tls.T[2][3]          -0.0179 
_pdbx_refine_tls.L[1][1]          3.0660 
_pdbx_refine_tls.L[2][2]          2.3139 
_pdbx_refine_tls.L[3][3]          3.7880 
_pdbx_refine_tls.L[1][2]          -0.5637 
_pdbx_refine_tls.L[1][3]          0.8616 
_pdbx_refine_tls.L[2][3]          -0.3010 
_pdbx_refine_tls.S[1][1]          -0.0386 
_pdbx_refine_tls.S[1][2]          0.3478 
_pdbx_refine_tls.S[1][3]          -0.0101 
_pdbx_refine_tls.S[2][1]          -0.1339 
_pdbx_refine_tls.S[2][2]          -0.0901 
_pdbx_refine_tls.S[2][3]          -0.0153 
_pdbx_refine_tls.S[3][1]          -0.4130 
_pdbx_refine_tls.S[3][2]          0.1643 
_pdbx_refine_tls.S[3][3]          0.1286 
_pdbx_refine_tls.pdbx_refine_id   'X-RAY DIFFRACTION' 
# 
_pdbx_refine_tls_group.id                  1 
_pdbx_refine_tls_group.refine_tls_id       1 
_pdbx_refine_tls_group.beg_label_asym_id   . 
_pdbx_refine_tls_group.beg_label_seq_id    . 
_pdbx_refine_tls_group.beg_auth_seq_id     7 
_pdbx_refine_tls_group.end_label_asym_id   . 
_pdbx_refine_tls_group.end_label_seq_id    . 
_pdbx_refine_tls_group.end_auth_seq_id     537 
_pdbx_refine_tls_group.selection           ? 
_pdbx_refine_tls_group.beg_auth_asym_id    A 
_pdbx_refine_tls_group.end_auth_asym_id    A 
_pdbx_refine_tls_group.pdbx_refine_id      'X-RAY DIFFRACTION' 
_pdbx_refine_tls_group.selection_details   ? 
# 
loop_
_pdbx_unobs_or_zero_occ_residues.id 
_pdbx_unobs_or_zero_occ_residues.PDB_model_num 
_pdbx_unobs_or_zero_occ_residues.polymer_flag 
_pdbx_unobs_or_zero_occ_residues.occupancy_flag 
_pdbx_unobs_or_zero_occ_residues.auth_asym_id 
_pdbx_unobs_or_zero_occ_residues.auth_comp_id 
_pdbx_unobs_or_zero_occ_residues.auth_seq_id 
_pdbx_unobs_or_zero_occ_residues.PDB_ins_code 
_pdbx_unobs_or_zero_occ_residues.label_asym_id 
_pdbx_unobs_or_zero_occ_residues.label_comp_id 
_pdbx_unobs_or_zero_occ_residues.label_seq_id 
1  1 Y 1 A MET 0   ? A MET 1   
2  1 Y 1 A ASN 1   ? A ASN 2   
3  1 Y 1 A ALA 2   ? A ALA 3   
4  1 Y 1 A ASP 3   ? A ASP 4   
5  1 Y 1 A GLU 4   ? A GLU 5   
6  1 Y 1 A TRP 5   ? A TRP 6   
7  1 Y 1 A MET 6   ? A MET 7   
8  1 Y 1 A TYR 38  ? A TYR 39  
9  1 Y 1 A ASP 39  ? A ASP 40  
10 1 Y 1 A LYS 40  ? A LYS 41  
11 1 Y 1 A GLU 41  ? A GLU 42  
12 1 Y 1 A LYS 42  ? A LYS 43  
13 1 Y 1 A THR 43  ? A THR 44  
14 1 Y 1 A ASP 44  ? A ASP 45  
15 1 Y 1 A ARG 45  ? A ARG 46  
16 1 Y 1 A TYR 46  ? A TYR 47  
17 1 Y 1 A ASN 47  ? A ASN 48  
18 1 Y 1 A HIS 164 ? A HIS 165 
19 1 Y 1 A HIS 165 ? A HIS 166 
20 1 Y 1 A HIS 166 ? A HIS 167 
21 1 Y 1 A HIS 167 ? A HIS 168 
22 1 Y 1 A HIS 168 ? A HIS 169 
23 1 Y 1 A HIS 169 ? A HIS 170 
# 
loop_
_chem_comp_atom.comp_id 
_chem_comp_atom.atom_id 
_chem_comp_atom.type_symbol 
_chem_comp_atom.pdbx_aromatic_flag 
_chem_comp_atom.pdbx_stereo_config 
_chem_comp_atom.pdbx_ordinal 
ACT C    C N N 1   
ACT O    O N N 2   
ACT OXT  O N N 3   
ACT CH3  C N N 4   
ACT H1   H N N 5   
ACT H2   H N N 6   
ACT H3   H N N 7   
ALA N    N N N 8   
ALA CA   C N S 9   
ALA C    C N N 10  
ALA O    O N N 11  
ALA CB   C N N 12  
ALA OXT  O N N 13  
ALA H    H N N 14  
ALA H2   H N N 15  
ALA HA   H N N 16  
ALA HB1  H N N 17  
ALA HB2  H N N 18  
ALA HB3  H N N 19  
ALA HXT  H N N 20  
ARG N    N N N 21  
ARG CA   C N S 22  
ARG C    C N N 23  
ARG O    O N N 24  
ARG CB   C N N 25  
ARG CG   C N N 26  
ARG CD   C N N 27  
ARG NE   N N N 28  
ARG CZ   C N N 29  
ARG NH1  N N N 30  
ARG NH2  N N N 31  
ARG OXT  O N N 32  
ARG H    H N N 33  
ARG H2   H N N 34  
ARG HA   H N N 35  
ARG HB2  H N N 36  
ARG HB3  H N N 37  
ARG HG2  H N N 38  
ARG HG3  H N N 39  
ARG HD2  H N N 40  
ARG HD3  H N N 41  
ARG HE   H N N 42  
ARG HH11 H N N 43  
ARG HH12 H N N 44  
ARG HH21 H N N 45  
ARG HH22 H N N 46  
ARG HXT  H N N 47  
ASN N    N N N 48  
ASN CA   C N S 49  
ASN C    C N N 50  
ASN O    O N N 51  
ASN CB   C N N 52  
ASN CG   C N N 53  
ASN OD1  O N N 54  
ASN ND2  N N N 55  
ASN OXT  O N N 56  
ASN H    H N N 57  
ASN H2   H N N 58  
ASN HA   H N N 59  
ASN HB2  H N N 60  
ASN HB3  H N N 61  
ASN HD21 H N N 62  
ASN HD22 H N N 63  
ASN HXT  H N N 64  
ASP N    N N N 65  
ASP CA   C N S 66  
ASP C    C N N 67  
ASP O    O N N 68  
ASP CB   C N N 69  
ASP CG   C N N 70  
ASP OD1  O N N 71  
ASP OD2  O N N 72  
ASP OXT  O N N 73  
ASP H    H N N 74  
ASP H2   H N N 75  
ASP HA   H N N 76  
ASP HB2  H N N 77  
ASP HB3  H N N 78  
ASP HD2  H N N 79  
ASP HXT  H N N 80  
GLN N    N N N 81  
GLN CA   C N S 82  
GLN C    C N N 83  
GLN O    O N N 84  
GLN CB   C N N 85  
GLN CG   C N N 86  
GLN CD   C N N 87  
GLN OE1  O N N 88  
GLN NE2  N N N 89  
GLN OXT  O N N 90  
GLN H    H N N 91  
GLN H2   H N N 92  
GLN HA   H N N 93  
GLN HB2  H N N 94  
GLN HB3  H N N 95  
GLN HG2  H N N 96  
GLN HG3  H N N 97  
GLN HE21 H N N 98  
GLN HE22 H N N 99  
GLN HXT  H N N 100 
GLU N    N N N 101 
GLU CA   C N S 102 
GLU C    C N N 103 
GLU O    O N N 104 
GLU CB   C N N 105 
GLU CG   C N N 106 
GLU CD   C N N 107 
GLU OE1  O N N 108 
GLU OE2  O N N 109 
GLU OXT  O N N 110 
GLU H    H N N 111 
GLU H2   H N N 112 
GLU HA   H N N 113 
GLU HB2  H N N 114 
GLU HB3  H N N 115 
GLU HG2  H N N 116 
GLU HG3  H N N 117 
GLU HE2  H N N 118 
GLU HXT  H N N 119 
GLY N    N N N 120 
GLY CA   C N N 121 
GLY C    C N N 122 
GLY O    O N N 123 
GLY OXT  O N N 124 
GLY H    H N N 125 
GLY H2   H N N 126 
GLY HA2  H N N 127 
GLY HA3  H N N 128 
GLY HXT  H N N 129 
HIS N    N N N 130 
HIS CA   C N S 131 
HIS C    C N N 132 
HIS O    O N N 133 
HIS CB   C N N 134 
HIS CG   C Y N 135 
HIS ND1  N Y N 136 
HIS CD2  C Y N 137 
HIS CE1  C Y N 138 
HIS NE2  N Y N 139 
HIS OXT  O N N 140 
HIS H    H N N 141 
HIS H2   H N N 142 
HIS HA   H N N 143 
HIS HB2  H N N 144 
HIS HB3  H N N 145 
HIS HD1  H N N 146 
HIS HD2  H N N 147 
HIS HE1  H N N 148 
HIS HE2  H N N 149 
HIS HXT  H N N 150 
HOH O    O N N 151 
HOH H1   H N N 152 
HOH H2   H N N 153 
ILE N    N N N 154 
ILE CA   C N S 155 
ILE C    C N N 156 
ILE O    O N N 157 
ILE CB   C N S 158 
ILE CG1  C N N 159 
ILE CG2  C N N 160 
ILE CD1  C N N 161 
ILE OXT  O N N 162 
ILE H    H N N 163 
ILE H2   H N N 164 
ILE HA   H N N 165 
ILE HB   H N N 166 
ILE HG12 H N N 167 
ILE HG13 H N N 168 
ILE HG21 H N N 169 
ILE HG22 H N N 170 
ILE HG23 H N N 171 
ILE HD11 H N N 172 
ILE HD12 H N N 173 
ILE HD13 H N N 174 
ILE HXT  H N N 175 
LDA N1   N N N 176 
LDA O1   O N N 177 
LDA CM1  C N N 178 
LDA CM2  C N N 179 
LDA C1   C N N 180 
LDA C2   C N N 181 
LDA C3   C N N 182 
LDA C4   C N N 183 
LDA C5   C N N 184 
LDA C6   C N N 185 
LDA C7   C N N 186 
LDA C8   C N N 187 
LDA C9   C N N 188 
LDA C10  C N N 189 
LDA C11  C N N 190 
LDA C12  C N N 191 
LDA HM11 H N N 192 
LDA HM12 H N N 193 
LDA HM13 H N N 194 
LDA HM21 H N N 195 
LDA HM22 H N N 196 
LDA HM23 H N N 197 
LDA H11  H N N 198 
LDA H12  H N N 199 
LDA H21  H N N 200 
LDA H22  H N N 201 
LDA H31  H N N 202 
LDA H32  H N N 203 
LDA H41  H N N 204 
LDA H42  H N N 205 
LDA H51  H N N 206 
LDA H52  H N N 207 
LDA H61  H N N 208 
LDA H62  H N N 209 
LDA H71  H N N 210 
LDA H72  H N N 211 
LDA H81  H N N 212 
LDA H82  H N N 213 
LDA H91  H N N 214 
LDA H92  H N N 215 
LDA H101 H N N 216 
LDA H102 H N N 217 
LDA H111 H N N 218 
LDA H112 H N N 219 
LDA H121 H N N 220 
LDA H122 H N N 221 
LDA H123 H N N 222 
LEU N    N N N 223 
LEU CA   C N S 224 
LEU C    C N N 225 
LEU O    O N N 226 
LEU CB   C N N 227 
LEU CG   C N N 228 
LEU CD1  C N N 229 
LEU CD2  C N N 230 
LEU OXT  O N N 231 
LEU H    H N N 232 
LEU H2   H N N 233 
LEU HA   H N N 234 
LEU HB2  H N N 235 
LEU HB3  H N N 236 
LEU HG   H N N 237 
LEU HD11 H N N 238 
LEU HD12 H N N 239 
LEU HD13 H N N 240 
LEU HD21 H N N 241 
LEU HD22 H N N 242 
LEU HD23 H N N 243 
LEU HXT  H N N 244 
LYS N    N N N 245 
LYS CA   C N S 246 
LYS C    C N N 247 
LYS O    O N N 248 
LYS CB   C N N 249 
LYS CG   C N N 250 
LYS CD   C N N 251 
LYS CE   C N N 252 
LYS NZ   N N N 253 
LYS OXT  O N N 254 
LYS H    H N N 255 
LYS H2   H N N 256 
LYS HA   H N N 257 
LYS HB2  H N N 258 
LYS HB3  H N N 259 
LYS HG2  H N N 260 
LYS HG3  H N N 261 
LYS HD2  H N N 262 
LYS HD3  H N N 263 
LYS HE2  H N N 264 
LYS HE3  H N N 265 
LYS HZ1  H N N 266 
LYS HZ2  H N N 267 
LYS HZ3  H N N 268 
LYS HXT  H N N 269 
MET N    N N N 270 
MET CA   C N S 271 
MET C    C N N 272 
MET O    O N N 273 
MET CB   C N N 274 
MET CG   C N N 275 
MET SD   S N N 276 
MET CE   C N N 277 
MET OXT  O N N 278 
MET H    H N N 279 
MET H2   H N N 280 
MET HA   H N N 281 
MET HB2  H N N 282 
MET HB3  H N N 283 
MET HG2  H N N 284 
MET HG3  H N N 285 
MET HE1  H N N 286 
MET HE2  H N N 287 
MET HE3  H N N 288 
MET HXT  H N N 289 
MPD C1   C N N 290 
MPD C2   C N N 291 
MPD O2   O N N 292 
MPD CM   C N N 293 
MPD C3   C N N 294 
MPD C4   C N S 295 
MPD O4   O N N 296 
MPD C5   C N N 297 
MPD H11  H N N 298 
MPD H12  H N N 299 
MPD H13  H N N 300 
MPD HO2  H N N 301 
MPD HM1  H N N 302 
MPD HM2  H N N 303 
MPD HM3  H N N 304 
MPD H31  H N N 305 
MPD H32  H N N 306 
MPD H4   H N N 307 
MPD HO4  H N N 308 
MPD H51  H N N 309 
MPD H52  H N N 310 
MPD H53  H N N 311 
PHE N    N N N 312 
PHE CA   C N S 313 
PHE C    C N N 314 
PHE O    O N N 315 
PHE CB   C N N 316 
PHE CG   C Y N 317 
PHE CD1  C Y N 318 
PHE CD2  C Y N 319 
PHE CE1  C Y N 320 
PHE CE2  C Y N 321 
PHE CZ   C Y N 322 
PHE OXT  O N N 323 
PHE H    H N N 324 
PHE H2   H N N 325 
PHE HA   H N N 326 
PHE HB2  H N N 327 
PHE HB3  H N N 328 
PHE HD1  H N N 329 
PHE HD2  H N N 330 
PHE HE1  H N N 331 
PHE HE2  H N N 332 
PHE HZ   H N N 333 
PHE HXT  H N N 334 
PRO N    N N N 335 
PRO CA   C N S 336 
PRO C    C N N 337 
PRO O    O N N 338 
PRO CB   C N N 339 
PRO CG   C N N 340 
PRO CD   C N N 341 
PRO OXT  O N N 342 
PRO H    H N N 343 
PRO HA   H N N 344 
PRO HB2  H N N 345 
PRO HB3  H N N 346 
PRO HG2  H N N 347 
PRO HG3  H N N 348 
PRO HD2  H N N 349 
PRO HD3  H N N 350 
PRO HXT  H N N 351 
SER N    N N N 352 
SER CA   C N S 353 
SER C    C N N 354 
SER O    O N N 355 
SER CB   C N N 356 
SER OG   O N N 357 
SER OXT  O N N 358 
SER H    H N N 359 
SER H2   H N N 360 
SER HA   H N N 361 
SER HB2  H N N 362 
SER HB3  H N N 363 
SER HG   H N N 364 
SER HXT  H N N 365 
THR N    N N N 366 
THR CA   C N S 367 
THR C    C N N 368 
THR O    O N N 369 
THR CB   C N R 370 
THR OG1  O N N 371 
THR CG2  C N N 372 
THR OXT  O N N 373 
THR H    H N N 374 
THR H2   H N N 375 
THR HA   H N N 376 
THR HB   H N N 377 
THR HG1  H N N 378 
THR HG21 H N N 379 
THR HG22 H N N 380 
THR HG23 H N N 381 
THR HXT  H N N 382 
TRP N    N N N 383 
TRP CA   C N S 384 
TRP C    C N N 385 
TRP O    O N N 386 
TRP CB   C N N 387 
TRP CG   C Y N 388 
TRP CD1  C Y N 389 
TRP CD2  C Y N 390 
TRP NE1  N Y N 391 
TRP CE2  C Y N 392 
TRP CE3  C Y N 393 
TRP CZ2  C Y N 394 
TRP CZ3  C Y N 395 
TRP CH2  C Y N 396 
TRP OXT  O N N 397 
TRP H    H N N 398 
TRP H2   H N N 399 
TRP HA   H N N 400 
TRP HB2  H N N 401 
TRP HB3  H N N 402 
TRP HD1  H N N 403 
TRP HE1  H N N 404 
TRP HE3  H N N 405 
TRP HZ2  H N N 406 
TRP HZ3  H N N 407 
TRP HH2  H N N 408 
TRP HXT  H N N 409 
TYR N    N N N 410 
TYR CA   C N S 411 
TYR C    C N N 412 
TYR O    O N N 413 
TYR CB   C N N 414 
TYR CG   C Y N 415 
TYR CD1  C Y N 416 
TYR CD2  C Y N 417 
TYR CE1  C Y N 418 
TYR CE2  C Y N 419 
TYR CZ   C Y N 420 
TYR OH   O N N 421 
TYR OXT  O N N 422 
TYR H    H N N 423 
TYR H2   H N N 424 
TYR HA   H N N 425 
TYR HB2  H N N 426 
TYR HB3  H N N 427 
TYR HD1  H N N 428 
TYR HD2  H N N 429 
TYR HE1  H N N 430 
TYR HE2  H N N 431 
TYR HH   H N N 432 
TYR HXT  H N N 433 
VAL N    N N N 434 
VAL CA   C N S 435 
VAL C    C N N 436 
VAL O    O N N 437 
VAL CB   C N N 438 
VAL CG1  C N N 439 
VAL CG2  C N N 440 
VAL OXT  O N N 441 
VAL H    H N N 442 
VAL H2   H N N 443 
VAL HA   H N N 444 
VAL HB   H N N 445 
VAL HG11 H N N 446 
VAL HG12 H N N 447 
VAL HG13 H N N 448 
VAL HG21 H N N 449 
VAL HG22 H N N 450 
VAL HG23 H N N 451 
VAL HXT  H N N 452 
# 
loop_
_chem_comp_bond.comp_id 
_chem_comp_bond.atom_id_1 
_chem_comp_bond.atom_id_2 
_chem_comp_bond.value_order 
_chem_comp_bond.pdbx_aromatic_flag 
_chem_comp_bond.pdbx_stereo_config 
_chem_comp_bond.pdbx_ordinal 
ACT C   O    doub N N 1   
ACT C   OXT  sing N N 2   
ACT C   CH3  sing N N 3   
ACT CH3 H1   sing N N 4   
ACT CH3 H2   sing N N 5   
ACT CH3 H3   sing N N 6   
ALA N   CA   sing N N 7   
ALA N   H    sing N N 8   
ALA N   H2   sing N N 9   
ALA CA  C    sing N N 10  
ALA CA  CB   sing N N 11  
ALA CA  HA   sing N N 12  
ALA C   O    doub N N 13  
ALA C   OXT  sing N N 14  
ALA CB  HB1  sing N N 15  
ALA CB  HB2  sing N N 16  
ALA CB  HB3  sing N N 17  
ALA OXT HXT  sing N N 18  
ARG N   CA   sing N N 19  
ARG N   H    sing N N 20  
ARG N   H2   sing N N 21  
ARG CA  C    sing N N 22  
ARG CA  CB   sing N N 23  
ARG CA  HA   sing N N 24  
ARG C   O    doub N N 25  
ARG C   OXT  sing N N 26  
ARG CB  CG   sing N N 27  
ARG CB  HB2  sing N N 28  
ARG CB  HB3  sing N N 29  
ARG CG  CD   sing N N 30  
ARG CG  HG2  sing N N 31  
ARG CG  HG3  sing N N 32  
ARG CD  NE   sing N N 33  
ARG CD  HD2  sing N N 34  
ARG CD  HD3  sing N N 35  
ARG NE  CZ   sing N N 36  
ARG NE  HE   sing N N 37  
ARG CZ  NH1  sing N N 38  
ARG CZ  NH2  doub N N 39  
ARG NH1 HH11 sing N N 40  
ARG NH1 HH12 sing N N 41  
ARG NH2 HH21 sing N N 42  
ARG NH2 HH22 sing N N 43  
ARG OXT HXT  sing N N 44  
ASN N   CA   sing N N 45  
ASN N   H    sing N N 46  
ASN N   H2   sing N N 47  
ASN CA  C    sing N N 48  
ASN CA  CB   sing N N 49  
ASN CA  HA   sing N N 50  
ASN C   O    doub N N 51  
ASN C   OXT  sing N N 52  
ASN CB  CG   sing N N 53  
ASN CB  HB2  sing N N 54  
ASN CB  HB3  sing N N 55  
ASN CG  OD1  doub N N 56  
ASN CG  ND2  sing N N 57  
ASN ND2 HD21 sing N N 58  
ASN ND2 HD22 sing N N 59  
ASN OXT HXT  sing N N 60  
ASP N   CA   sing N N 61  
ASP N   H    sing N N 62  
ASP N   H2   sing N N 63  
ASP CA  C    sing N N 64  
ASP CA  CB   sing N N 65  
ASP CA  HA   sing N N 66  
ASP C   O    doub N N 67  
ASP C   OXT  sing N N 68  
ASP CB  CG   sing N N 69  
ASP CB  HB2  sing N N 70  
ASP CB  HB3  sing N N 71  
ASP CG  OD1  doub N N 72  
ASP CG  OD2  sing N N 73  
ASP OD2 HD2  sing N N 74  
ASP OXT HXT  sing N N 75  
GLN N   CA   sing N N 76  
GLN N   H    sing N N 77  
GLN N   H2   sing N N 78  
GLN CA  C    sing N N 79  
GLN CA  CB   sing N N 80  
GLN CA  HA   sing N N 81  
GLN C   O    doub N N 82  
GLN C   OXT  sing N N 83  
GLN CB  CG   sing N N 84  
GLN CB  HB2  sing N N 85  
GLN CB  HB3  sing N N 86  
GLN CG  CD   sing N N 87  
GLN CG  HG2  sing N N 88  
GLN CG  HG3  sing N N 89  
GLN CD  OE1  doub N N 90  
GLN CD  NE2  sing N N 91  
GLN NE2 HE21 sing N N 92  
GLN NE2 HE22 sing N N 93  
GLN OXT HXT  sing N N 94  
GLU N   CA   sing N N 95  
GLU N   H    sing N N 96  
GLU N   H2   sing N N 97  
GLU CA  C    sing N N 98  
GLU CA  CB   sing N N 99  
GLU CA  HA   sing N N 100 
GLU C   O    doub N N 101 
GLU C   OXT  sing N N 102 
GLU CB  CG   sing N N 103 
GLU CB  HB2  sing N N 104 
GLU CB  HB3  sing N N 105 
GLU CG  CD   sing N N 106 
GLU CG  HG2  sing N N 107 
GLU CG  HG3  sing N N 108 
GLU CD  OE1  doub N N 109 
GLU CD  OE2  sing N N 110 
GLU OE2 HE2  sing N N 111 
GLU OXT HXT  sing N N 112 
GLY N   CA   sing N N 113 
GLY N   H    sing N N 114 
GLY N   H2   sing N N 115 
GLY CA  C    sing N N 116 
GLY CA  HA2  sing N N 117 
GLY CA  HA3  sing N N 118 
GLY C   O    doub N N 119 
GLY C   OXT  sing N N 120 
GLY OXT HXT  sing N N 121 
HIS N   CA   sing N N 122 
HIS N   H    sing N N 123 
HIS N   H2   sing N N 124 
HIS CA  C    sing N N 125 
HIS CA  CB   sing N N 126 
HIS CA  HA   sing N N 127 
HIS C   O    doub N N 128 
HIS C   OXT  sing N N 129 
HIS CB  CG   sing N N 130 
HIS CB  HB2  sing N N 131 
HIS CB  HB3  sing N N 132 
HIS CG  ND1  sing Y N 133 
HIS CG  CD2  doub Y N 134 
HIS ND1 CE1  doub Y N 135 
HIS ND1 HD1  sing N N 136 
HIS CD2 NE2  sing Y N 137 
HIS CD2 HD2  sing N N 138 
HIS CE1 NE2  sing Y N 139 
HIS CE1 HE1  sing N N 140 
HIS NE2 HE2  sing N N 141 
HIS OXT HXT  sing N N 142 
HOH O   H1   sing N N 143 
HOH O   H2   sing N N 144 
ILE N   CA   sing N N 145 
ILE N   H    sing N N 146 
ILE N   H2   sing N N 147 
ILE CA  C    sing N N 148 
ILE CA  CB   sing N N 149 
ILE CA  HA   sing N N 150 
ILE C   O    doub N N 151 
ILE C   OXT  sing N N 152 
ILE CB  CG1  sing N N 153 
ILE CB  CG2  sing N N 154 
ILE CB  HB   sing N N 155 
ILE CG1 CD1  sing N N 156 
ILE CG1 HG12 sing N N 157 
ILE CG1 HG13 sing N N 158 
ILE CG2 HG21 sing N N 159 
ILE CG2 HG22 sing N N 160 
ILE CG2 HG23 sing N N 161 
ILE CD1 HD11 sing N N 162 
ILE CD1 HD12 sing N N 163 
ILE CD1 HD13 sing N N 164 
ILE OXT HXT  sing N N 165 
LDA N1  O1   sing N N 166 
LDA N1  CM1  sing N N 167 
LDA N1  CM2  sing N N 168 
LDA N1  C1   sing N N 169 
LDA CM1 HM11 sing N N 170 
LDA CM1 HM12 sing N N 171 
LDA CM1 HM13 sing N N 172 
LDA CM2 HM21 sing N N 173 
LDA CM2 HM22 sing N N 174 
LDA CM2 HM23 sing N N 175 
LDA C1  C2   sing N N 176 
LDA C1  H11  sing N N 177 
LDA C1  H12  sing N N 178 
LDA C2  C3   sing N N 179 
LDA C2  H21  sing N N 180 
LDA C2  H22  sing N N 181 
LDA C3  C4   sing N N 182 
LDA C3  H31  sing N N 183 
LDA C3  H32  sing N N 184 
LDA C4  C5   sing N N 185 
LDA C4  H41  sing N N 186 
LDA C4  H42  sing N N 187 
LDA C5  C6   sing N N 188 
LDA C5  H51  sing N N 189 
LDA C5  H52  sing N N 190 
LDA C6  C7   sing N N 191 
LDA C6  H61  sing N N 192 
LDA C6  H62  sing N N 193 
LDA C7  C8   sing N N 194 
LDA C7  H71  sing N N 195 
LDA C7  H72  sing N N 196 
LDA C8  C9   sing N N 197 
LDA C8  H81  sing N N 198 
LDA C8  H82  sing N N 199 
LDA C9  C10  sing N N 200 
LDA C9  H91  sing N N 201 
LDA C9  H92  sing N N 202 
LDA C10 C11  sing N N 203 
LDA C10 H101 sing N N 204 
LDA C10 H102 sing N N 205 
LDA C11 C12  sing N N 206 
LDA C11 H111 sing N N 207 
LDA C11 H112 sing N N 208 
LDA C12 H121 sing N N 209 
LDA C12 H122 sing N N 210 
LDA C12 H123 sing N N 211 
LEU N   CA   sing N N 212 
LEU N   H    sing N N 213 
LEU N   H2   sing N N 214 
LEU CA  C    sing N N 215 
LEU CA  CB   sing N N 216 
LEU CA  HA   sing N N 217 
LEU C   O    doub N N 218 
LEU C   OXT  sing N N 219 
LEU CB  CG   sing N N 220 
LEU CB  HB2  sing N N 221 
LEU CB  HB3  sing N N 222 
LEU CG  CD1  sing N N 223 
LEU CG  CD2  sing N N 224 
LEU CG  HG   sing N N 225 
LEU CD1 HD11 sing N N 226 
LEU CD1 HD12 sing N N 227 
LEU CD1 HD13 sing N N 228 
LEU CD2 HD21 sing N N 229 
LEU CD2 HD22 sing N N 230 
LEU CD2 HD23 sing N N 231 
LEU OXT HXT  sing N N 232 
LYS N   CA   sing N N 233 
LYS N   H    sing N N 234 
LYS N   H2   sing N N 235 
LYS CA  C    sing N N 236 
LYS CA  CB   sing N N 237 
LYS CA  HA   sing N N 238 
LYS C   O    doub N N 239 
LYS C   OXT  sing N N 240 
LYS CB  CG   sing N N 241 
LYS CB  HB2  sing N N 242 
LYS CB  HB3  sing N N 243 
LYS CG  CD   sing N N 244 
LYS CG  HG2  sing N N 245 
LYS CG  HG3  sing N N 246 
LYS CD  CE   sing N N 247 
LYS CD  HD2  sing N N 248 
LYS CD  HD3  sing N N 249 
LYS CE  NZ   sing N N 250 
LYS CE  HE2  sing N N 251 
LYS CE  HE3  sing N N 252 
LYS NZ  HZ1  sing N N 253 
LYS NZ  HZ2  sing N N 254 
LYS NZ  HZ3  sing N N 255 
LYS OXT HXT  sing N N 256 
MET N   CA   sing N N 257 
MET N   H    sing N N 258 
MET N   H2   sing N N 259 
MET CA  C    sing N N 260 
MET CA  CB   sing N N 261 
MET CA  HA   sing N N 262 
MET C   O    doub N N 263 
MET C   OXT  sing N N 264 
MET CB  CG   sing N N 265 
MET CB  HB2  sing N N 266 
MET CB  HB3  sing N N 267 
MET CG  SD   sing N N 268 
MET CG  HG2  sing N N 269 
MET CG  HG3  sing N N 270 
MET SD  CE   sing N N 271 
MET CE  HE1  sing N N 272 
MET CE  HE2  sing N N 273 
MET CE  HE3  sing N N 274 
MET OXT HXT  sing N N 275 
MPD C1  C2   sing N N 276 
MPD C1  H11  sing N N 277 
MPD C1  H12  sing N N 278 
MPD C1  H13  sing N N 279 
MPD C2  O2   sing N N 280 
MPD C2  CM   sing N N 281 
MPD C2  C3   sing N N 282 
MPD O2  HO2  sing N N 283 
MPD CM  HM1  sing N N 284 
MPD CM  HM2  sing N N 285 
MPD CM  HM3  sing N N 286 
MPD C3  C4   sing N N 287 
MPD C3  H31  sing N N 288 
MPD C3  H32  sing N N 289 
MPD C4  O4   sing N N 290 
MPD C4  C5   sing N N 291 
MPD C4  H4   sing N N 292 
MPD O4  HO4  sing N N 293 
MPD C5  H51  sing N N 294 
MPD C5  H52  sing N N 295 
MPD C5  H53  sing N N 296 
PHE N   CA   sing N N 297 
PHE N   H    sing N N 298 
PHE N   H2   sing N N 299 
PHE CA  C    sing N N 300 
PHE CA  CB   sing N N 301 
PHE CA  HA   sing N N 302 
PHE C   O    doub N N 303 
PHE C   OXT  sing N N 304 
PHE CB  CG   sing N N 305 
PHE CB  HB2  sing N N 306 
PHE CB  HB3  sing N N 307 
PHE CG  CD1  doub Y N 308 
PHE CG  CD2  sing Y N 309 
PHE CD1 CE1  sing Y N 310 
PHE CD1 HD1  sing N N 311 
PHE CD2 CE2  doub Y N 312 
PHE CD2 HD2  sing N N 313 
PHE CE1 CZ   doub Y N 314 
PHE CE1 HE1  sing N N 315 
PHE CE2 CZ   sing Y N 316 
PHE CE2 HE2  sing N N 317 
PHE CZ  HZ   sing N N 318 
PHE OXT HXT  sing N N 319 
PRO N   CA   sing N N 320 
PRO N   CD   sing N N 321 
PRO N   H    sing N N 322 
PRO CA  C    sing N N 323 
PRO CA  CB   sing N N 324 
PRO CA  HA   sing N N 325 
PRO C   O    doub N N 326 
PRO C   OXT  sing N N 327 
PRO CB  CG   sing N N 328 
PRO CB  HB2  sing N N 329 
PRO CB  HB3  sing N N 330 
PRO CG  CD   sing N N 331 
PRO CG  HG2  sing N N 332 
PRO CG  HG3  sing N N 333 
PRO CD  HD2  sing N N 334 
PRO CD  HD3  sing N N 335 
PRO OXT HXT  sing N N 336 
SER N   CA   sing N N 337 
SER N   H    sing N N 338 
SER N   H2   sing N N 339 
SER CA  C    sing N N 340 
SER CA  CB   sing N N 341 
SER CA  HA   sing N N 342 
SER C   O    doub N N 343 
SER C   OXT  sing N N 344 
SER CB  OG   sing N N 345 
SER CB  HB2  sing N N 346 
SER CB  HB3  sing N N 347 
SER OG  HG   sing N N 348 
SER OXT HXT  sing N N 349 
THR N   CA   sing N N 350 
THR N   H    sing N N 351 
THR N   H2   sing N N 352 
THR CA  C    sing N N 353 
THR CA  CB   sing N N 354 
THR CA  HA   sing N N 355 
THR C   O    doub N N 356 
THR C   OXT  sing N N 357 
THR CB  OG1  sing N N 358 
THR CB  CG2  sing N N 359 
THR CB  HB   sing N N 360 
THR OG1 HG1  sing N N 361 
THR CG2 HG21 sing N N 362 
THR CG2 HG22 sing N N 363 
THR CG2 HG23 sing N N 364 
THR OXT HXT  sing N N 365 
TRP N   CA   sing N N 366 
TRP N   H    sing N N 367 
TRP N   H2   sing N N 368 
TRP CA  C    sing N N 369 
TRP CA  CB   sing N N 370 
TRP CA  HA   sing N N 371 
TRP C   O    doub N N 372 
TRP C   OXT  sing N N 373 
TRP CB  CG   sing N N 374 
TRP CB  HB2  sing N N 375 
TRP CB  HB3  sing N N 376 
TRP CG  CD1  doub Y N 377 
TRP CG  CD2  sing Y N 378 
TRP CD1 NE1  sing Y N 379 
TRP CD1 HD1  sing N N 380 
TRP CD2 CE2  doub Y N 381 
TRP CD2 CE3  sing Y N 382 
TRP NE1 CE2  sing Y N 383 
TRP NE1 HE1  sing N N 384 
TRP CE2 CZ2  sing Y N 385 
TRP CE3 CZ3  doub Y N 386 
TRP CE3 HE3  sing N N 387 
TRP CZ2 CH2  doub Y N 388 
TRP CZ2 HZ2  sing N N 389 
TRP CZ3 CH2  sing Y N 390 
TRP CZ3 HZ3  sing N N 391 
TRP CH2 HH2  sing N N 392 
TRP OXT HXT  sing N N 393 
TYR N   CA   sing N N 394 
TYR N   H    sing N N 395 
TYR N   H2   sing N N 396 
TYR CA  C    sing N N 397 
TYR CA  CB   sing N N 398 
TYR CA  HA   sing N N 399 
TYR C   O    doub N N 400 
TYR C   OXT  sing N N 401 
TYR CB  CG   sing N N 402 
TYR CB  HB2  sing N N 403 
TYR CB  HB3  sing N N 404 
TYR CG  CD1  doub Y N 405 
TYR CG  CD2  sing Y N 406 
TYR CD1 CE1  sing Y N 407 
TYR CD1 HD1  sing N N 408 
TYR CD2 CE2  doub Y N 409 
TYR CD2 HD2  sing N N 410 
TYR CE1 CZ   doub Y N 411 
TYR CE1 HE1  sing N N 412 
TYR CE2 CZ   sing Y N 413 
TYR CE2 HE2  sing N N 414 
TYR CZ  OH   sing N N 415 
TYR OH  HH   sing N N 416 
TYR OXT HXT  sing N N 417 
VAL N   CA   sing N N 418 
VAL N   H    sing N N 419 
VAL N   H2   sing N N 420 
VAL CA  C    sing N N 421 
VAL CA  CB   sing N N 422 
VAL CA  HA   sing N N 423 
VAL C   O    doub N N 424 
VAL C   OXT  sing N N 425 
VAL CB  CG1  sing N N 426 
VAL CB  CG2  sing N N 427 
VAL CB  HB   sing N N 428 
VAL CG1 HG11 sing N N 429 
VAL CG1 HG12 sing N N 430 
VAL CG1 HG13 sing N N 431 
VAL CG2 HG21 sing N N 432 
VAL CG2 HG22 sing N N 433 
VAL CG2 HG23 sing N N 434 
VAL OXT HXT  sing N N 435 
# 
_atom_sites.entry_id                    1THQ 
_atom_sites.fract_transf_matrix[1][1]   0.00499708 
_atom_sites.fract_transf_matrix[1][2]   -0.01466404 
_atom_sites.fract_transf_matrix[1][3]   -0.01222722 
_atom_sites.fract_transf_matrix[2][1]   0.01762438 
_atom_sites.fract_transf_matrix[2][2]   0.00840366 
_atom_sites.fract_transf_matrix[2][3]   -0.00287564 
_atom_sites.fract_transf_matrix[3][1]   0.00234772 
_atom_sites.fract_transf_matrix[3][2]   -0.00325823 
_atom_sites.fract_transf_matrix[3][3]   0.00486706 
_atom_sites.fract_transf_vector[1]      0.279131 
_atom_sites.fract_transf_vector[2]      0.925648 
_atom_sites.fract_transf_vector[3]      0.040520 
# 
loop_
_atom_type.symbol 
C 
N 
O 
S 
# 
loop_
_atom_site.group_PDB 
_atom_site.id 
_atom_site.type_symbol 
_atom_site.label_atom_id 
_atom_site.label_alt_id 
_atom_site.label_comp_id 
_atom_site.label_asym_id 
_atom_site.label_entity_id 
_atom_site.label_seq_id 
_atom_site.pdbx_PDB_ins_code 
_atom_site.Cartn_x 
_atom_site.Cartn_y 
_atom_site.Cartn_z 
_atom_site.occupancy 
_atom_site.B_iso_or_equiv 
_atom_site.pdbx_formal_charge 
_atom_site.auth_seq_id 
_atom_site.auth_comp_id 
_atom_site.auth_asym_id 
_atom_site.auth_atom_id 
_atom_site.pdbx_PDB_model_num 
ATOM   1    N N   . THR A 1 8   ? 10.819  17.065  -6.139  1.00 49.20 ? 7   THR A N   1 
ATOM   2    C CA  . THR A 1 8   ? 12.243  16.916  -6.583  1.00 49.02 ? 7   THR A CA  1 
ATOM   3    C C   . THR A 1 8   ? 12.899  15.718  -5.892  1.00 48.84 ? 7   THR A C   1 
ATOM   4    O O   . THR A 1 8   ? 13.399  14.786  -6.586  1.00 49.09 ? 7   THR A O   1 
ATOM   5    C CB  . THR A 1 8   ? 13.064  18.220  -6.356  1.00 49.23 ? 7   THR A CB  1 
ATOM   6    O OG1 . THR A 1 8   ? 12.729  19.191  -7.370  1.00 48.82 ? 7   THR A OG1 1 
ATOM   7    C CG2 . THR A 1 8   ? 14.562  17.979  -6.599  1.00 49.19 ? 7   THR A CG2 1 
ATOM   8    N N   . THR A 1 9   ? 12.893  15.756  -4.541  1.00 48.55 ? 8   THR A N   1 
ATOM   9    C CA  . THR A 1 9   ? 13.327  14.635  -3.702  1.00 48.55 ? 8   THR A CA  1 
ATOM   10   C C   . THR A 1 9   ? 12.321  13.480  -3.809  1.00 48.22 ? 8   THR A C   1 
ATOM   11   O O   . THR A 1 9   ? 12.696  12.310  -3.697  1.00 48.50 ? 8   THR A O   1 
ATOM   12   C CB  . THR A 1 9   ? 13.515  15.084  -2.221  1.00 48.52 ? 8   THR A CB  1 
ATOM   13   O OG1 . THR A 1 9   ? 14.527  16.099  -2.144  1.00 49.11 ? 8   THR A OG1 1 
ATOM   14   C CG2 . THR A 1 9   ? 14.100  13.965  -1.353  1.00 48.83 ? 8   THR A CG2 1 
ATOM   15   N N   . PHE A 1 10  ? 11.051  13.835  -4.034  1.00 47.91 ? 9   PHE A N   1 
ATOM   16   C CA  . PHE A 1 10  ? 9.959   12.881  -4.291  1.00 47.38 ? 9   PHE A CA  1 
ATOM   17   C C   . PHE A 1 10  ? 10.176  12.181  -5.647  1.00 47.08 ? 9   PHE A C   1 
ATOM   18   O O   . PHE A 1 10  ? 9.927   10.976  -5.783  1.00 47.54 ? 9   PHE A O   1 
ATOM   19   C CB  . PHE A 1 10  ? 8.615   13.647  -4.252  1.00 47.20 ? 9   PHE A CB  1 
ATOM   20   C CG  . PHE A 1 10  ? 7.385   12.800  -4.518  1.00 46.66 ? 9   PHE A CG  1 
ATOM   21   C CD1 . PHE A 1 10  ? 7.006   11.776  -3.648  1.00 44.83 ? 9   PHE A CD1 1 
ATOM   22   C CD2 . PHE A 1 10  ? 6.579   13.065  -5.626  1.00 45.80 ? 9   PHE A CD2 1 
ATOM   23   C CE1 . PHE A 1 10  ? 5.862   11.017  -3.893  1.00 44.98 ? 9   PHE A CE1 1 
ATOM   24   C CE2 . PHE A 1 10  ? 5.433   12.306  -5.878  1.00 45.85 ? 9   PHE A CE2 1 
ATOM   25   C CZ  . PHE A 1 10  ? 5.073   11.276  -5.003  1.00 45.01 ? 9   PHE A CZ  1 
ATOM   26   N N   . ARG A 1 11  ? 10.663  12.946  -6.643  1.00 47.03 ? 10  ARG A N   1 
ATOM   27   C CA  . ARG A 1 11  ? 10.957  12.403  -7.986  1.00 46.53 ? 10  ARG A CA  1 
ATOM   28   C C   . ARG A 1 11  ? 12.174  11.469  -7.985  1.00 46.33 ? 10  ARG A C   1 
ATOM   29   O O   . ARG A 1 11  ? 12.103  10.331  -8.492  1.00 47.03 ? 10  ARG A O   1 
ATOM   30   C CB  . ARG A 1 11  ? 11.147  13.533  -9.001  1.00 47.30 ? 10  ARG A CB  1 
ATOM   31   C CG  . ARG A 1 11  ? 9.875   14.313  -9.267  1.00 47.40 ? 10  ARG A CG  1 
ATOM   32   C CD  . ARG A 1 11  ? 9.911   15.155  -10.577 1.00 50.13 ? 10  ARG A CD  1 
ATOM   33   N NE  . ARG A 1 11  ? 8.596   15.774  -10.783 1.00 50.74 ? 10  ARG A NE  1 
ATOM   34   C CZ  . ARG A 1 11  ? 8.387   17.067  -11.037 1.00 51.48 ? 10  ARG A CZ  1 
ATOM   35   N NH1 . ARG A 1 11  ? 9.408   17.912  -11.140 1.00 51.53 ? 10  ARG A NH1 1 
ATOM   36   N NH2 . ARG A 1 11  ? 7.145   17.517  -11.202 1.00 52.11 ? 10  ARG A NH2 1 
ATOM   37   N N   . GLU A 1 12  ? 13.257  11.950  -7.367  1.00 45.32 ? 11  GLU A N   1 
ATOM   38   C CA  . GLU A 1 12  ? 14.447  11.140  -7.044  1.00 44.69 ? 11  GLU A CA  1 
ATOM   39   C C   . GLU A 1 12  ? 14.138  9.825   -6.302  1.00 43.50 ? 11  GLU A C   1 
ATOM   40   O O   . GLU A 1 12  ? 14.630  8.762   -6.711  1.00 43.55 ? 11  GLU A O   1 
ATOM   41   C CB  . GLU A 1 12  ? 15.451  11.947  -6.202  1.00 44.24 ? 11  GLU A CB  1 
ATOM   42   C CG  . GLU A 1 12  ? 16.147  13.098  -6.918  1.00 45.72 ? 11  GLU A CG  1 
ATOM   43   C CD  . GLU A 1 12  ? 17.175  13.804  -6.035  1.00 46.41 ? 11  GLU A CD  1 
ATOM   44   O OE1 . GLU A 1 12  ? 17.210  13.555  -4.798  1.00 46.63 ? 11  GLU A OE1 1 
ATOM   45   O OE2 . GLU A 1 12  ? 17.958  14.618  -6.584  1.00 47.23 ? 11  GLU A OE2 1 
ATOM   46   N N   . ASN A 1 13  ? 13.356  9.911   -5.213  1.00 43.26 ? 12  ASN A N   1 
ATOM   47   C CA  . ASN A 1 13  ? 12.987  8.742   -4.377  1.00 42.05 ? 12  ASN A CA  1 
ATOM   48   C C   . ASN A 1 13  ? 12.216  7.630   -5.136  1.00 40.94 ? 12  ASN A C   1 
ATOM   49   O O   . ASN A 1 13  ? 12.532  6.432   -5.027  1.00 41.09 ? 12  ASN A O   1 
ATOM   50   C CB  . ASN A 1 13  ? 12.178  9.207   -3.143  1.00 42.78 ? 12  ASN A CB  1 
ATOM   51   C CG  . ASN A 1 13  ? 13.059  9.814   -2.044  1.00 43.92 ? 12  ASN A CG  1 
ATOM   52   O OD1 . ASN A 1 13  ? 14.267  9.602   -2.014  1.00 43.46 ? 12  ASN A OD1 1 
ATOM   53   N ND2 . ASN A 1 13  ? 12.433  10.526  -1.103  1.00 46.15 ? 12  ASN A ND2 1 
ATOM   54   N N   . ILE A 1 14  ? 11.169  8.031   -5.880  1.00 39.89 ? 13  ILE A N   1 
ATOM   55   C CA  . ILE A 1 14  ? 10.327  7.093   -6.685  1.00 38.65 ? 13  ILE A CA  1 
ATOM   56   C C   . ILE A 1 14  ? 11.209  6.319   -7.660  1.00 38.21 ? 13  ILE A C   1 
ATOM   57   O O   . ILE A 1 14  ? 11.152  5.072   -7.726  1.00 37.19 ? 13  ILE A O   1 
ATOM   58   C CB  . ILE A 1 14  ? 9.236   7.889   -7.439  1.00 38.84 ? 13  ILE A CB  1 
ATOM   59   C CG1 . ILE A 1 14  ? 8.135   8.304   -6.464  1.00 38.93 ? 13  ILE A CG1 1 
ATOM   60   C CG2 . ILE A 1 14  ? 8.645   7.068   -8.612  1.00 38.69 ? 13  ILE A CG2 1 
ATOM   61   C CD1 . ILE A 1 14  ? 7.137   9.289   -7.022  1.00 38.57 ? 13  ILE A CD1 1 
ATOM   62   N N   . ALA A 1 15  ? 12.036  7.080   -8.388  1.00 37.45 ? 14  ALA A N   1 
ATOM   63   C CA  . ALA A 1 15  ? 12.948  6.515   -9.365  1.00 37.50 ? 14  ALA A CA  1 
ATOM   64   C C   . ALA A 1 15  ? 13.837  5.442   -8.707  1.00 36.84 ? 14  ALA A C   1 
ATOM   65   O O   . ALA A 1 15  ? 14.052  4.354   -9.264  1.00 38.48 ? 14  ALA A O   1 
ATOM   66   C CB  . ALA A 1 15  ? 13.807  7.624   -10.002 1.00 36.68 ? 14  ALA A CB  1 
ATOM   67   N N   . GLN A 1 16  ? 14.372  5.777   -7.535  1.00 35.21 ? 15  GLN A N   1 
ATOM   68   C CA  . GLN A 1 16  ? 15.409  4.940   -6.903  1.00 33.71 ? 15  GLN A CA  1 
ATOM   69   C C   . GLN A 1 16  ? 14.792  3.590   -6.592  1.00 32.47 ? 15  GLN A C   1 
ATOM   70   O O   . GLN A 1 16  ? 15.438  2.542   -6.694  1.00 32.11 ? 15  GLN A O   1 
ATOM   71   C CB  . GLN A 1 16  ? 15.931  5.619   -5.648  1.00 34.57 ? 15  GLN A CB  1 
ATOM   72   C CG  . GLN A 1 16  ? 16.786  4.724   -4.761  1.00 36.69 ? 15  GLN A CG  1 
ATOM   73   C CD  . GLN A 1 16  ? 17.793  5.508   -3.874  1.00 39.78 ? 15  GLN A CD  1 
ATOM   74   O OE1 . GLN A 1 16  ? 17.967  6.769   -3.983  1.00 39.33 ? 15  GLN A OE1 1 
ATOM   75   N NE2 . GLN A 1 16  ? 18.457  4.757   -2.996  1.00 40.36 ? 15  GLN A NE2 1 
ATOM   76   N N   . THR A 1 17  ? 13.520  3.642   -6.215  1.00 29.92 ? 16  THR A N   1 
ATOM   77   C CA  . THR A 1 17  ? 12.747  2.426   -5.976  1.00 28.58 ? 16  THR A CA  1 
ATOM   78   C C   . THR A 1 17  ? 12.532  1.697   -7.300  1.00 28.37 ? 16  THR A C   1 
ATOM   79   O O   . THR A 1 17  ? 12.610  0.479   -7.363  1.00 27.14 ? 16  THR A O   1 
ATOM   80   C CB  . THR A 1 17  ? 11.415  2.784   -5.321  1.00 28.11 ? 16  THR A CB  1 
ATOM   81   O OG1 . THR A 1 17  ? 11.656  3.672   -4.216  1.00 26.30 ? 16  THR A OG1 1 
ATOM   82   C CG2 . THR A 1 17  ? 10.786  1.532   -4.642  1.00 27.93 ? 16  THR A CG2 1 
ATOM   83   N N   . TRP A 1 18  ? 12.301  2.476   -8.355  1.00 28.26 ? 17  TRP A N   1 
ATOM   84   C CA  . TRP A 1 18  ? 12.096  1.952   -9.708  1.00 29.04 ? 17  TRP A CA  1 
ATOM   85   C C   . TRP A 1 18  ? 13.378  1.294   -10.227 1.00 29.10 ? 17  TRP A C   1 
ATOM   86   O O   . TRP A 1 18  ? 13.350  0.157   -10.695 1.00 29.00 ? 17  TRP A O   1 
ATOM   87   C CB  . TRP A 1 18  ? 11.659  3.109   -10.601 1.00 29.55 ? 17  TRP A CB  1 
ATOM   88   C CG  . TRP A 1 18  ? 11.131  2.774   -11.980 1.00 31.96 ? 17  TRP A CG  1 
ATOM   89   C CD1 . TRP A 1 18  ? 11.858  2.478   -13.109 1.00 31.92 ? 17  TRP A CD1 1 
ATOM   90   C CD2 . TRP A 1 18  ? 9.762   2.784   -12.380 1.00 33.90 ? 17  TRP A CD2 1 
ATOM   91   N NE1 . TRP A 1 18  ? 11.014  2.272   -14.176 1.00 32.70 ? 17  TRP A NE1 1 
ATOM   92   C CE2 . TRP A 1 18  ? 9.720   2.459   -13.757 1.00 35.12 ? 17  TRP A CE2 1 
ATOM   93   C CE3 . TRP A 1 18  ? 8.548   3.021   -11.707 1.00 35.76 ? 17  TRP A CE3 1 
ATOM   94   C CZ2 . TRP A 1 18  ? 8.516   2.363   -14.469 1.00 35.90 ? 17  TRP A CZ2 1 
ATOM   95   C CZ3 . TRP A 1 18  ? 7.348   2.918   -12.421 1.00 36.08 ? 17  TRP A CZ3 1 
ATOM   96   C CH2 . TRP A 1 18  ? 7.347   2.592   -13.784 1.00 35.09 ? 17  TRP A CH2 1 
ATOM   97   N N   . GLN A 1 19  ? 14.502  1.995   -10.080 1.00 29.04 ? 18  GLN A N   1 
ATOM   98   C CA  . GLN A 1 19  ? 15.766  1.585   -10.708 1.00 29.71 ? 18  GLN A CA  1 
ATOM   99   C C   . GLN A 1 19  ? 16.541  0.584   -9.856  1.00 29.24 ? 18  GLN A C   1 
ATOM   100  O O   . GLN A 1 19  ? 17.134  -0.365  -10.382 1.00 29.36 ? 18  GLN A O   1 
ATOM   101  C CB  . GLN A 1 19  ? 16.639  2.809   -10.962 1.00 29.74 ? 18  GLN A CB  1 
ATOM   102  C CG  . GLN A 1 19  ? 16.172  3.727   -12.076 1.00 33.05 ? 18  GLN A CG  1 
ATOM   103  C CD  . GLN A 1 19  ? 17.248  4.743   -12.464 1.00 34.91 ? 18  GLN A CD  1 
ATOM   104  O OE1 . GLN A 1 19  ? 17.841  4.657   -13.544 1.00 38.87 ? 18  GLN A OE1 1 
ATOM   105  N NE2 . GLN A 1 19  ? 17.514  5.696   -11.572 1.00 36.70 ? 18  GLN A NE2 1 
ATOM   106  N N   . GLN A 1 20  ? 16.546  0.809   -8.537  1.00 29.38 ? 19  GLN A N   1 
ATOM   107  C CA  . GLN A 1 20  ? 17.321  -0.043  -7.632  1.00 29.36 ? 19  GLN A CA  1 
ATOM   108  C C   . GLN A 1 20  ? 16.485  -0.565  -6.446  1.00 28.94 ? 19  GLN A C   1 
ATOM   109  O O   . GLN A 1 20  ? 16.766  -0.251  -5.286  1.00 28.93 ? 19  GLN A O   1 
ATOM   110  C CB  . GLN A 1 20  ? 18.581  0.700   -7.154  1.00 29.28 ? 19  GLN A CB  1 
ATOM   111  C CG  . GLN A 1 20  ? 19.456  1.277   -8.284  1.00 32.13 ? 19  GLN A CG  1 
ATOM   112  C CD  . GLN A 1 20  ? 20.429  2.350   -7.806  1.00 33.91 ? 19  GLN A CD  1 
ATOM   113  O OE1 . GLN A 1 20  ? 20.124  3.111   -6.893  1.00 36.11 ? 19  GLN A OE1 1 
ATOM   114  N NE2 . GLN A 1 20  ? 21.595  2.413   -8.430  1.00 35.58 ? 19  GLN A NE2 1 
ATOM   115  N N   . PRO A 1 21  ? 15.460  -1.376  -6.724  1.00 28.20 ? 20  PRO A N   1 
ATOM   116  C CA  . PRO A 1 21  ? 14.667  -1.974  -5.644  1.00 27.86 ? 20  PRO A CA  1 
ATOM   117  C C   . PRO A 1 21  ? 15.529  -3.013  -4.930  1.00 27.47 ? 20  PRO A C   1 
ATOM   118  O O   . PRO A 1 21  ? 16.491  -3.513  -5.534  1.00 27.02 ? 20  PRO A O   1 
ATOM   119  C CB  . PRO A 1 21  ? 13.503  -2.645  -6.388  1.00 27.51 ? 20  PRO A CB  1 
ATOM   120  C CG  . PRO A 1 21  ? 14.065  -2.956  -7.755  1.00 28.20 ? 20  PRO A CG  1 
ATOM   121  C CD  . PRO A 1 21  ? 15.009  -1.820  -8.060  1.00 27.95 ? 20  PRO A CD  1 
ATOM   122  N N   . GLU A 1 22  ? 15.217  -3.293  -3.671  1.00 26.72 ? 21  GLU A N   1 
ATOM   123  C CA  . GLU A 1 22  ? 15.968  -4.253  -2.856  1.00 27.45 ? 21  GLU A CA  1 
ATOM   124  C C   . GLU A 1 22  ? 15.191  -5.544  -2.585  1.00 26.73 ? 21  GLU A C   1 
ATOM   125  O O   . GLU A 1 22  ? 15.779  -6.578  -2.252  1.00 26.43 ? 21  GLU A O   1 
ATOM   126  C CB  . GLU A 1 22  ? 16.293  -3.641  -1.497  1.00 27.44 ? 21  GLU A CB  1 
ATOM   127  C CG  . GLU A 1 22  ? 17.346  -2.545  -1.506  1.00 31.10 ? 21  GLU A CG  1 
ATOM   128  C CD  . GLU A 1 22  ? 17.466  -1.894  -0.135  1.00 34.23 ? 21  GLU A CD  1 
ATOM   129  O OE1 . GLU A 1 22  ? 16.565  -2.084  0.731   1.00 35.21 ? 21  GLU A OE1 1 
ATOM   130  O OE2 . GLU A 1 22  ? 18.470  -1.204  0.079   1.00 35.42 ? 21  GLU A OE2 1 
ATOM   131  N N   . HIS A 1 23  ? 13.869  -5.458  -2.677  1.00 26.29 ? 22  HIS A N   1 
ATOM   132  C CA  . HIS A 1 23  ? 12.994  -6.581  -2.353  1.00 25.90 ? 22  HIS A CA  1 
ATOM   133  C C   . HIS A 1 23  ? 11.850  -6.606  -3.342  1.00 25.21 ? 22  HIS A C   1 
ATOM   134  O O   . HIS A 1 23  ? 11.576  -5.600  -4.001  1.00 24.61 ? 22  HIS A O   1 
ATOM   135  C CB  . HIS A 1 23  ? 12.409  -6.415  -0.936  1.00 26.61 ? 22  HIS A CB  1 
ATOM   136  C CG  . HIS A 1 23  ? 13.455  -6.361  0.138   1.00 27.82 ? 22  HIS A CG  1 
ATOM   137  N ND1 . HIS A 1 23  ? 14.139  -7.482  0.569   1.00 28.99 ? 22  HIS A ND1 1 
ATOM   138  C CD2 . HIS A 1 23  ? 13.950  -5.322  0.847   1.00 28.68 ? 22  HIS A CD2 1 
ATOM   139  C CE1 . HIS A 1 23  ? 15.015  -7.132  1.494   1.00 29.37 ? 22  HIS A CE1 1 
ATOM   140  N NE2 . HIS A 1 23  ? 14.924  -5.828  1.676   1.00 32.00 ? 22  HIS A NE2 1 
ATOM   141  N N   . TYR A 1 24  ? 11.165  -7.740  -3.430  1.00 25.23 ? 23  TYR A N   1 
ATOM   142  C CA  . TYR A 1 24  ? 9.815   -7.728  -3.984  1.00 25.54 ? 23  TYR A CA  1 
ATOM   143  C C   . TYR A 1 24  ? 8.843   -8.103  -2.890  1.00 25.49 ? 23  TYR A C   1 
ATOM   144  O O   . TYR A 1 24  ? 9.243   -8.700  -1.889  1.00 25.50 ? 23  TYR A O   1 
ATOM   145  C CB  . TYR A 1 24  ? 9.677   -8.600  -5.241  1.00 27.00 ? 23  TYR A CB  1 
ATOM   146  C CG  . TYR A 1 24  ? 9.721   -10.109 -5.048  1.00 30.05 ? 23  TYR A CG  1 
ATOM   147  C CD1 . TYR A 1 24  ? 8.553   -10.838 -4.722  1.00 33.35 ? 23  TYR A CD1 1 
ATOM   148  C CD2 . TYR A 1 24  ? 10.901  -10.818 -5.239  1.00 33.14 ? 23  TYR A CD2 1 
ATOM   149  C CE1 . TYR A 1 24  ? 8.598   -12.246 -4.573  1.00 32.97 ? 23  TYR A CE1 1 
ATOM   150  C CE2 . TYR A 1 24  ? 10.949  -12.213 -5.100  1.00 34.12 ? 23  TYR A CE2 1 
ATOM   151  C CZ  . TYR A 1 24  ? 9.791   -12.910 -4.758  1.00 34.98 ? 23  TYR A CZ  1 
ATOM   152  O OH  . TYR A 1 24  ? 9.846   -14.287 -4.615  1.00 37.63 ? 23  TYR A OH  1 
ATOM   153  N N   . ASP A 1 25  ? 7.586   -7.707  -3.055  1.00 24.71 ? 24  ASP A N   1 
ATOM   154  C CA  . ASP A 1 25  ? 6.567   -7.935  -2.032  1.00 24.97 ? 24  ASP A CA  1 
ATOM   155  C C   . ASP A 1 25  ? 5.332   -8.558  -2.628  1.00 24.87 ? 24  ASP A C   1 
ATOM   156  O O   . ASP A 1 25  ? 4.983   -8.270  -3.789  1.00 24.35 ? 24  ASP A O   1 
ATOM   157  C CB  . ASP A 1 25  ? 6.129   -6.618  -1.381  1.00 25.20 ? 24  ASP A CB  1 
ATOM   158  C CG  . ASP A 1 25  ? 7.256   -5.929  -0.654  1.00 28.58 ? 24  ASP A CG  1 
ATOM   159  O OD1 . ASP A 1 25  ? 7.829   -4.976  -1.226  1.00 29.70 ? 24  ASP A OD1 1 
ATOM   160  O OD2 . ASP A 1 25  ? 7.633   -6.288  0.474   1.00 29.42 ? 24  ASP A OD2 1 
ATOM   161  N N   . LEU A 1 26  ? 4.647   -9.363  -1.808  1.00 23.94 ? 25  LEU A N   1 
ATOM   162  C CA  . LEU A 1 26  ? 3.319   -9.881  -2.132  1.00 23.70 ? 25  LEU A CA  1 
ATOM   163  C C   . LEU A 1 26  ? 2.359   -9.204  -1.169  1.00 24.77 ? 25  LEU A C   1 
ATOM   164  O O   . LEU A 1 26  ? 2.671   -9.107  0.042   1.00 24.73 ? 25  LEU A O   1 
ATOM   165  C CB  . LEU A 1 26  ? 3.295   -11.405 -1.902  1.00 23.45 ? 25  LEU A CB  1 
ATOM   166  C CG  . LEU A 1 26  ? 1.914   -12.067 -1.952  1.00 23.97 ? 25  LEU A CG  1 
ATOM   167  C CD1 . LEU A 1 26  ? 1.360   -11.969 -3.386  1.00 24.01 ? 25  LEU A CD1 1 
ATOM   168  C CD2 . LEU A 1 26  ? 1.976   -13.515 -1.493  1.00 24.00 ? 25  LEU A CD2 1 
ATOM   169  N N   . TYR A 1 27  ? 1.216   -8.720  -1.684  1.00 23.63 ? 26  TYR A N   1 
ATOM   170  C CA  . TYR A 1 27  ? 0.214   -8.032  -0.888  1.00 22.11 ? 26  TYR A CA  1 
ATOM   171  C C   . TYR A 1 27  ? -1.065  -8.857  -0.919  1.00 23.24 ? 26  TYR A C   1 
ATOM   172  O O   . TYR A 1 27  ? -1.582  -9.195  -2.010  1.00 24.76 ? 26  TYR A O   1 
ATOM   173  C CB  . TYR A 1 27  ? -0.120  -6.675  -1.518  1.00 22.56 ? 26  TYR A CB  1 
ATOM   174  C CG  . TYR A 1 27  ? 1.014   -5.663  -1.565  1.00 22.21 ? 26  TYR A CG  1 
ATOM   175  C CD1 . TYR A 1 27  ? 2.046   -5.746  -2.519  1.00 22.67 ? 26  TYR A CD1 1 
ATOM   176  C CD2 . TYR A 1 27  ? 1.048   -4.631  -0.626  1.00 22.43 ? 26  TYR A CD2 1 
ATOM   177  C CE1 . TYR A 1 27  ? 3.078   -4.757  -2.540  1.00 22.76 ? 26  TYR A CE1 1 
ATOM   178  C CE2 . TYR A 1 27  ? 2.059   -3.659  -0.638  1.00 24.66 ? 26  TYR A CE2 1 
ATOM   179  C CZ  . TYR A 1 27  ? 3.048   -3.725  -1.589  1.00 24.58 ? 26  TYR A CZ  1 
ATOM   180  O OH  . TYR A 1 27  ? 4.021   -2.736  -1.533  1.00 26.18 ? 26  TYR A OH  1 
ATOM   181  N N   . ILE A 1 28  ? -1.587  -9.211  0.244   1.00 22.11 ? 27  ILE A N   1 
ATOM   182  C CA  . ILE A 1 28  ? -2.803  -10.038 0.336   1.00 21.58 ? 27  ILE A CA  1 
ATOM   183  C C   . ILE A 1 28  ? -3.768  -9.300  1.235   1.00 22.72 ? 27  ILE A C   1 
ATOM   184  O O   . ILE A 1 28  ? -3.448  -9.078  2.433   1.00 22.33 ? 27  ILE A O   1 
ATOM   185  C CB  . ILE A 1 28  ? -2.525  -11.435 0.958   1.00 21.51 ? 27  ILE A CB  1 
ATOM   186  C CG1 . ILE A 1 28  ? -1.472  -12.271 0.167   1.00 24.57 ? 27  ILE A CG1 1 
ATOM   187  C CG2 . ILE A 1 28  ? -3.860  -12.245 1.126   1.00 22.73 ? 27  ILE A CG2 1 
ATOM   188  C CD1 . ILE A 1 28  ? -1.865  -12.677 -1.287  1.00 26.01 ? 27  ILE A CD1 1 
ATOM   189  N N   . PRO A 1 29  ? -4.944  -8.947  0.714   1.00 22.56 ? 28  PRO A N   1 
ATOM   190  C CA  . PRO A 1 29  ? -5.953  -8.230  1.504   1.00 22.67 ? 28  PRO A CA  1 
ATOM   191  C C   . PRO A 1 29  ? -6.317  -9.039  2.753   1.00 23.21 ? 28  PRO A C   1 
ATOM   192  O O   . PRO A 1 29  ? -6.403  -10.274 2.706   1.00 21.89 ? 28  PRO A O   1 
ATOM   193  C CB  . PRO A 1 29  ? -7.176  -8.189  0.571   1.00 23.42 ? 28  PRO A CB  1 
ATOM   194  C CG  . PRO A 1 29  ? -6.535  -8.236  -0.835  1.00 23.96 ? 28  PRO A CG  1 
ATOM   195  C CD  . PRO A 1 29  ? -5.436  -9.294  -0.646  1.00 23.34 ? 28  PRO A CD  1 
ATOM   196  N N   . ALA A 1 30  ? -6.542  -8.336  3.865   1.00 21.76 ? 29  ALA A N   1 
ATOM   197  C CA  . ALA A 1 30  ? -6.755  -9.020  5.138   1.00 22.17 ? 29  ALA A CA  1 
ATOM   198  C C   . ALA A 1 30  ? -8.139  -8.737  5.687   1.00 22.52 ? 29  ALA A C   1 
ATOM   199  O O   . ALA A 1 30  ? -8.897  -9.657  5.956   1.00 21.56 ? 29  ALA A O   1 
ATOM   200  C CB  . ALA A 1 30  ? -5.660  -8.575  6.144   1.00 23.27 ? 29  ALA A CB  1 
ATOM   201  N N   . ILE A 1 31  ? -8.498  -7.448  5.851   1.00 22.05 ? 30  ILE A N   1 
ATOM   202  C CA  . ILE A 1 31  ? -9.793  -7.127  6.430   1.00 23.85 ? 30  ILE A CA  1 
ATOM   203  C C   . ILE A 1 31  ? -10.176 -5.690  6.043   1.00 23.82 ? 30  ILE A C   1 
ATOM   204  O O   . ILE A 1 31  ? -9.312  -4.846  5.716   1.00 22.68 ? 30  ILE A O   1 
ATOM   205  C CB  . ILE A 1 31  ? -9.717  -7.274  7.997   1.00 24.68 ? 30  ILE A CB  1 
ATOM   206  C CG1 . ILE A 1 31  ? -11.063 -6.971  8.653   1.00 27.21 ? 30  ILE A CG1 1 
ATOM   207  C CG2 . ILE A 1 31  ? -8.667  -6.302  8.566   1.00 23.71 ? 30  ILE A CG2 1 
ATOM   208  C CD1 . ILE A 1 31  ? -11.173 -7.451  10.115  1.00 32.06 ? 30  ILE A CD1 1 
ATOM   209  N N   . THR A 1 32  ? -11.465 -5.438  5.998   1.00 24.10 ? 31  THR A N   1 
ATOM   210  C CA  . THR A 1 32  ? -11.923 -4.077  5.760   1.00 25.25 ? 31  THR A CA  1 
ATOM   211  C C   . THR A 1 32  ? -13.043 -3.830  6.738   1.00 25.05 ? 31  THR A C   1 
ATOM   212  O O   . THR A 1 32  ? -13.819 -4.745  7.059   1.00 24.75 ? 31  THR A O   1 
ATOM   213  C CB  . THR A 1 32  ? -12.303 -3.849  4.250   1.00 25.52 ? 31  THR A CB  1 
ATOM   214  O OG1 . THR A 1 32  ? -12.775 -2.509  4.066   1.00 28.46 ? 31  THR A OG1 1 
ATOM   215  C CG2 . THR A 1 32  ? -13.485 -4.737  3.798   1.00 28.70 ? 31  THR A CG2 1 
ATOM   216  N N   . TRP A 1 33  ? -13.096 -2.622  7.297   1.00 24.14 ? 32  TRP A N   1 
ATOM   217  C CA  . TRP A 1 33  ? -14.164 -2.304  8.240   1.00 23.01 ? 32  TRP A CA  1 
ATOM   218  C C   . TRP A 1 33  ? -14.503 -0.823  8.181   1.00 24.03 ? 32  TRP A C   1 
ATOM   219  O O   . TRP A 1 33  ? -13.680 -0.011  7.768   1.00 22.65 ? 32  TRP A O   1 
ATOM   220  C CB  . TRP A 1 33  ? -13.785 -2.684  9.674   1.00 22.88 ? 32  TRP A CB  1 
ATOM   221  C CG  . TRP A 1 33  ? -12.676 -1.869  10.381  1.00 21.23 ? 32  TRP A CG  1 
ATOM   222  C CD1 . TRP A 1 33  ? -12.863 -0.926  11.367  1.00 22.43 ? 32  TRP A CD1 1 
ATOM   223  C CD2 . TRP A 1 33  ? -11.251 -1.993  10.229  1.00 22.31 ? 32  TRP A CD2 1 
ATOM   224  N NE1 . TRP A 1 33  ? -11.647 -0.463  11.819  1.00 22.60 ? 32  TRP A NE1 1 
ATOM   225  C CE2 . TRP A 1 33  ? -10.645 -1.093  11.140  1.00 21.63 ? 32  TRP A CE2 1 
ATOM   226  C CE3 . TRP A 1 33  ? -10.415 -2.783  9.421   1.00 22.77 ? 32  TRP A CE3 1 
ATOM   227  C CZ2 . TRP A 1 33  ? -9.261  -0.953  11.257  1.00 21.26 ? 32  TRP A CZ2 1 
ATOM   228  C CZ3 . TRP A 1 33  ? -9.025  -2.615  9.516   1.00 25.87 ? 32  TRP A CZ3 1 
ATOM   229  C CH2 . TRP A 1 33  ? -8.466  -1.734  10.443  1.00 26.01 ? 32  TRP A CH2 1 
ATOM   230  N N   . HIS A 1 34  ? -15.720 -0.494  8.583   1.00 24.30 ? 33  HIS A N   1 
ATOM   231  C CA  . HIS A 1 34  ? -16.159 0.887   8.473   1.00 26.77 ? 33  HIS A CA  1 
ATOM   232  C C   . HIS A 1 34  ? -15.563 1.702   9.599   1.00 27.03 ? 33  HIS A C   1 
ATOM   233  O O   . HIS A 1 34  ? -15.571 1.272   10.751  1.00 25.92 ? 33  HIS A O   1 
ATOM   234  C CB  . HIS A 1 34  ? -17.683 0.953   8.408   1.00 27.61 ? 33  HIS A CB  1 
ATOM   235  C CG  . HIS A 1 34  ? -18.207 0.772   7.014   1.00 30.78 ? 33  HIS A CG  1 
ATOM   236  N ND1 . HIS A 1 34  ? -18.754 1.804   6.282   1.00 35.89 ? 33  HIS A ND1 1 
ATOM   237  C CD2 . HIS A 1 34  ? -18.233 -0.315  6.208   1.00 33.44 ? 33  HIS A CD2 1 
ATOM   238  C CE1 . HIS A 1 34  ? -19.104 1.357   5.088   1.00 36.99 ? 33  HIS A CE1 1 
ATOM   239  N NE2 . HIS A 1 34  ? -18.794 0.074   5.018   1.00 34.87 ? 33  HIS A NE2 1 
ATOM   240  N N   . ALA A 1 35  ? -14.997 2.863   9.243   1.00 28.16 ? 34  ALA A N   1 
ATOM   241  C CA  . ALA A 1 35  ? -14.447 3.773   10.232  1.00 28.25 ? 34  ALA A CA  1 
ATOM   242  C C   . ALA A 1 35  ? -15.486 3.978   11.321  1.00 28.81 ? 34  ALA A C   1 
ATOM   243  O O   . ALA A 1 35  ? -16.633 4.302   11.025  1.00 29.16 ? 34  ALA A O   1 
ATOM   244  C CB  . ALA A 1 35  ? -14.044 5.105   9.582   1.00 28.26 ? 34  ALA A CB  1 
ATOM   245  N N   . ARG A 1 36  ? -15.073 3.753   12.570  1.00 30.32 ? 35  ARG A N   1 
ATOM   246  C CA  . ARG A 1 36  ? -15.889 3.932   13.778  1.00 31.61 ? 35  ARG A CA  1 
ATOM   247  C C   . ARG A 1 36  ? -17.029 2.932   13.923  1.00 32.60 ? 35  ARG A C   1 
ATOM   248  O O   . ARG A 1 36  ? -17.903 3.117   14.767  1.00 32.65 ? 35  ARG A O   1 
ATOM   249  C CB  . ARG A 1 36  ? -16.488 5.346   13.863  1.00 31.85 ? 35  ARG A CB  1 
ATOM   250  C CG  . ARG A 1 36  ? -15.484 6.445   13.853  1.00 32.66 ? 35  ARG A CG  1 
ATOM   251  C CD  . ARG A 1 36  ? -15.898 7.688   14.665  1.00 31.72 ? 35  ARG A CD  1 
ATOM   252  N NE  . ARG A 1 36  ? -14.635 8.278   15.039  1.00 33.69 ? 35  ARG A NE  1 
ATOM   253  C CZ  . ARG A 1 36  ? -14.216 8.580   16.245  1.00 32.60 ? 35  ARG A CZ  1 
ATOM   254  N NH1 . ARG A 1 36  ? -14.980 8.471   17.352  1.00 30.93 ? 35  ARG A NH1 1 
ATOM   255  N NH2 . ARG A 1 36  ? -12.991 9.067   16.316  1.00 34.81 ? 35  ARG A NH2 1 
ATOM   256  N N   . PHE A 1 37  ? -17.021 1.897   13.092  1.00 33.71 ? 36  PHE A N   1 
ATOM   257  C CA  . PHE A 1 37  ? -18.084 0.888   13.064  1.00 34.98 ? 36  PHE A CA  1 
ATOM   258  C C   . PHE A 1 37  ? -19.418 1.480   12.618  1.00 35.58 ? 36  PHE A C   1 
ATOM   259  O O   . PHE A 1 37  ? -20.462 1.232   13.213  1.00 36.27 ? 36  PHE A O   1 
ATOM   260  C CB  . PHE A 1 37  ? -18.164 0.124   14.395  1.00 34.92 ? 36  PHE A CB  1 
ATOM   261  C CG  . PHE A 1 37  ? -16.865 -0.566  14.770  1.00 34.60 ? 36  PHE A CG  1 
ATOM   262  C CD1 . PHE A 1 37  ? -16.233 -0.294  15.982  1.00 34.79 ? 36  PHE A CD1 1 
ATOM   263  C CD2 . PHE A 1 37  ? -16.267 -1.472  13.901  1.00 35.65 ? 36  PHE A CD2 1 
ATOM   264  C CE1 . PHE A 1 37  ? -15.030 -0.926  16.320  1.00 34.92 ? 36  PHE A CE1 1 
ATOM   265  C CE2 . PHE A 1 37  ? -15.065 -2.103  14.227  1.00 34.14 ? 36  PHE A CE2 1 
ATOM   266  C CZ  . PHE A 1 37  ? -14.451 -1.834  15.439  1.00 34.47 ? 36  PHE A CZ  1 
ATOM   267  N N   . ALA A 1 38  ? -19.354 2.286   11.559  1.00 36.52 ? 37  ALA A N   1 
ATOM   268  C CA  . ALA A 1 38  ? -20.544 2.847   10.918  1.00 37.25 ? 37  ALA A CA  1 
ATOM   269  C C   . ALA A 1 38  ? -21.291 1.727   10.200  1.00 37.60 ? 37  ALA A C   1 
ATOM   270  O O   . ALA A 1 38  ? -20.659 0.763   9.726   1.00 37.48 ? 37  ALA A O   1 
ATOM   271  C CB  . ALA A 1 38  ? -20.133 3.923   9.920   1.00 37.67 ? 37  ALA A CB  1 
ATOM   272  N N   . GLU A 1 49  ? -14.380 -13.783 5.573   1.00 40.30 ? 48  GLU A N   1 
ATOM   273  C CA  . GLU A 1 49  ? -13.606 -13.941 4.341   1.00 39.97 ? 48  GLU A CA  1 
ATOM   274  C C   . GLU A 1 49  ? -12.802 -12.668 4.005   1.00 38.09 ? 48  GLU A C   1 
ATOM   275  O O   . GLU A 1 49  ? -13.324 -11.556 4.056   1.00 37.87 ? 48  GLU A O   1 
ATOM   276  C CB  . GLU A 1 49  ? -14.546 -14.303 3.188   1.00 40.96 ? 48  GLU A CB  1 
ATOM   277  C CG  . GLU A 1 49  ? -13.855 -14.943 1.989   1.00 44.94 ? 48  GLU A CG  1 
ATOM   278  C CD  . GLU A 1 49  ? -14.828 -15.522 0.974   1.00 49.71 ? 48  GLU A CD  1 
ATOM   279  O OE1 . GLU A 1 49  ? -14.494 -15.501 -0.232  1.00 51.92 ? 48  GLU A OE1 1 
ATOM   280  O OE2 . GLU A 1 49  ? -15.919 -16.003 1.368   1.00 52.19 ? 48  GLU A OE2 1 
ATOM   281  N N   . ARG A 1 50  ? -11.530 -12.830 3.655   1.00 36.05 ? 49  ARG A N   1 
ATOM   282  C CA  . ARG A 1 50  ? -10.719 -11.679 3.267   1.00 34.14 ? 49  ARG A CA  1 
ATOM   283  C C   . ARG A 1 50  ? -11.259 -11.052 1.963   1.00 31.70 ? 49  ARG A C   1 
ATOM   284  O O   . ARG A 1 50  ? -11.885 -11.745 1.169   1.00 30.55 ? 49  ARG A O   1 
ATOM   285  C CB  . ARG A 1 50  ? -9.249  -12.085 3.161   1.00 34.37 ? 49  ARG A CB  1 
ATOM   286  C CG  . ARG A 1 50  ? -8.898  -12.988 2.006   1.00 37.03 ? 49  ARG A CG  1 
ATOM   287  C CD  . ARG A 1 50  ? -7.623  -12.564 1.338   1.00 41.82 ? 49  ARG A CD  1 
ATOM   288  N NE  . ARG A 1 50  ? -6.763  -13.665 0.962   1.00 42.22 ? 49  ARG A NE  1 
ATOM   289  C CZ  . ARG A 1 50  ? -6.903  -14.402 -0.124  1.00 45.94 ? 49  ARG A CZ  1 
ATOM   290  N NH1 . ARG A 1 50  ? -7.915  -14.188 -0.963  1.00 50.88 ? 49  ARG A NH1 1 
ATOM   291  N NH2 . ARG A 1 50  ? -6.040  -15.371 -0.369  1.00 44.32 ? 49  ARG A NH2 1 
ATOM   292  N N   . PRO A 1 51  ? -11.046 -9.749  1.756   1.00 29.94 ? 50  PRO A N   1 
ATOM   293  C CA  . PRO A 1 51  ? -11.477 -9.091  0.507   1.00 28.53 ? 50  PRO A CA  1 
ATOM   294  C C   . PRO A 1 51  ? -10.789 -9.740  -0.710  1.00 27.62 ? 50  PRO A C   1 
ATOM   295  O O   . PRO A 1 51  ? -9.657  -10.215 -0.584  1.00 26.83 ? 50  PRO A O   1 
ATOM   296  C CB  . PRO A 1 51  ? -10.989 -7.641  0.668   1.00 28.78 ? 50  PRO A CB  1 
ATOM   297  C CG  . PRO A 1 51  ? -10.774 -7.471  2.152   1.00 29.37 ? 50  PRO A CG  1 
ATOM   298  C CD  . PRO A 1 51  ? -10.347 -8.823  2.673   1.00 29.43 ? 50  PRO A CD  1 
ATOM   299  N N   . TRP A 1 52  ? -11.495 -9.809  -1.834  1.00 25.93 ? 51  TRP A N   1 
ATOM   300  C CA  . TRP A 1 52  ? -10.951 -10.379 -3.064  1.00 26.08 ? 51  TRP A CA  1 
ATOM   301  C C   . TRP A 1 52  ? -9.728  -9.573  -3.545  1.00 25.02 ? 51  TRP A C   1 
ATOM   302  O O   . TRP A 1 52  ? -9.656  -8.379  -3.336  1.00 27.20 ? 51  TRP A O   1 
ATOM   303  C CB  . TRP A 1 52  ? -12.030 -10.391 -4.137  1.00 25.71 ? 51  TRP A CB  1 
ATOM   304  C CG  . TRP A 1 52  ? -11.688 -11.245 -5.291  1.00 26.25 ? 51  TRP A CG  1 
ATOM   305  C CD1 . TRP A 1 52  ? -12.026 -12.568 -5.472  1.00 26.15 ? 51  TRP A CD1 1 
ATOM   306  C CD2 . TRP A 1 52  ? -10.933 -10.863 -6.448  1.00 25.78 ? 51  TRP A CD2 1 
ATOM   307  N NE1 . TRP A 1 52  ? -11.531 -13.017 -6.677  1.00 25.71 ? 51  TRP A NE1 1 
ATOM   308  C CE2 . TRP A 1 52  ? -10.845 -12.000 -7.289  1.00 26.27 ? 51  TRP A CE2 1 
ATOM   309  C CE3 . TRP A 1 52  ? -10.320 -9.669  -6.864  1.00 27.52 ? 51  TRP A CE3 1 
ATOM   310  C CZ2 . TRP A 1 52  ? -10.180 -11.980 -8.518  1.00 26.88 ? 51  TRP A CZ2 1 
ATOM   311  C CZ3 . TRP A 1 52  ? -9.641  -9.650  -8.076  1.00 27.76 ? 51  TRP A CZ3 1 
ATOM   312  C CH2 . TRP A 1 52  ? -9.583  -10.812 -8.894  1.00 27.65 ? 51  TRP A CH2 1 
ATOM   313  N N   . GLY A 1 53  ? -8.762  -10.231 -4.156  1.00 25.61 ? 52  GLY A N   1 
ATOM   314  C CA  . GLY A 1 53  ? -7.671  -9.495  -4.779  1.00 24.44 ? 52  GLY A CA  1 
ATOM   315  C C   . GLY A 1 53  ? -6.292  -9.734  -4.211  1.00 24.76 ? 52  GLY A C   1 
ATOM   316  O O   . GLY A 1 53  ? -6.029  -10.689 -3.445  1.00 23.57 ? 52  GLY A O   1 
ATOM   317  N N   . GLY A 1 54  ? -5.383  -8.860  -4.609  1.00 23.51 ? 53  GLY A N   1 
ATOM   318  C CA  . GLY A 1 54  ? -3.996  -9.043  -4.262  1.00 24.43 ? 53  GLY A CA  1 
ATOM   319  C C   . GLY A 1 54  ? -3.128  -8.106  -5.083  1.00 25.14 ? 53  GLY A C   1 
ATOM   320  O O   . GLY A 1 54  ? -3.605  -7.465  -6.044  1.00 24.52 ? 53  GLY A O   1 
ATOM   321  N N   . GLY A 1 55  ? -1.847  -8.081  -4.748  1.00 24.67 ? 54  GLY A N   1 
ATOM   322  C CA  . GLY A 1 55  ? -0.896  -7.315  -5.531  1.00 25.05 ? 54  GLY A CA  1 
ATOM   323  C C   . GLY A 1 55  ? 0.517   -7.796  -5.325  1.00 25.10 ? 54  GLY A C   1 
ATOM   324  O O   . GLY A 1 55  ? 0.782   -8.688  -4.509  1.00 23.92 ? 54  GLY A O   1 
ATOM   325  N N   . PHE A 1 56  ? 1.435   -7.196  -6.077  1.00 23.92 ? 55  PHE A N   1 
ATOM   326  C CA  . PHE A 1 56  ? 2.836   -7.463  -5.889  1.00 24.19 ? 55  PHE A CA  1 
ATOM   327  C C   . PHE A 1 56  ? 3.562   -6.144  -6.111  1.00 23.64 ? 55  PHE A C   1 
ATOM   328  O O   . PHE A 1 56  ? 2.992   -5.200  -6.656  1.00 23.09 ? 55  PHE A O   1 
ATOM   329  C CB  . PHE A 1 56  ? 3.339   -8.534  -6.851  1.00 25.31 ? 55  PHE A CB  1 
ATOM   330  C CG  . PHE A 1 56  ? 2.899   -8.335  -8.275  1.00 30.34 ? 55  PHE A CG  1 
ATOM   331  C CD1 . PHE A 1 56  ? 3.671   -7.578  -9.157  1.00 35.69 ? 55  PHE A CD1 1 
ATOM   332  C CD2 . PHE A 1 56  ? 1.731   -8.931  -8.748  1.00 34.57 ? 55  PHE A CD2 1 
ATOM   333  C CE1 . PHE A 1 56  ? 3.281   -7.404  -10.492 1.00 34.91 ? 55  PHE A CE1 1 
ATOM   334  C CE2 . PHE A 1 56  ? 1.328   -8.761  -10.073 1.00 37.48 ? 55  PHE A CE2 1 
ATOM   335  C CZ  . PHE A 1 56  ? 2.108   -7.995  -10.946 1.00 37.77 ? 55  PHE A CZ  1 
ATOM   336  N N   . GLY A 1 57  ? 4.814   -6.072  -5.706  1.00 23.37 ? 56  GLY A N   1 
ATOM   337  C CA  . GLY A 1 57  ? 5.519   -4.802  -5.875  1.00 23.05 ? 56  GLY A CA  1 
ATOM   338  C C   . GLY A 1 57  ? 6.990   -4.918  -5.620  1.00 22.78 ? 56  GLY A C   1 
ATOM   339  O O   . GLY A 1 57  ? 7.468   -6.023  -5.361  1.00 22.72 ? 56  GLY A O   1 
ATOM   340  N N   . LEU A 1 58  ? 7.687   -3.784  -5.749  1.00 22.32 ? 57  LEU A N   1 
ATOM   341  C CA  . LEU A 1 58  ? 9.127   -3.658  -5.522  1.00 22.91 ? 57  LEU A CA  1 
ATOM   342  C C   . LEU A 1 58  ? 9.271   -2.731  -4.331  1.00 23.36 ? 57  LEU A C   1 
ATOM   343  O O   . LEU A 1 58  ? 8.417   -1.880  -4.114  1.00 23.44 ? 57  LEU A O   1 
ATOM   344  C CB  . LEU A 1 58  ? 9.824   -3.011  -6.737  1.00 22.69 ? 57  LEU A CB  1 
ATOM   345  C CG  . LEU A 1 58  ? 9.627   -3.671  -8.102  1.00 23.48 ? 57  LEU A CG  1 
ATOM   346  C CD1 . LEU A 1 58  ? 10.057  -2.756  -9.265  1.00 23.42 ? 57  LEU A CD1 1 
ATOM   347  C CD2 . LEU A 1 58  ? 10.416  -4.969  -8.118  1.00 25.25 ? 57  LEU A CD2 1 
ATOM   348  N N   . SER A 1 59  ? 10.329  -2.895  -3.550  1.00 23.84 ? 58  SER A N   1 
ATOM   349  C CA  . SER A 1 59  ? 10.513  -2.011  -2.404  1.00 23.94 ? 58  SER A CA  1 
ATOM   350  C C   . SER A 1 59  ? 11.960  -1.918  -1.992  1.00 23.93 ? 58  SER A C   1 
ATOM   351  O O   . SER A 1 59  ? 12.816  -2.665  -2.477  1.00 23.54 ? 58  SER A O   1 
ATOM   352  C CB  . SER A 1 59  ? 9.614   -2.430  -1.218  1.00 23.86 ? 58  SER A CB  1 
ATOM   353  O OG  . SER A 1 59  ? 9.928   -3.741  -0.786  1.00 24.57 ? 58  SER A OG  1 
ATOM   354  N N   . ARG A 1 60  ? 12.212  -0.976  -1.101  1.00 25.14 ? 59  ARG A N   1 
ATOM   355  C CA  . ARG A 1 60  ? 13.524  -0.767  -0.514  1.00 24.82 ? 59  ARG A CA  1 
ATOM   356  C C   . ARG A 1 60  ? 13.348  -0.072  0.819   1.00 25.61 ? 59  ARG A C   1 
ATOM   357  O O   . ARG A 1 60  ? 12.359  0.656   1.040   1.00 25.85 ? 59  ARG A O   1 
ATOM   358  C CB  . ARG A 1 60  ? 14.429  0.065   -1.437  1.00 24.91 ? 59  ARG A CB  1 
ATOM   359  C CG  . ARG A 1 60  ? 13.926  1.465   -1.770  1.00 24.99 ? 59  ARG A CG  1 
ATOM   360  C CD  . ARG A 1 60  ? 14.815  2.245   -2.757  1.00 23.90 ? 59  ARG A CD  1 
ATOM   361  N NE  . ARG A 1 60  ? 14.317  3.611   -2.917  1.00 23.88 ? 59  ARG A NE  1 
ATOM   362  C CZ  . ARG A 1 60  ? 14.685  4.648   -2.153  1.00 25.96 ? 59  ARG A CZ  1 
ATOM   363  N NH1 . ARG A 1 60  ? 15.614  4.504   -1.196  1.00 24.14 ? 59  ARG A NH1 1 
ATOM   364  N NH2 . ARG A 1 60  ? 14.157  5.849   -2.402  1.00 26.99 ? 59  ARG A NH2 1 
ATOM   365  N N   . TRP A 1 61  ? 14.307  -0.318  1.704   1.00 25.48 ? 60  TRP A N   1 
ATOM   366  C CA  . TRP A 1 61  ? 14.459  0.464   2.908   1.00 27.11 ? 60  TRP A CA  1 
ATOM   367  C C   . TRP A 1 61  ? 15.588  1.454   2.642   1.00 27.55 ? 60  TRP A C   1 
ATOM   368  O O   . TRP A 1 61  ? 16.676  1.084   2.157   1.00 28.07 ? 60  TRP A O   1 
ATOM   369  C CB  . TRP A 1 61  ? 14.794  -0.450  4.069   1.00 26.51 ? 60  TRP A CB  1 
ATOM   370  C CG  . TRP A 1 61  ? 13.656  -1.387  4.394   1.00 27.81 ? 60  TRP A CG  1 
ATOM   371  C CD1 . TRP A 1 61  ? 13.526  -2.697  4.019   1.00 28.54 ? 60  TRP A CD1 1 
ATOM   372  C CD2 . TRP A 1 61  ? 12.505  -1.069  5.163   1.00 26.55 ? 60  TRP A CD2 1 
ATOM   373  N NE1 . TRP A 1 61  ? 12.355  -3.218  4.531   1.00 28.07 ? 60  TRP A NE1 1 
ATOM   374  C CE2 . TRP A 1 61  ? 11.717  -2.238  5.247   1.00 27.42 ? 60  TRP A CE2 1 
ATOM   375  C CE3 . TRP A 1 61  ? 12.060  0.095   5.823   1.00 27.27 ? 60  TRP A CE3 1 
ATOM   376  C CZ2 . TRP A 1 61  ? 10.511  -2.275  5.939   1.00 28.38 ? 60  TRP A CZ2 1 
ATOM   377  C CZ3 . TRP A 1 61  ? 10.868  0.056   6.520   1.00 26.21 ? 60  TRP A CZ3 1 
ATOM   378  C CH2 . TRP A 1 61  ? 10.100  -1.114  6.554   1.00 28.12 ? 60  TRP A CH2 1 
ATOM   379  N N   . ASP A 1 62  ? 15.319  2.718   2.917   1.00 29.42 ? 61  ASP A N   1 
ATOM   380  C CA  . ASP A 1 62  ? 16.311  3.734   2.635   1.00 30.21 ? 61  ASP A CA  1 
ATOM   381  C C   . ASP A 1 62  ? 17.252  3.882   3.839   1.00 30.83 ? 61  ASP A C   1 
ATOM   382  O O   . ASP A 1 62  ? 17.112  3.160   4.848   1.00 29.20 ? 61  ASP A O   1 
ATOM   383  C CB  . ASP A 1 62  ? 15.625  5.050   2.202   1.00 31.74 ? 61  ASP A CB  1 
ATOM   384  C CG  . ASP A 1 62  ? 14.593  5.605   3.274   1.00 34.67 ? 61  ASP A CG  1 
ATOM   385  O OD1 . ASP A 1 62  ? 13.633  6.336   2.895   1.00 36.50 ? 61  ASP A OD1 1 
ATOM   386  O OD2 . ASP A 1 62  ? 14.725  5.394   4.505   1.00 38.15 ? 61  ASP A OD2 1 
ATOM   387  N N   . GLU A 1 63  ? 18.199  4.810   3.730   1.00 29.97 ? 62  GLU A N   1 
ATOM   388  C CA  . GLU A 1 63  ? 19.205  5.011   4.750   1.00 32.09 ? 62  GLU A CA  1 
ATOM   389  C C   . GLU A 1 63  ? 18.629  5.688   5.996   1.00 31.85 ? 62  GLU A C   1 
ATOM   390  O O   . GLU A 1 63  ? 19.393  5.936   6.989   1.00 32.36 ? 62  GLU A O   1 
ATOM   391  C CB  . GLU A 1 63  ? 20.347  5.860   4.156   1.00 31.58 ? 62  GLU A CB  1 
ATOM   392  C CG  . GLU A 1 63  ? 20.015  7.344   3.912   1.00 35.81 ? 62  GLU A CG  1 
ATOM   393  C CD  . GLU A 1 63  ? 19.114  7.578   2.680   1.00 37.47 ? 62  GLU A CD  1 
ATOM   394  O OE1 . GLU A 1 63  ? 19.061  6.701   1.663   1.00 38.45 ? 62  GLU A OE1 1 
ATOM   395  O OE2 . GLU A 1 63  ? 18.477  8.684   2.693   1.00 42.12 ? 62  GLU A OE2 1 
ATOM   396  N N   . LYS A 1 64  ? 17.326  6.049   5.922   1.00 30.72 ? 63  LYS A N   1 
ATOM   397  C CA  . LYS A 1 64  ? 16.726  6.696   7.110   1.00 29.75 ? 63  LYS A CA  1 
ATOM   398  C C   . LYS A 1 64  ? 15.943  5.612   7.792   1.00 29.53 ? 63  LYS A C   1 
ATOM   399  O O   . LYS A 1 64  ? 15.327  5.818   8.829   1.00 28.37 ? 63  LYS A O   1 
ATOM   400  C CB  . LYS A 1 64  ? 15.792  7.844   6.725   1.00 30.69 ? 63  LYS A CB  1 
ATOM   401  C CG  . LYS A 1 64  ? 16.513  9.189   6.419   1.00 32.44 ? 63  LYS A CG  1 
ATOM   402  C CD  . LYS A 1 64  ? 15.544  10.184  5.729   1.00 36.83 ? 63  LYS A CD  1 
ATOM   403  C CE  . LYS A 1 64  ? 14.530  10.754  6.729   1.00 38.85 ? 63  LYS A CE  1 
ATOM   404  N NZ  . LYS A 1 64  ? 15.139  11.856  7.548   1.00 39.63 ? 63  LYS A NZ  1 
ATOM   405  N N   . GLY A 1 65  ? 15.998  4.440   7.172   1.00 27.15 ? 64  GLY A N   1 
ATOM   406  C CA  . GLY A 1 65  ? 15.268  3.288   7.620   1.00 27.51 ? 64  GLY A CA  1 
ATOM   407  C C   . GLY A 1 65  ? 13.804  3.415   7.261   1.00 26.37 ? 64  GLY A C   1 
ATOM   408  O O   . GLY A 1 65  ? 12.989  2.686   7.803   1.00 26.27 ? 64  GLY A O   1 
ATOM   409  N N   . ASN A 1 66  ? 13.469  4.326   6.349   1.00 25.73 ? 65  ASN A N   1 
ATOM   410  C CA  . ASN A 1 66  ? 12.078  4.492   5.907   1.00 25.56 ? 65  ASN A CA  1 
ATOM   411  C C   . ASN A 1 66  ? 11.747  3.606   4.696   1.00 25.33 ? 65  ASN A C   1 
ATOM   412  O O   . ASN A 1 66  ? 12.652  3.254   3.926   1.00 26.42 ? 65  ASN A O   1 
ATOM   413  C CB  . ASN A 1 66  ? 11.803  5.964   5.595   1.00 25.16 ? 65  ASN A CB  1 
ATOM   414  C CG  . ASN A 1 66  ? 11.853  6.842   6.850   1.00 26.57 ? 65  ASN A CG  1 
ATOM   415  O OD1 . ASN A 1 66  ? 11.664  6.346   7.980   1.00 24.53 ? 65  ASN A OD1 1 
ATOM   416  N ND2 . ASN A 1 66  ? 12.070  8.131   6.659   1.00 23.66 ? 65  ASN A ND2 1 
ATOM   417  N N   . TRP A 1 67  ? 10.462  3.281   4.526   1.00 25.07 ? 66  TRP A N   1 
ATOM   418  C CA  . TRP A 1 67  ? 10.004  2.324   3.509   1.00 24.34 ? 66  TRP A CA  1 
ATOM   419  C C   . TRP A 1 67  ? 9.537   3.000   2.234   1.00 24.26 ? 66  TRP A C   1 
ATOM   420  O O   . TRP A 1 67  ? 8.793   3.982   2.302   1.00 23.72 ? 66  TRP A O   1 
ATOM   421  C CB  . TRP A 1 67  ? 8.829   1.492   4.058   1.00 24.51 ? 66  TRP A CB  1 
ATOM   422  C CG  . TRP A 1 67  ? 8.391   0.400   3.109   1.00 24.44 ? 66  TRP A CG  1 
ATOM   423  C CD1 . TRP A 1 67  ? 9.028   -0.781  2.889   1.00 25.20 ? 66  TRP A CD1 1 
ATOM   424  C CD2 . TRP A 1 67  ? 7.223   0.385   2.272   1.00 25.63 ? 66  TRP A CD2 1 
ATOM   425  N NE1 . TRP A 1 67  ? 8.325   -1.541  1.987   1.00 25.07 ? 66  TRP A NE1 1 
ATOM   426  C CE2 . TRP A 1 67  ? 7.222   -0.850  1.577   1.00 23.96 ? 66  TRP A CE2 1 
ATOM   427  C CE3 . TRP A 1 67  ? 6.185   1.294   2.022   1.00 24.88 ? 66  TRP A CE3 1 
ATOM   428  C CZ2 . TRP A 1 67  ? 6.198   -1.234  0.676   1.00 26.06 ? 66  TRP A CZ2 1 
ATOM   429  C CZ3 . TRP A 1 67  ? 5.167   0.925   1.080   1.00 24.14 ? 66  TRP A CZ3 1 
ATOM   430  C CH2 . TRP A 1 67  ? 5.181   -0.342  0.444   1.00 23.76 ? 66  TRP A CH2 1 
ATOM   431  N N   . HIS A 1 68  ? 9.985   2.487   1.078   1.00 23.71 ? 67  HIS A N   1 
ATOM   432  C CA  . HIS A 1 68  ? 9.509   2.955   -0.223  1.00 24.00 ? 67  HIS A CA  1 
ATOM   433  C C   . HIS A 1 68  ? 9.024   1.765   -1.015  1.00 24.42 ? 67  HIS A C   1 
ATOM   434  O O   . HIS A 1 68  ? 9.747   0.776   -1.096  1.00 25.15 ? 67  HIS A O   1 
ATOM   435  C CB  . HIS A 1 68  ? 10.653  3.553   -1.024  1.00 23.77 ? 67  HIS A CB  1 
ATOM   436  C CG  . HIS A 1 68  ? 11.324  4.709   -0.353  1.00 22.44 ? 67  HIS A CG  1 
ATOM   437  N ND1 . HIS A 1 68  ? 11.057  6.011   -0.700  1.00 24.44 ? 67  HIS A ND1 1 
ATOM   438  C CD2 . HIS A 1 68  ? 12.232  4.762   0.654   1.00 24.39 ? 67  HIS A CD2 1 
ATOM   439  C CE1 . HIS A 1 68  ? 11.801  6.825   0.036   1.00 26.70 ? 67  HIS A CE1 1 
ATOM   440  N NE2 . HIS A 1 68  ? 12.494  6.089   0.892   1.00 23.68 ? 67  HIS A NE2 1 
ATOM   441  N N   . GLY A 1 69  ? 7.852   1.867   -1.641  1.00 24.35 ? 68  GLY A N   1 
ATOM   442  C CA  . GLY A 1 69  ? 7.332   0.749   -2.418  1.00 24.50 ? 68  GLY A CA  1 
ATOM   443  C C   . GLY A 1 69  ? 6.680   1.188   -3.713  1.00 25.18 ? 68  GLY A C   1 
ATOM   444  O O   . GLY A 1 69  ? 6.105   2.275   -3.796  1.00 26.18 ? 68  GLY A O   1 
ATOM   445  N N   . LEU A 1 70  ? 6.765   0.347   -4.729  1.00 23.87 ? 69  LEU A N   1 
ATOM   446  C CA  . LEU A 1 70  ? 6.012   0.559   -5.957  1.00 23.79 ? 69  LEU A CA  1 
ATOM   447  C C   . LEU A 1 70  ? 5.203   -0.718  -6.142  1.00 24.07 ? 69  LEU A C   1 
ATOM   448  O O   . LEU A 1 70  ? 5.780   -1.818  -6.099  1.00 24.90 ? 69  LEU A O   1 
ATOM   449  C CB  . LEU A 1 70  ? 6.950   0.753   -7.156  1.00 23.53 ? 69  LEU A CB  1 
ATOM   450  C CG  . LEU A 1 70  ? 7.728   2.079   -7.247  1.00 24.23 ? 69  LEU A CG  1 
ATOM   451  C CD1 . LEU A 1 70  ? 8.903   1.926   -8.250  1.00 21.46 ? 69  LEU A CD1 1 
ATOM   452  C CD2 . LEU A 1 70  ? 6.822   3.251   -7.654  1.00 23.18 ? 69  LEU A CD2 1 
ATOM   453  N N   . TYR A 1 71  ? 3.893   -0.580  -6.330  1.00 23.15 ? 70  TYR A N   1 
ATOM   454  C CA  . TYR A 1 71  ? 2.990   -1.739  -6.261  1.00 23.09 ? 70  TYR A CA  1 
ATOM   455  C C   . TYR A 1 71  ? 1.985   -1.745  -7.405  1.00 23.05 ? 70  TYR A C   1 
ATOM   456  O O   . TYR A 1 71  ? 1.694   -0.691  -8.020  1.00 21.70 ? 70  TYR A O   1 
ATOM   457  C CB  . TYR A 1 71  ? 2.234   -1.741  -4.898  1.00 21.90 ? 70  TYR A CB  1 
ATOM   458  C CG  . TYR A 1 71  ? 1.365   -0.518  -4.712  1.00 23.37 ? 70  TYR A CG  1 
ATOM   459  C CD1 . TYR A 1 71  ? 0.047   -0.505  -5.174  1.00 24.50 ? 70  TYR A CD1 1 
ATOM   460  C CD2 . TYR A 1 71  ? 1.855   0.632   -4.062  1.00 24.31 ? 70  TYR A CD2 1 
ATOM   461  C CE1 . TYR A 1 71  ? -0.733  0.607   -5.064  1.00 23.18 ? 70  TYR A CE1 1 
ATOM   462  C CE2 . TYR A 1 71  ? 1.069   1.755   -3.926  1.00 23.69 ? 70  TYR A CE2 1 
ATOM   463  C CZ  . TYR A 1 71  ? -0.234  1.736   -4.425  1.00 25.08 ? 70  TYR A CZ  1 
ATOM   464  O OH  . TYR A 1 71  ? -1.051  2.839   -4.312  1.00 25.44 ? 70  TYR A OH  1 
ATOM   465  N N   . ALA A 1 72  ? 1.450   -2.930  -7.692  1.00 22.09 ? 71  ALA A N   1 
ATOM   466  C CA  . ALA A 1 72  ? 0.331   -3.057  -8.623  1.00 23.39 ? 71  ALA A CA  1 
ATOM   467  C C   . ALA A 1 72  ? -0.647  -4.049  -7.991  1.00 23.91 ? 71  ALA A C   1 
ATOM   468  O O   . ALA A 1 72  ? -0.247  -5.158  -7.633  1.00 23.65 ? 71  ALA A O   1 
ATOM   469  C CB  . ALA A 1 72  ? 0.806   -3.567  -9.964  1.00 23.95 ? 71  ALA A CB  1 
ATOM   470  N N   . MET A 1 73  ? -1.903  -3.641  -7.843  1.00 23.85 ? 72  MET A N   1 
ATOM   471  C CA  . MET A 1 73  ? -2.911  -4.508  -7.220  1.00 25.25 ? 72  MET A CA  1 
ATOM   472  C C   . MET A 1 73  ? -4.133  -4.609  -8.083  1.00 25.31 ? 72  MET A C   1 
ATOM   473  O O   . MET A 1 73  ? -4.379  -3.756  -8.965  1.00 24.99 ? 72  MET A O   1 
ATOM   474  C CB  . MET A 1 73  ? -3.340  -3.961  -5.863  1.00 26.39 ? 72  MET A CB  1 
ATOM   475  C CG  . MET A 1 73  ? -2.232  -3.897  -4.813  1.00 30.82 ? 72  MET A CG  1 
ATOM   476  S SD  . MET A 1 73  ? -2.890  -2.849  -3.508  1.00 40.97 ? 72  MET A SD  1 
ATOM   477  C CE  . MET A 1 73  ? -2.193  -3.694  -2.111  1.00 47.66 ? 72  MET A CE  1 
ATOM   478  N N   . ALA A 1 74  ? -4.906  -5.664  -7.834  1.00 24.71 ? 73  ALA A N   1 
ATOM   479  C CA  . ALA A 1 74  ? -6.176  -5.849  -8.507  1.00 24.56 ? 73  ALA A CA  1 
ATOM   480  C C   . ALA A 1 74  ? -7.239  -6.132  -7.462  1.00 25.78 ? 73  ALA A C   1 
ATOM   481  O O   . ALA A 1 74  ? -7.058  -6.995  -6.578  1.00 25.12 ? 73  ALA A O   1 
ATOM   482  C CB  . ALA A 1 74  ? -6.107  -6.994  -9.473  1.00 24.10 ? 73  ALA A CB  1 
ATOM   483  N N   . PHE A 1 75  ? -8.347  -5.424  -7.604  1.00 25.96 ? 74  PHE A N   1 
ATOM   484  C CA  . PHE A 1 75  ? -9.544  -5.686  -6.831  1.00 27.33 ? 74  PHE A CA  1 
ATOM   485  C C   . PHE A 1 75  ? -10.716 -5.919  -7.748  1.00 27.84 ? 74  PHE A C   1 
ATOM   486  O O   . PHE A 1 75  ? -10.602 -5.896  -8.980  1.00 26.58 ? 74  PHE A O   1 
ATOM   487  C CB  . PHE A 1 75  ? -9.773  -4.506  -5.842  1.00 27.16 ? 74  PHE A CB  1 
ATOM   488  C CG  . PHE A 1 75  ? -8.616  -4.293  -4.935  1.00 29.16 ? 74  PHE A CG  1 
ATOM   489  C CD1 . PHE A 1 75  ? -7.734  -3.228  -5.134  1.00 30.00 ? 74  PHE A CD1 1 
ATOM   490  C CD2 . PHE A 1 75  ? -8.348  -5.212  -3.914  1.00 32.40 ? 74  PHE A CD2 1 
ATOM   491  C CE1 . PHE A 1 75  ? -6.625  -3.053  -4.311  1.00 32.47 ? 74  PHE A CE1 1 
ATOM   492  C CE2 . PHE A 1 75  ? -7.238  -5.048  -3.082  1.00 33.65 ? 74  PHE A CE2 1 
ATOM   493  C CZ  . PHE A 1 75  ? -6.375  -3.959  -3.272  1.00 34.55 ? 74  PHE A CZ  1 
ATOM   494  N N   . LYS A 1 76  ? -11.859 -6.172  -7.129  1.00 29.29 ? 75  LYS A N   1 
ATOM   495  C CA  . LYS A 1 76  ? -13.106 -6.383  -7.816  1.00 31.21 ? 75  LYS A CA  1 
ATOM   496  C C   . LYS A 1 76  ? -13.993 -5.216  -7.397  1.00 32.53 ? 75  LYS A C   1 
ATOM   497  O O   . LYS A 1 76  ? -14.108 -4.942  -6.206  1.00 32.79 ? 75  LYS A O   1 
ATOM   498  C CB  . LYS A 1 76  ? -13.697 -7.694  -7.299  1.00 31.57 ? 75  LYS A CB  1 
ATOM   499  C CG  . LYS A 1 76  ? -14.343 -8.579  -8.297  1.00 33.20 ? 75  LYS A CG  1 
ATOM   500  C CD  . LYS A 1 76  ? -14.973 -9.770  -7.585  1.00 35.50 ? 75  LYS A CD  1 
ATOM   501  C CE  . LYS A 1 76  ? -14.255 -11.048 -7.939  1.00 35.71 ? 75  LYS A CE  1 
ATOM   502  N NZ  . LYS A 1 76  ? -15.106 -12.253 -7.860  1.00 36.39 ? 75  LYS A NZ  1 
ATOM   503  N N   . ASP A 1 77  ? -14.602 -4.509  -8.347  1.00 33.09 ? 76  ASP A N   1 
ATOM   504  C CA  . ASP A 1 77  ? -15.460 -3.392  -7.958  1.00 35.15 ? 76  ASP A CA  1 
ATOM   505  C C   . ASP A 1 77  ? -16.888 -3.867  -7.620  1.00 35.37 ? 76  ASP A C   1 
ATOM   506  O O   . ASP A 1 77  ? -17.152 -5.069  -7.599  1.00 35.46 ? 76  ASP A O   1 
ATOM   507  C CB  . ASP A 1 77  ? -15.449 -2.273  -9.017  1.00 34.91 ? 76  ASP A CB  1 
ATOM   508  C CG  . ASP A 1 77  ? -16.092 -2.677  -10.334 1.00 35.96 ? 76  ASP A CG  1 
ATOM   509  O OD1 . ASP A 1 77  ? -16.803 -3.706  -10.420 1.00 36.60 ? 76  ASP A OD1 1 
ATOM   510  O OD2 . ASP A 1 77  ? -15.959 -1.987  -11.366 1.00 38.31 ? 76  ASP A OD2 1 
ATOM   511  N N   . SER A 1 78  ? -17.788 -2.918  -7.363  1.00 36.35 ? 77  SER A N   1 
ATOM   512  C CA  . SER A 1 78  ? -19.205 -3.210  -7.077  1.00 37.10 ? 77  SER A CA  1 
ATOM   513  C C   . SER A 1 78  ? -19.943 -3.981  -8.156  1.00 37.33 ? 77  SER A C   1 
ATOM   514  O O   . SER A 1 78  ? -20.979 -4.596  -7.885  1.00 38.00 ? 77  SER A O   1 
ATOM   515  C CB  . SER A 1 78  ? -19.966 -1.911  -6.802  1.00 36.91 ? 77  SER A CB  1 
ATOM   516  O OG  . SER A 1 78  ? -19.347 -1.232  -5.741  1.00 38.03 ? 77  SER A OG  1 
ATOM   517  N N   . TRP A 1 79  ? -19.440 -3.925  -9.386  1.00 37.30 ? 78  TRP A N   1 
ATOM   518  C CA  . TRP A 1 79  ? -20.054 -4.649  -10.490 1.00 37.13 ? 78  TRP A CA  1 
ATOM   519  C C   . TRP A 1 79  ? -19.341 -5.976  -10.732 1.00 36.24 ? 78  TRP A C   1 
ATOM   520  O O   . TRP A 1 79  ? -19.626 -6.664  -11.716 1.00 36.60 ? 78  TRP A O   1 
ATOM   521  C CB  . TRP A 1 79  ? -19.991 -3.818  -11.767 1.00 38.06 ? 78  TRP A CB  1 
ATOM   522  C CG  . TRP A 1 79  ? -21.165 -2.941  -11.967 1.00 40.64 ? 78  TRP A CG  1 
ATOM   523  C CD1 . TRP A 1 79  ? -22.325 -3.256  -12.613 1.00 43.35 ? 78  TRP A CD1 1 
ATOM   524  C CD2 . TRP A 1 79  ? -21.306 -1.594  -11.517 1.00 43.03 ? 78  TRP A CD2 1 
ATOM   525  N NE1 . TRP A 1 79  ? -23.183 -2.181  -12.595 1.00 45.26 ? 78  TRP A NE1 1 
ATOM   526  C CE2 . TRP A 1 79  ? -22.581 -1.145  -11.925 1.00 44.01 ? 78  TRP A CE2 1 
ATOM   527  C CE3 . TRP A 1 79  ? -20.479 -0.710  -10.806 1.00 43.84 ? 78  TRP A CE3 1 
ATOM   528  C CZ2 . TRP A 1 79  ? -23.050 0.145   -11.655 1.00 44.93 ? 78  TRP A CZ2 1 
ATOM   529  C CZ3 . TRP A 1 79  ? -20.948 0.572   -10.530 1.00 44.75 ? 78  TRP A CZ3 1 
ATOM   530  C CH2 . TRP A 1 79  ? -22.221 0.986   -10.955 1.00 45.95 ? 78  TRP A CH2 1 
ATOM   531  N N   . ASN A 1 80  ? -18.422 -6.316  -9.831  1.00 35.21 ? 79  ASN A N   1 
ATOM   532  C CA  . ASN A 1 80  ? -17.576 -7.502  -9.956  1.00 34.22 ? 79  ASN A CA  1 
ATOM   533  C C   . ASN A 1 80  ? -16.638 -7.396  -11.175 1.00 32.85 ? 79  ASN A C   1 
ATOM   534  O O   . ASN A 1 80  ? -16.335 -8.382  -11.852 1.00 33.34 ? 79  ASN A O   1 
ATOM   535  C CB  . ASN A 1 80  ? -18.432 -8.790  -9.933  1.00 34.48 ? 79  ASN A CB  1 
ATOM   536  C CG  . ASN A 1 80  ? -19.018 -9.090  -8.530  1.00 35.46 ? 79  ASN A CG  1 
ATOM   537  O OD1 . ASN A 1 80  ? -18.399 -8.800  -7.496  1.00 37.66 ? 79  ASN A OD1 1 
ATOM   538  N ND2 . ASN A 1 80  ? -20.213 -9.668  -8.504  1.00 36.29 ? 79  ASN A ND2 1 
ATOM   539  N N   . LYS A 1 81  ? -16.179 -6.171  -11.436 1.00 30.73 ? 80  LYS A N   1 
ATOM   540  C CA  . LYS A 1 81  ? -15.280 -5.893  -12.557 1.00 28.45 ? 80  LYS A CA  1 
ATOM   541  C C   . LYS A 1 81  ? -13.882 -5.585  -12.039 1.00 26.36 ? 80  LYS A C   1 
ATOM   542  O O   . LYS A 1 81  ? -13.703 -5.024  -10.957 1.00 24.67 ? 80  LYS A O   1 
ATOM   543  C CB  . LYS A 1 81  ? -15.773 -4.715  -13.415 1.00 28.73 ? 80  LYS A CB  1 
ATOM   544  C CG  . LYS A 1 81  ? -17.078 -4.945  -14.190 1.00 28.95 ? 80  LYS A CG  1 
ATOM   545  C CD  . LYS A 1 81  ? -16.823 -5.792  -15.436 1.00 30.49 ? 80  LYS A CD  1 
ATOM   546  C CE  . LYS A 1 81  ? -18.046 -5.817  -16.343 1.00 32.53 ? 80  LYS A CE  1 
ATOM   547  N NZ  . LYS A 1 81  ? -18.590 -7.196  -16.569 1.00 34.66 ? 80  LYS A NZ  1 
ATOM   548  N N   . TRP A 1 82  ? -12.888 -5.970  -12.833 1.00 24.77 ? 81  TRP A N   1 
ATOM   549  C CA  . TRP A 1 82  ? -11.486 -5.713  -12.524 1.00 23.70 ? 81  TRP A CA  1 
ATOM   550  C C   . TRP A 1 82  ? -11.244 -4.236  -12.237 1.00 24.12 ? 81  TRP A C   1 
ATOM   551  O O   . TRP A 1 82  ? -11.641 -3.369  -13.016 1.00 24.03 ? 81  TRP A O   1 
ATOM   552  C CB  . TRP A 1 82  ? -10.621 -6.184  -13.700 1.00 22.97 ? 81  TRP A CB  1 
ATOM   553  C CG  . TRP A 1 82  ? -9.178  -5.742  -13.662 1.00 20.97 ? 81  TRP A CG  1 
ATOM   554  C CD1 . TRP A 1 82  ? -8.212  -6.126  -12.775 1.00 22.25 ? 81  TRP A CD1 1 
ATOM   555  C CD2 . TRP A 1 82  ? -8.540  -4.866  -14.596 1.00 19.64 ? 81  TRP A CD2 1 
ATOM   556  N NE1 . TRP A 1 82  ? -7.009  -5.530  -13.096 1.00 22.41 ? 81  TRP A NE1 1 
ATOM   557  C CE2 . TRP A 1 82  ? -7.180  -4.770  -14.229 1.00 21.94 ? 81  TRP A CE2 1 
ATOM   558  C CE3 . TRP A 1 82  ? -8.981  -4.164  -15.731 1.00 20.45 ? 81  TRP A CE3 1 
ATOM   559  C CZ2 . TRP A 1 82  ? -6.252  -3.971  -14.943 1.00 19.87 ? 81  TRP A CZ2 1 
ATOM   560  C CZ3 . TRP A 1 82  ? -8.055  -3.367  -16.433 1.00 21.11 ? 81  TRP A CZ3 1 
ATOM   561  C CH2 . TRP A 1 82  ? -6.712  -3.275  -16.016 1.00 16.16 ? 81  TRP A CH2 1 
ATOM   562  N N   . GLU A 1 83  ? -10.599 -3.978  -11.107 1.00 24.22 ? 82  GLU A N   1 
ATOM   563  C CA  . GLU A 1 83  ? -10.311 -2.624  -10.660 1.00 25.36 ? 82  GLU A CA  1 
ATOM   564  C C   . GLU A 1 83  ? -8.851  -2.526  -10.252 1.00 24.00 ? 82  GLU A C   1 
ATOM   565  O O   . GLU A 1 83  ? -8.501  -2.924  -9.142  1.00 25.17 ? 82  GLU A O   1 
ATOM   566  C CB  . GLU A 1 83  ? -11.250 -2.263  -9.499  1.00 26.15 ? 82  GLU A CB  1 
ATOM   567  C CG  . GLU A 1 83  ? -10.855 -1.074  -8.638  1.00 31.63 ? 82  GLU A CG  1 
ATOM   568  C CD  . GLU A 1 83  ? -11.822 -0.894  -7.478  1.00 37.22 ? 82  GLU A CD  1 
ATOM   569  O OE1 . GLU A 1 83  ? -12.917 -0.332  -7.726  1.00 40.11 ? 82  GLU A OE1 1 
ATOM   570  O OE2 . GLU A 1 83  ? -11.504 -1.344  -6.348  1.00 38.33 ? 82  GLU A OE2 1 
ATOM   571  N N   . PRO A 1 84  ? -7.988  -2.019  -11.134 1.00 23.64 ? 83  PRO A N   1 
ATOM   572  C CA  . PRO A 1 84  ? -6.557  -1.916  -10.818 1.00 23.10 ? 83  PRO A CA  1 
ATOM   573  C C   . PRO A 1 84  ? -6.227  -0.676  -10.002 1.00 24.18 ? 83  PRO A C   1 
ATOM   574  O O   . PRO A 1 84  ? -6.935  0.348   -10.053 1.00 22.48 ? 83  PRO A O   1 
ATOM   575  C CB  . PRO A 1 84  ? -5.903  -1.805  -12.195 1.00 24.18 ? 83  PRO A CB  1 
ATOM   576  C CG  . PRO A 1 84  ? -6.938  -1.007  -12.994 1.00 23.82 ? 83  PRO A CG  1 
ATOM   577  C CD  . PRO A 1 84  ? -8.282  -1.526  -12.503 1.00 23.45 ? 83  PRO A CD  1 
ATOM   578  N N   . ILE A 1 85  ? -5.145  -0.778  -9.245  1.00 25.19 ? 84  ILE A N   1 
ATOM   579  C CA  . ILE A 1 85  ? -4.516  0.392   -8.665  1.00 26.88 ? 84  ILE A CA  1 
ATOM   580  C C   . ILE A 1 85  ? -3.023  0.139   -8.716  1.00 27.19 ? 84  ILE A C   1 
ATOM   581  O O   . ILE A 1 85  ? -2.556  -0.972  -8.463  1.00 28.26 ? 84  ILE A O   1 
ATOM   582  C CB  . ILE A 1 85  ? -5.017  0.701   -7.211  1.00 27.24 ? 84  ILE A CB  1 
ATOM   583  C CG1 . ILE A 1 85  ? -4.311  1.949   -6.655  1.00 29.07 ? 84  ILE A CG1 1 
ATOM   584  C CG2 . ILE A 1 85  ? -4.738  -0.471  -6.259  1.00 28.89 ? 84  ILE A CG2 1 
ATOM   585  C CD1 . ILE A 1 85  ? -5.079  2.667   -5.488  1.00 33.68 ? 84  ILE A CD1 1 
ATOM   586  N N   . ALA A 1 86  ? -2.261  1.166   -9.053  1.00 26.91 ? 85  ALA A N   1 
ATOM   587  C CA  . ALA A 1 86  ? -0.817  1.042   -9.038  1.00 26.15 ? 85  ALA A CA  1 
ATOM   588  C C   . ALA A 1 86  ? -0.283  2.334   -8.479  1.00 26.27 ? 85  ALA A C   1 
ATOM   589  O O   . ALA A 1 86  ? -0.878  3.395   -8.689  1.00 25.94 ? 85  ALA A O   1 
ATOM   590  C CB  . ALA A 1 86  ? -0.290  0.797   -10.450 1.00 26.65 ? 85  ALA A CB  1 
ATOM   591  N N   . GLY A 1 87  ? 0.852   2.266   -7.803  1.00 25.02 ? 86  GLY A N   1 
ATOM   592  C CA  . GLY A 1 87  ? 1.355   3.470   -7.186  1.00 25.29 ? 86  GLY A CA  1 
ATOM   593  C C   . GLY A 1 87  ? 2.657   3.351   -6.445  1.00 24.50 ? 86  GLY A C   1 
ATOM   594  O O   . GLY A 1 87  ? 3.363   2.335   -6.528  1.00 23.91 ? 86  GLY A O   1 
ATOM   595  N N   . TYR A 1 88  ? 2.951   4.418   -5.708  1.00 23.49 ? 87  TYR A N   1 
ATOM   596  C CA  . TYR A 1 88  ? 4.139   4.506   -4.911  1.00 23.51 ? 87  TYR A CA  1 
ATOM   597  C C   . TYR A 1 88  ? 3.672   4.687   -3.489  1.00 23.71 ? 87  TYR A C   1 
ATOM   598  O O   . TYR A 1 88  ? 2.761   5.482   -3.226  1.00 24.09 ? 87  TYR A O   1 
ATOM   599  C CB  . TYR A 1 88  ? 4.968   5.711   -5.344  1.00 23.89 ? 87  TYR A CB  1 
ATOM   600  C CG  . TYR A 1 88  ? 6.027   6.131   -4.358  1.00 23.87 ? 87  TYR A CG  1 
ATOM   601  C CD1 . TYR A 1 88  ? 7.227   5.427   -4.239  1.00 23.70 ? 87  TYR A CD1 1 
ATOM   602  C CD2 . TYR A 1 88  ? 5.836   7.254   -3.553  1.00 28.05 ? 87  TYR A CD2 1 
ATOM   603  C CE1 . TYR A 1 88  ? 8.222   5.840   -3.327  1.00 25.50 ? 87  TYR A CE1 1 
ATOM   604  C CE2 . TYR A 1 88  ? 6.815   7.677   -2.656  1.00 30.06 ? 87  TYR A CE2 1 
ATOM   605  C CZ  . TYR A 1 88  ? 7.998   6.963   -2.537  1.00 29.23 ? 87  TYR A CZ  1 
ATOM   606  O OH  . TYR A 1 88  ? 8.962   7.411   -1.645  1.00 28.59 ? 87  TYR A OH  1 
ATOM   607  N N   . GLY A 1 89  ? 4.290   3.965   -2.573  1.00 23.49 ? 88  GLY A N   1 
ATOM   608  C CA  . GLY A 1 89  ? 3.997   4.124   -1.141  1.00 24.28 ? 88  GLY A CA  1 
ATOM   609  C C   . GLY A 1 89  ? 5.261   4.498   -0.376  1.00 24.92 ? 88  GLY A C   1 
ATOM   610  O O   . GLY A 1 89  ? 6.372   4.103   -0.761  1.00 25.58 ? 88  GLY A O   1 
ATOM   611  N N   . TRP A 1 90  ? 5.091   5.249   0.704   1.00 24.45 ? 89  TRP A N   1 
ATOM   612  C CA  . TRP A 1 90  ? 6.205   5.694   1.552   1.00 24.59 ? 89  TRP A CA  1 
ATOM   613  C C   . TRP A 1 90  ? 5.739   5.698   3.003   1.00 24.64 ? 89  TRP A C   1 
ATOM   614  O O   . TRP A 1 90  ? 4.637   6.146   3.290   1.00 24.56 ? 89  TRP A O   1 
ATOM   615  C CB  . TRP A 1 90  ? 6.638   7.112   1.198   1.00 24.06 ? 89  TRP A CB  1 
ATOM   616  C CG  . TRP A 1 90  ? 7.705   7.653   2.154   1.00 24.38 ? 89  TRP A CG  1 
ATOM   617  C CD1 . TRP A 1 90  ? 9.034   7.361   2.144   1.00 25.46 ? 89  TRP A CD1 1 
ATOM   618  C CD2 . TRP A 1 90  ? 7.496   8.524   3.288   1.00 25.71 ? 89  TRP A CD2 1 
ATOM   619  N NE1 . TRP A 1 90  ? 9.673   8.012   3.178   1.00 27.35 ? 89  TRP A NE1 1 
ATOM   620  C CE2 . TRP A 1 90  ? 8.756   8.732   3.898   1.00 26.61 ? 89  TRP A CE2 1 
ATOM   621  C CE3 . TRP A 1 90  ? 6.371   9.146   3.846   1.00 25.43 ? 89  TRP A CE3 1 
ATOM   622  C CZ2 . TRP A 1 90  ? 8.937   9.584   5.023   1.00 28.60 ? 89  TRP A CZ2 1 
ATOM   623  C CZ3 . TRP A 1 90  ? 6.544   9.986   4.969   1.00 29.17 ? 89  TRP A CZ3 1 
ATOM   624  C CH2 . TRP A 1 90  ? 7.829   10.198  5.539   1.00 27.95 ? 89  TRP A CH2 1 
ATOM   625  N N   . GLU A 1 91  ? 6.573   5.193   3.909   1.00 24.27 ? 90  GLU A N   1 
ATOM   626  C CA  . GLU A 1 91  ? 6.287   5.293   5.334   1.00 23.69 ? 90  GLU A CA  1 
ATOM   627  C C   . GLU A 1 91  ? 7.502   5.743   6.120   1.00 24.12 ? 90  GLU A C   1 
ATOM   628  O O   . GLU A 1 91  ? 8.565   5.119   6.039   1.00 24.98 ? 90  GLU A O   1 
ATOM   629  C CB  . GLU A 1 91  ? 5.811   3.947   5.902   1.00 24.20 ? 90  GLU A CB  1 
ATOM   630  C CG  . GLU A 1 91  ? 4.479   3.476   5.326   1.00 23.73 ? 90  GLU A CG  1 
ATOM   631  C CD  . GLU A 1 91  ? 3.873   2.343   6.133   1.00 27.05 ? 90  GLU A CD  1 
ATOM   632  O OE1 . GLU A 1 91  ? 2.789   1.872   5.737   1.00 27.58 ? 90  GLU A OE1 1 
ATOM   633  O OE2 . GLU A 1 91  ? 4.498   1.923   7.144   1.00 28.70 ? 90  GLU A OE2 1 
ATOM   634  N N   . SER A 1 92  ? 7.339   6.833   6.860   1.00 23.81 ? 91  SER A N   1 
ATOM   635  C CA  . SER A 1 92  ? 8.251   7.176   7.964   1.00 24.29 ? 91  SER A CA  1 
ATOM   636  C C   . SER A 1 92  ? 8.173   6.052   8.997   1.00 24.60 ? 91  SER A C   1 
ATOM   637  O O   . SER A 1 92  ? 7.074   5.731   9.459   1.00 25.11 ? 91  SER A O   1 
ATOM   638  C CB  . SER A 1 92  ? 7.848   8.522   8.583   1.00 24.09 ? 91  SER A CB  1 
ATOM   639  O OG  . SER A 1 92  ? 8.714   8.896   9.642   1.00 23.23 ? 91  SER A OG  1 
ATOM   640  N N   . THR A 1 93  ? 9.316   5.442   9.336   1.00 24.25 ? 92  THR A N   1 
ATOM   641  C CA  . THR A 1 93  ? 9.352   4.165   10.086  1.00 24.43 ? 92  THR A CA  1 
ATOM   642  C C   . THR A 1 93  ? 10.096  4.286   11.409  1.00 24.57 ? 92  THR A C   1 
ATOM   643  O O   . THR A 1 93  ? 11.112  4.974   11.499  1.00 23.40 ? 92  THR A O   1 
ATOM   644  C CB  . THR A 1 93  ? 9.988   3.068   9.204   1.00 24.11 ? 92  THR A CB  1 
ATOM   645  O OG1 . THR A 1 93  ? 9.230   2.946   7.997   1.00 25.92 ? 92  THR A OG1 1 
ATOM   646  C CG2 . THR A 1 93  ? 9.884   1.669   9.833   1.00 25.08 ? 92  THR A CG2 1 
ATOM   647  N N   . TRP A 1 94  ? 9.553   3.638   12.435  1.00 24.47 ? 93  TRP A N   1 
ATOM   648  C CA  . TRP A 1 94  ? 10.064  3.698   13.790  1.00 25.98 ? 93  TRP A CA  1 
ATOM   649  C C   . TRP A 1 94  ? 10.340  2.276   14.205  1.00 25.26 ? 93  TRP A C   1 
ATOM   650  O O   . TRP A 1 94  ? 9.517   1.374   13.942  1.00 24.56 ? 93  TRP A O   1 
ATOM   651  C CB  . TRP A 1 94  ? 8.995   4.303   14.703  1.00 26.73 ? 93  TRP A CB  1 
ATOM   652  C CG  . TRP A 1 94  ? 9.393   4.712   16.097  1.00 32.41 ? 93  TRP A CG  1 
ATOM   653  C CD1 . TRP A 1 94  ? 10.605  5.202   16.527  1.00 35.44 ? 93  TRP A CD1 1 
ATOM   654  C CD2 . TRP A 1 94  ? 8.538   4.715   17.246  1.00 36.63 ? 93  TRP A CD2 1 
ATOM   655  N NE1 . TRP A 1 94  ? 10.553  5.477   17.874  1.00 36.90 ? 93  TRP A NE1 1 
ATOM   656  C CE2 . TRP A 1 94  ? 9.295   5.191   18.338  1.00 37.85 ? 93  TRP A CE2 1 
ATOM   657  C CE3 . TRP A 1 94  ? 7.206   4.340   17.469  1.00 39.13 ? 93  TRP A CE3 1 
ATOM   658  C CZ2 . TRP A 1 94  ? 8.762   5.302   19.625  1.00 41.74 ? 93  TRP A CZ2 1 
ATOM   659  C CZ3 . TRP A 1 94  ? 6.679   4.457   18.751  1.00 41.44 ? 93  TRP A CZ3 1 
ATOM   660  C CH2 . TRP A 1 94  ? 7.453   4.923   19.806  1.00 41.38 ? 93  TRP A CH2 1 
ATOM   661  N N   . ARG A 1 95  ? 11.482  2.063   14.851  1.00 24.43 ? 94  ARG A N   1 
ATOM   662  C CA  . ARG A 1 95  ? 11.804  0.753   15.438  1.00 24.46 ? 94  ARG A CA  1 
ATOM   663  C C   . ARG A 1 95  ? 12.143  0.930   16.924  1.00 24.63 ? 94  ARG A C   1 
ATOM   664  O O   . ARG A 1 95  ? 13.322  1.060   17.301  1.00 24.40 ? 94  ARG A O   1 
ATOM   665  C CB  . ARG A 1 95  ? 12.947  0.103   14.661  1.00 24.72 ? 94  ARG A CB  1 
ATOM   666  C CG  . ARG A 1 95  ? 12.679  -0.025  13.178  1.00 24.76 ? 94  ARG A CG  1 
ATOM   667  C CD  . ARG A 1 95  ? 13.851  -0.595  12.383  1.00 30.12 ? 94  ARG A CD  1 
ATOM   668  N NE  . ARG A 1 95  ? 13.465  -0.924  11.006  1.00 32.80 ? 94  ARG A NE  1 
ATOM   669  C CZ  . ARG A 1 95  ? 13.338  -0.027  10.027  1.00 38.23 ? 94  ARG A CZ  1 
ATOM   670  N NH1 . ARG A 1 95  ? 13.573  1.268   10.246  1.00 36.11 ? 94  ARG A NH1 1 
ATOM   671  N NH2 . ARG A 1 95  ? 12.978  -0.427  8.815   1.00 40.06 ? 94  ARG A NH2 1 
ATOM   672  N N   . PRO A 1 96  ? 11.109  1.007   17.758  1.00 24.63 ? 95  PRO A N   1 
ATOM   673  C CA  . PRO A 1 96  ? 11.280  1.453   19.149  1.00 25.22 ? 95  PRO A CA  1 
ATOM   674  C C   . PRO A 1 96  ? 11.703  0.386   20.158  1.00 24.56 ? 95  PRO A C   1 
ATOM   675  O O   . PRO A 1 96  ? 12.033  0.743   21.296  1.00 24.08 ? 95  PRO A O   1 
ATOM   676  C CB  . PRO A 1 96  ? 9.877   1.965   19.514  1.00 26.18 ? 95  PRO A CB  1 
ATOM   677  C CG  . PRO A 1 96  ? 8.956   1.105   18.713  1.00 25.46 ? 95  PRO A CG  1 
ATOM   678  C CD  . PRO A 1 96  ? 9.690   0.731   17.434  1.00 25.02 ? 95  PRO A CD  1 
ATOM   679  N N   . LEU A 1 97  ? 11.692  -0.886  19.763  1.00 22.66 ? 96  LEU A N   1 
ATOM   680  C CA  . LEU A 1 97  ? 11.930  -1.977  20.714  1.00 21.46 ? 96  LEU A CA  1 
ATOM   681  C C   . LEU A 1 97  ? 13.310  -2.602  20.616  1.00 20.66 ? 96  LEU A C   1 
ATOM   682  O O   . LEU A 1 97  ? 13.998  -2.451  19.602  1.00 21.04 ? 96  LEU A O   1 
ATOM   683  C CB  . LEU A 1 97  ? 10.857  -3.073  20.529  1.00 20.61 ? 96  LEU A CB  1 
ATOM   684  C CG  . LEU A 1 97  ? 9.433   -2.521  20.439  1.00 22.03 ? 96  LEU A CG  1 
ATOM   685  C CD1 . LEU A 1 97  ? 8.364   -3.677  20.240  1.00 21.49 ? 96  LEU A CD1 1 
ATOM   686  C CD2 . LEU A 1 97  ? 9.103   -1.672  21.675  1.00 22.88 ? 96  LEU A CD2 1 
ATOM   687  N N   . ALA A 1 98  ? 13.699  -3.339  21.653  1.00 20.71 ? 97  ALA A N   1 
ATOM   688  C CA  . ALA A 1 98  ? 15.057  -3.928  21.728  1.00 19.72 ? 97  ALA A CA  1 
ATOM   689  C C   . ALA A 1 98  ? 15.294  -4.822  20.519  1.00 19.61 ? 97  ALA A C   1 
ATOM   690  O O   . ALA A 1 98  ? 16.400  -4.887  19.992  1.00 18.64 ? 97  ALA A O   1 
ATOM   691  C CB  . ALA A 1 98  ? 15.242  -4.723  23.028  1.00 19.57 ? 97  ALA A CB  1 
ATOM   692  N N   . ASP A 1 99  ? 14.237  -5.508  20.068  1.00 18.77 ? 98  ASP A N   1 
ATOM   693  C CA  . ASP A 1 99  ? 14.297  -6.254  18.825  1.00 18.96 ? 98  ASP A CA  1 
ATOM   694  C C   . ASP A 1 99  ? 13.995  -5.309  17.663  1.00 19.16 ? 98  ASP A C   1 
ATOM   695  O O   . ASP A 1 99  ? 12.833  -4.935  17.424  1.00 18.13 ? 98  ASP A O   1 
ATOM   696  C CB  . ASP A 1 99  ? 13.285  -7.442  18.852  1.00 18.72 ? 98  ASP A CB  1 
ATOM   697  C CG  . ASP A 1 99  ? 13.493  -8.433  17.714  1.00 19.53 ? 98  ASP A CG  1 
ATOM   698  O OD1 . ASP A 1 99  ? 14.037  -8.066  16.635  1.00 17.78 ? 98  ASP A OD1 1 
ATOM   699  O OD2 . ASP A 1 99  ? 13.128  -9.630  17.810  1.00 19.02 ? 98  ASP A OD2 1 
ATOM   700  N N   . GLU A 1 100 ? 15.032  -4.949  16.904  1.00 18.85 ? 99  GLU A N   1 
ATOM   701  C CA  . GLU A 1 100 ? 14.878  -3.993  15.820  1.00 21.01 ? 99  GLU A CA  1 
ATOM   702  C C   . GLU A 1 100 ? 13.955  -4.497  14.685  1.00 21.70 ? 99  GLU A C   1 
ATOM   703  O O   . GLU A 1 100 ? 13.523  -3.716  13.846  1.00 22.40 ? 99  GLU A O   1 
ATOM   704  C CB  . GLU A 1 100 ? 16.271  -3.581  15.278  1.00 21.40 ? 99  GLU A CB  1 
ATOM   705  C CG  . GLU A 1 100 ? 16.869  -4.595  14.311  1.00 21.76 ? 99  GLU A CG  1 
ATOM   706  C CD  . GLU A 1 100 ? 17.719  -5.647  14.987  1.00 24.07 ? 99  GLU A CD  1 
ATOM   707  O OE1 . GLU A 1 100 ? 18.433  -6.394  14.287  1.00 28.98 ? 99  GLU A OE1 1 
ATOM   708  O OE2 . GLU A 1 100 ? 17.711  -5.740  16.217  1.00 25.28 ? 99  GLU A OE2 1 
ATOM   709  N N   . ASN A 1 101 ? 13.633  -5.798  14.669  1.00 23.24 ? 100 ASN A N   1 
ATOM   710  C CA  . ASN A 1 101 ? 12.671  -6.326  13.676  1.00 24.18 ? 100 ASN A CA  1 
ATOM   711  C C   . ASN A 1 101 ? 11.252  -5.781  13.787  1.00 23.68 ? 100 ASN A C   1 
ATOM   712  O O   . ASN A 1 101 ? 10.533  -5.748  12.789  1.00 24.50 ? 100 ASN A O   1 
ATOM   713  C CB  . ASN A 1 101 ? 12.637  -7.853  13.669  1.00 23.80 ? 100 ASN A CB  1 
ATOM   714  C CG  . ASN A 1 101 ? 13.892  -8.457  13.062  1.00 29.01 ? 100 ASN A CG  1 
ATOM   715  O OD1 . ASN A 1 101 ? 14.088  -8.416  11.843  1.00 31.56 ? 100 ASN A OD1 1 
ATOM   716  N ND2 . ASN A 1 101 ? 14.742  -9.038  13.908  1.00 27.26 ? 100 ASN A ND2 1 
ATOM   717  N N   . PHE A 1 102 ? 10.846  -5.328  14.973  1.00 23.29 ? 101 PHE A N   1 
ATOM   718  C CA  . PHE A 1 102 ? 9.553   -4.628  15.099  1.00 22.55 ? 101 PHE A CA  1 
ATOM   719  C C   . PHE A 1 102 ? 9.597   -3.246  14.462  1.00 23.66 ? 101 PHE A C   1 
ATOM   720  O O   . PHE A 1 102 ? 10.486  -2.426  14.787  1.00 22.51 ? 101 PHE A O   1 
ATOM   721  C CB  . PHE A 1 102 ? 9.137   -4.487  16.581  1.00 21.99 ? 101 PHE A CB  1 
ATOM   722  C CG  . PHE A 1 102 ? 8.752   -5.790  17.215  1.00 22.27 ? 101 PHE A CG  1 
ATOM   723  C CD1 . PHE A 1 102 ? 9.675   -6.503  17.966  1.00 19.86 ? 101 PHE A CD1 1 
ATOM   724  C CD2 . PHE A 1 102 ? 7.452   -6.315  17.052  1.00 24.02 ? 101 PHE A CD2 1 
ATOM   725  C CE1 . PHE A 1 102 ? 9.341   -7.715  18.567  1.00 22.21 ? 101 PHE A CE1 1 
ATOM   726  C CE2 . PHE A 1 102 ? 7.092   -7.528  17.662  1.00 20.38 ? 101 PHE A CE2 1 
ATOM   727  C CZ  . PHE A 1 102 ? 8.031   -8.242  18.408  1.00 19.78 ? 101 PHE A CZ  1 
ATOM   728  N N   . HIS A 1 103 ? 8.649   -2.964  13.570  1.00 22.45 ? 102 HIS A N   1 
ATOM   729  C CA  . HIS A 1 103 ? 8.622   -1.659  12.892  1.00 23.04 ? 102 HIS A CA  1 
ATOM   730  C C   . HIS A 1 103 ? 7.190   -1.168  12.780  1.00 24.43 ? 102 HIS A C   1 
ATOM   731  O O   . HIS A 1 103 ? 6.264   -1.962  12.565  1.00 24.38 ? 102 HIS A O   1 
ATOM   732  C CB  . HIS A 1 103 ? 9.350   -1.687  11.519  1.00 23.71 ? 102 HIS A CB  1 
ATOM   733  C CG  . HIS A 1 103 ? 8.856   -2.746  10.577  1.00 24.15 ? 102 HIS A CG  1 
ATOM   734  N ND1 . HIS A 1 103 ? 9.482   -3.963  10.432  1.00 26.69 ? 102 HIS A ND1 1 
ATOM   735  C CD2 . HIS A 1 103 ? 7.802   -2.763  9.725   1.00 25.07 ? 102 HIS A CD2 1 
ATOM   736  C CE1 . HIS A 1 103 ? 8.841   -4.685  9.529   1.00 24.55 ? 102 HIS A CE1 1 
ATOM   737  N NE2 . HIS A 1 103 ? 7.816   -3.976  9.088   1.00 28.30 ? 102 HIS A NE2 1 
ATOM   738  N N   . LEU A 1 104 ? 7.014   0.127   13.011  1.00 24.25 ? 103 LEU A N   1 
ATOM   739  C CA  . LEU A 1 104 ? 5.725   0.808   12.877  1.00 25.58 ? 103 LEU A CA  1 
ATOM   740  C C   . LEU A 1 104 ? 5.973   1.954   11.913  1.00 25.90 ? 103 LEU A C   1 
ATOM   741  O O   . LEU A 1 104 ? 7.084   2.506   11.865  1.00 25.45 ? 103 LEU A O   1 
ATOM   742  C CB  . LEU A 1 104 ? 5.281   1.374   14.232  1.00 26.99 ? 103 LEU A CB  1 
ATOM   743  C CG  . LEU A 1 104 ? 5.122   0.204   15.226  1.00 30.51 ? 103 LEU A CG  1 
ATOM   744  C CD1 . LEU A 1 104 ? 6.417   0.033   16.039  1.00 33.91 ? 103 LEU A CD1 1 
ATOM   745  C CD2 . LEU A 1 104 ? 3.956   0.374   16.151  1.00 36.23 ? 103 LEU A CD2 1 
ATOM   746  N N   . GLY A 1 105 ? 4.957   2.317   11.136  1.00 25.69 ? 104 GLY A N   1 
ATOM   747  C CA  . GLY A 1 105 ? 5.154   3.326   10.102  1.00 24.92 ? 104 GLY A CA  1 
ATOM   748  C C   . GLY A 1 105 ? 3.896   4.127   9.843   1.00 25.59 ? 104 GLY A C   1 
ATOM   749  O O   . GLY A 1 105 ? 2.764   3.665   10.095  1.00 24.43 ? 104 GLY A O   1 
ATOM   750  N N   . LEU A 1 106 ? 4.105   5.309   9.287   1.00 24.69 ? 105 LEU A N   1 
ATOM   751  C CA  . LEU A 1 106 ? 3.041   6.202   8.886   1.00 25.50 ? 105 LEU A CA  1 
ATOM   752  C C   . LEU A 1 106 ? 3.542   6.963   7.647   1.00 25.40 ? 105 LEU A C   1 
ATOM   753  O O   . LEU A 1 106 ? 4.652   7.501   7.649   1.00 23.83 ? 105 LEU A O   1 
ATOM   754  C CB  . LEU A 1 106 ? 2.750   7.183   10.027  1.00 26.91 ? 105 LEU A CB  1 
ATOM   755  C CG  . LEU A 1 106 ? 1.455   7.999   10.116  1.00 31.67 ? 105 LEU A CG  1 
ATOM   756  C CD1 . LEU A 1 106 ? 1.519   8.925   11.389  1.00 32.74 ? 105 LEU A CD1 1 
ATOM   757  C CD2 . LEU A 1 106 ? 1.176   8.830   8.889   1.00 38.08 ? 105 LEU A CD2 1 
ATOM   758  N N   . GLY A 1 107 ? 2.731   6.977   6.588   1.00 24.00 ? 106 GLY A N   1 
ATOM   759  C CA  . GLY A 1 107 ? 3.089   7.730   5.393   1.00 24.54 ? 106 GLY A CA  1 
ATOM   760  C C   . GLY A 1 107 ? 1.881   7.885   4.499   1.00 25.34 ? 106 GLY A C   1 
ATOM   761  O O   . GLY A 1 107 ? 0.775   8.229   4.960   1.00 24.16 ? 106 GLY A O   1 
ATOM   762  N N   . PHE A 1 108 ? 2.082   7.643   3.208   1.00 24.37 ? 107 PHE A N   1 
ATOM   763  C CA  . PHE A 1 108 ? 1.013   7.887   2.260   1.00 25.31 ? 107 PHE A CA  1 
ATOM   764  C C   . PHE A 1 108 ? 1.346   7.123   1.002   1.00 24.94 ? 107 PHE A C   1 
ATOM   765  O O   . PHE A 1 108 ? 2.483   6.667   0.823   1.00 24.86 ? 107 PHE A O   1 
ATOM   766  C CB  . PHE A 1 108 ? 0.904   9.397   1.931   1.00 25.40 ? 107 PHE A CB  1 
ATOM   767  C CG  . PHE A 1 108 ? 2.084   9.933   1.167   1.00 27.80 ? 107 PHE A CG  1 
ATOM   768  C CD1 . PHE A 1 108 ? 2.072   9.964   -0.230  1.00 30.75 ? 107 PHE A CD1 1 
ATOM   769  C CD2 . PHE A 1 108 ? 3.222   10.379  1.839   1.00 32.04 ? 107 PHE A CD2 1 
ATOM   770  C CE1 . PHE A 1 108 ? 3.165   10.441  -0.938  1.00 32.28 ? 107 PHE A CE1 1 
ATOM   771  C CE2 . PHE A 1 108 ? 4.324   10.866  1.137   1.00 32.05 ? 107 PHE A CE2 1 
ATOM   772  C CZ  . PHE A 1 108 ? 4.293   10.894  -0.254  1.00 35.06 ? 107 PHE A CZ  1 
ATOM   773  N N   . THR A 1 109 ? 0.345   6.997   0.140   1.00 24.86 ? 108 THR A N   1 
ATOM   774  C CA  . THR A 1 109 ? 0.558   6.479   -1.192  1.00 25.64 ? 108 THR A CA  1 
ATOM   775  C C   . THR A 1 109 ? -0.011  7.444   -2.226  1.00 25.99 ? 108 THR A C   1 
ATOM   776  O O   . THR A 1 109 ? -1.106  7.995   -2.042  1.00 25.48 ? 108 THR A O   1 
ATOM   777  C CB  . THR A 1 109 ? -0.009  5.036   -1.378  1.00 25.80 ? 108 THR A CB  1 
ATOM   778  O OG1 . THR A 1 109 ? 0.111   4.658   -2.760  1.00 28.06 ? 108 THR A OG1 1 
ATOM   779  C CG2 . THR A 1 109 ? -1.523  4.960   -1.106  1.00 26.31 ? 108 THR A CG2 1 
ATOM   780  N N   . ALA A 1 110 ? 0.762   7.654   -3.286  1.00 25.12 ? 109 ALA A N   1 
ATOM   781  C CA  . ALA A 1 110 ? 0.314   8.401   -4.447  1.00 26.15 ? 109 ALA A CA  1 
ATOM   782  C C   . ALA A 1 110 ? 0.199   7.393   -5.576  1.00 26.04 ? 109 ALA A C   1 
ATOM   783  O O   . ALA A 1 110 ? 1.187   6.739   -5.935  1.00 26.18 ? 109 ALA A O   1 
ATOM   784  C CB  . ALA A 1 110 ? 1.322   9.489   -4.804  1.00 25.83 ? 109 ALA A CB  1 
ATOM   785  N N   . GLY A 1 111 ? -1.004  7.250   -6.117  1.00 25.90 ? 110 GLY A N   1 
ATOM   786  C CA  . GLY A 1 111 ? -1.244  6.196   -7.092  1.00 25.96 ? 110 GLY A CA  1 
ATOM   787  C C   . GLY A 1 111 ? -2.183  6.577   -8.212  1.00 25.51 ? 110 GLY A C   1 
ATOM   788  O O   . GLY A 1 111 ? -2.608  7.745   -8.340  1.00 24.74 ? 110 GLY A O   1 
ATOM   789  N N   . VAL A 1 112 ? -2.478  5.584   -9.044  1.00 24.71 ? 111 VAL A N   1 
ATOM   790  C CA  . VAL A 1 112 ? -3.395  5.737   -10.169 1.00 25.63 ? 111 VAL A CA  1 
ATOM   791  C C   . VAL A 1 112 ? -4.330  4.544   -10.160 1.00 25.70 ? 111 VAL A C   1 
ATOM   792  O O   . VAL A 1 112 ? -3.885  3.420   -9.966  1.00 25.86 ? 111 VAL A O   1 
ATOM   793  C CB  . VAL A 1 112 ? -2.644  5.776   -11.540 1.00 25.49 ? 111 VAL A CB  1 
ATOM   794  C CG1 . VAL A 1 112 ? -3.630  5.977   -12.654 1.00 25.68 ? 111 VAL A CG1 1 
ATOM   795  C CG2 . VAL A 1 112 ? -1.627  6.934   -11.562 1.00 28.29 ? 111 VAL A CG2 1 
ATOM   796  N N   . THR A 1 113 ? -5.613  4.791   -10.365 1.00 26.11 ? 112 THR A N   1 
ATOM   797  C CA  . THR A 1 113 ? -6.610  3.724   -10.477 1.00 25.83 ? 112 THR A CA  1 
ATOM   798  C C   . THR A 1 113 ? -7.464  3.951   -11.728 1.00 25.54 ? 112 THR A C   1 
ATOM   799  O O   . THR A 1 113 ? -7.310  4.948   -12.425 1.00 24.22 ? 112 THR A O   1 
ATOM   800  C CB  . THR A 1 113 ? -7.478  3.657   -9.164  1.00 26.44 ? 112 THR A CB  1 
ATOM   801  O OG1 . THR A 1 113 ? -8.305  2.483   -9.185  1.00 27.02 ? 112 THR A OG1 1 
ATOM   802  C CG2 . THR A 1 113 ? -8.488  4.797   -9.136  1.00 26.13 ? 112 THR A CG2 1 
ATOM   803  N N   . ALA A 1 114 ? -8.355  3.020   -12.037 1.00 25.78 ? 113 ALA A N   1 
ATOM   804  C CA  . ALA A 1 114 ? -9.170  3.132   -13.258 1.00 26.18 ? 113 ALA A CA  1 
ATOM   805  C C   . ALA A 1 114 ? -10.322 2.172   -13.097 1.00 26.80 ? 113 ALA A C   1 
ATOM   806  O O   . ALA A 1 114 ? -10.165 1.123   -12.457 1.00 27.20 ? 113 ALA A O   1 
ATOM   807  C CB  . ALA A 1 114 ? -8.354  2.785   -14.506 1.00 26.58 ? 113 ALA A CB  1 
ATOM   808  N N   . ARG A 1 115 ? -11.471 2.561   -13.629 1.00 27.36 ? 114 ARG A N   1 
ATOM   809  C CA  . ARG A 1 115 ? -12.730 1.835   -13.477 1.00 29.04 ? 114 ARG A CA  1 
ATOM   810  C C   . ARG A 1 115 ? -13.413 1.527   -14.809 1.00 27.74 ? 114 ARG A C   1 
ATOM   811  O O   . ARG A 1 115 ? -13.457 2.363   -15.719 1.00 27.20 ? 114 ARG A O   1 
ATOM   812  C CB  . ARG A 1 115 ? -13.701 2.643   -12.601 1.00 29.49 ? 114 ARG A CB  1 
ATOM   813  C CG  . ARG A 1 115 ? -13.159 2.934   -11.198 1.00 34.53 ? 114 ARG A CG  1 
ATOM   814  C CD  . ARG A 1 115 ? -13.602 4.279   -10.621 1.00 37.65 ? 114 ARG A CD  1 
ATOM   815  N NE  . ARG A 1 115 ? -13.485 4.323   -9.162  1.00 42.45 ? 114 ARG A NE  1 
ATOM   816  C CZ  . ARG A 1 115 ? -14.357 4.942   -8.366  1.00 44.31 ? 114 ARG A CZ  1 
ATOM   817  N NH1 . ARG A 1 115 ? -15.394 5.585   -8.894  1.00 44.53 ? 114 ARG A NH1 1 
ATOM   818  N NH2 . ARG A 1 115 ? -14.189 4.926   -7.043  1.00 46.28 ? 114 ARG A NH2 1 
ATOM   819  N N   . ASP A 1 116 ? -13.970 0.325   -14.908 1.00 27.93 ? 115 ASP A N   1 
ATOM   820  C CA  . ASP A 1 116 ? -14.642 -0.111  -16.137 1.00 28.38 ? 115 ASP A CA  1 
ATOM   821  C C   . ASP A 1 116 ? -15.724 0.876   -16.587 1.00 28.56 ? 115 ASP A C   1 
ATOM   822  O O   . ASP A 1 116 ? -15.859 1.150   -17.787 1.00 26.11 ? 115 ASP A O   1 
ATOM   823  C CB  . ASP A 1 116 ? -15.225 -1.516  -15.974 1.00 28.69 ? 115 ASP A CB  1 
ATOM   824  C CG  . ASP A 1 116 ? -15.819 -2.051  -17.255 1.00 30.36 ? 115 ASP A CG  1 
ATOM   825  O OD1 . ASP A 1 116 ? -17.063 -2.170  -17.343 1.00 32.28 ? 115 ASP A OD1 1 
ATOM   826  O OD2 . ASP A 1 116 ? -15.132 -2.360  -18.248 1.00 33.24 ? 115 ASP A OD2 1 
ATOM   827  N N   . ASN A 1 117 ? -16.458 1.429   -15.615 1.00 29.12 ? 116 ASN A N   1 
ATOM   828  C CA  . ASN A 1 117 ? -17.547 2.384   -15.889 1.00 30.80 ? 116 ASN A CA  1 
ATOM   829  C C   . ASN A 1 117 ? -17.083 3.667   -16.564 1.00 30.65 ? 116 ASN A C   1 
ATOM   830  O O   . ASN A 1 117 ? -17.851 4.303   -17.271 1.00 30.64 ? 116 ASN A O   1 
ATOM   831  C CB  . ASN A 1 117 ? -18.280 2.757   -14.597 1.00 31.83 ? 116 ASN A CB  1 
ATOM   832  C CG  . ASN A 1 117 ? -18.854 1.554   -13.882 1.00 34.12 ? 116 ASN A CG  1 
ATOM   833  O OD1 . ASN A 1 117 ? -19.705 0.836   -14.425 1.00 37.26 ? 116 ASN A OD1 1 
ATOM   834  N ND2 . ASN A 1 117 ? -18.400 1.330   -12.653 1.00 36.17 ? 116 ASN A ND2 1 
ATOM   835  N N   . TRP A 1 118 ? -15.832 4.052   -16.314 1.00 30.84 ? 117 TRP A N   1 
ATOM   836  C CA  . TRP A 1 118 ? -15.260 5.259   -16.911 1.00 30.93 ? 117 TRP A CA  1 
ATOM   837  C C   . TRP A 1 118 ? -14.169 4.878   -17.915 1.00 30.56 ? 117 TRP A C   1 
ATOM   838  O O   . TRP A 1 118 ? -13.156 5.578   -18.025 1.00 30.37 ? 117 TRP A O   1 
ATOM   839  C CB  . TRP A 1 118 ? -14.668 6.170   -15.823 1.00 31.34 ? 117 TRP A CB  1 
ATOM   840  C CG  . TRP A 1 118 ? -15.688 6.692   -14.821 1.00 32.93 ? 117 TRP A CG  1 
ATOM   841  C CD1 . TRP A 1 118 ? -17.052 6.730   -14.970 1.00 34.21 ? 117 TRP A CD1 1 
ATOM   842  C CD2 . TRP A 1 118 ? -15.415 7.242   -13.531 1.00 33.71 ? 117 TRP A CD2 1 
ATOM   843  N NE1 . TRP A 1 118 ? -17.636 7.267   -13.848 1.00 35.29 ? 117 TRP A NE1 1 
ATOM   844  C CE2 . TRP A 1 118 ? -16.657 7.595   -12.949 1.00 34.55 ? 117 TRP A CE2 1 
ATOM   845  C CE3 . TRP A 1 118 ? -14.246 7.496   -12.811 1.00 33.37 ? 117 TRP A CE3 1 
ATOM   846  C CZ2 . TRP A 1 118 ? -16.760 8.170   -11.678 1.00 35.45 ? 117 TRP A CZ2 1 
ATOM   847  C CZ3 . TRP A 1 118 ? -14.348 8.067   -11.538 1.00 35.43 ? 117 TRP A CZ3 1 
ATOM   848  C CH2 . TRP A 1 118 ? -15.597 8.397   -10.987 1.00 35.27 ? 117 TRP A CH2 1 
ATOM   849  N N   . ASN A 1 119 ? -14.362 3.740   -18.596 1.00 29.89 ? 118 ASN A N   1 
ATOM   850  C CA  . ASN A 1 119 ? -13.424 3.249   -19.624 1.00 30.58 ? 118 ASN A CA  1 
ATOM   851  C C   . ASN A 1 119 ? -11.934 3.154   -19.131 1.00 29.87 ? 118 ASN A C   1 
ATOM   852  O O   . ASN A 1 119 ? -10.970 3.336   -19.890 1.00 32.26 ? 118 ASN A O   1 
ATOM   853  C CB  . ASN A 1 119 ? -13.581 4.070   -20.930 1.00 30.11 ? 118 ASN A CB  1 
ATOM   854  C CG  . ASN A 1 119 ? -15.014 4.002   -21.481 1.00 32.13 ? 118 ASN A CG  1 
ATOM   855  O OD1 . ASN A 1 119 ? -15.849 3.181   -21.032 1.00 34.52 ? 118 ASN A OD1 1 
ATOM   856  N ND2 . ASN A 1 119 ? -15.290 4.853   -22.486 1.00 32.89 ? 118 ASN A ND2 1 
ATOM   857  N N   . TYR A 1 120 ? -11.765 2.848   -17.839 1.00 30.33 ? 119 TYR A N   1 
ATOM   858  C CA  . TYR A 1 120 ? -10.426 2.672   -17.205 1.00 29.52 ? 119 TYR A CA  1 
ATOM   859  C C   . TYR A 1 120 ? -9.476  3.901   -17.285 1.00 30.14 ? 119 TYR A C   1 
ATOM   860  O O   . TYR A 1 120 ? -8.251  3.724   -17.276 1.00 29.30 ? 119 TYR A O   1 
ATOM   861  C CB  . TYR A 1 120 ? -9.748  1.390   -17.807 1.00 28.87 ? 119 TYR A CB  1 
ATOM   862  C CG  . TYR A 1 120 ? -10.385 0.140   -17.258 1.00 26.38 ? 119 TYR A CG  1 
ATOM   863  C CD1 . TYR A 1 120 ? -10.231 -0.167  -15.911 1.00 27.55 ? 119 TYR A CD1 1 
ATOM   864  C CD2 . TYR A 1 120 ? -11.192 -0.691  -18.052 1.00 27.15 ? 119 TYR A CD2 1 
ATOM   865  C CE1 . TYR A 1 120 ? -10.832 -1.292  -15.347 1.00 25.79 ? 119 TYR A CE1 1 
ATOM   866  C CE2 . TYR A 1 120 ? -11.806 -1.816  -17.505 1.00 24.54 ? 119 TYR A CE2 1 
ATOM   867  C CZ  . TYR A 1 120 ? -11.630 -2.109  -16.177 1.00 25.30 ? 119 TYR A CZ  1 
ATOM   868  O OH  . TYR A 1 120 ? -12.241 -3.216  -15.653 1.00 25.06 ? 119 TYR A OH  1 
ATOM   869  N N   . ILE A 1 121 ? -10.057 5.102   -17.461 1.00 31.50 ? 120 ILE A N   1 
ATOM   870  C CA  . ILE A 1 121 ? -9.155  6.350   -17.571 1.00 30.26 ? 120 ILE A CA  1 
ATOM   871  C C   . ILE A 1 121 ? -8.333  6.427   -16.307 1.00 30.22 ? 120 ILE A C   1 
ATOM   872  O O   . ILE A 1 121 ? -8.856  6.161   -15.209 1.00 29.05 ? 120 ILE A O   1 
ATOM   873  C CB  . ILE A 1 121 ? -9.992  7.655   -17.803 1.00 31.34 ? 120 ILE A CB  1 
ATOM   874  C CG1 . ILE A 1 121 ? -9.103  8.916   -17.919 1.00 31.16 ? 120 ILE A CG1 1 
ATOM   875  C CG2 . ILE A 1 121 ? -11.064 7.823   -16.724 1.00 31.18 ? 120 ILE A CG2 1 
ATOM   876  C CD1 . ILE A 1 121 ? -8.933  9.428   -19.382 1.00 32.49 ? 120 ILE A CD1 1 
ATOM   877  N N   . PRO A 1 122 ? -7.034  6.713   -16.445 1.00 29.24 ? 121 PRO A N   1 
ATOM   878  C CA  . PRO A 1 122 ? -6.173  6.788   -15.265 1.00 29.64 ? 121 PRO A CA  1 
ATOM   879  C C   . PRO A 1 122 ? -6.681  7.945   -14.395 1.00 29.33 ? 121 PRO A C   1 
ATOM   880  O O   . PRO A 1 122 ? -6.918  9.042   -14.930 1.00 28.70 ? 121 PRO A O   1 
ATOM   881  C CB  . PRO A 1 122 ? -4.785  7.100   -15.850 1.00 29.32 ? 121 PRO A CB  1 
ATOM   882  C CG  . PRO A 1 122 ? -4.881  6.734   -17.320 1.00 29.71 ? 121 PRO A CG  1 
ATOM   883  C CD  . PRO A 1 122 ? -6.296  6.989   -17.705 1.00 29.82 ? 121 PRO A CD  1 
ATOM   884  N N   . LEU A 1 123 ? -6.918  7.674   -13.114 1.00 28.92 ? 122 LEU A N   1 
ATOM   885  C CA  . LEU A 1 123 ? -7.317  8.698   -12.146 1.00 29.20 ? 122 LEU A CA  1 
ATOM   886  C C   . LEU A 1 123 ? -6.351  8.706   -10.953 1.00 28.53 ? 122 LEU A C   1 
ATOM   887  O O   . LEU A 1 123 ? -5.977  7.647   -10.451 1.00 28.07 ? 122 LEU A O   1 
ATOM   888  C CB  . LEU A 1 123 ? -8.740  8.448   -11.627 1.00 29.86 ? 122 LEU A CB  1 
ATOM   889  C CG  . LEU A 1 123 ? -9.796  7.874   -12.581 1.00 30.98 ? 122 LEU A CG  1 
ATOM   890  C CD1 . LEU A 1 123 ? -10.656 6.850   -11.835 1.00 32.37 ? 122 LEU A CD1 1 
ATOM   891  C CD2 . LEU A 1 123 ? -10.629 8.973   -13.125 1.00 31.82 ? 122 LEU A CD2 1 
ATOM   892  N N   . PRO A 1 124 ? -5.956  9.898   -10.503 1.00 28.15 ? 123 PRO A N   1 
ATOM   893  C CA  . PRO A 1 124 ? -5.043  10.035  -9.358  1.00 27.41 ? 123 PRO A CA  1 
ATOM   894  C C   . PRO A 1 124 ? -5.711  9.666   -8.040  1.00 27.67 ? 123 PRO A C   1 
ATOM   895  O O   . PRO A 1 124 ? -6.905  9.902   -7.869  1.00 27.73 ? 123 PRO A O   1 
ATOM   896  C CB  . PRO A 1 124 ? -4.685  11.533  -9.356  1.00 27.69 ? 123 PRO A CB  1 
ATOM   897  C CG  . PRO A 1 124 ? -5.791  12.206  -10.078 1.00 28.11 ? 123 PRO A CG  1 
ATOM   898  C CD  . PRO A 1 124 ? -6.316  11.208  -11.093 1.00 28.13 ? 123 PRO A CD  1 
ATOM   899  N N   . VAL A 1 125 ? -4.945  9.063   -7.139  1.00 26.83 ? 124 VAL A N   1 
ATOM   900  C CA  . VAL A 1 125 ? -5.421  8.723   -5.786  1.00 27.84 ? 124 VAL A CA  1 
ATOM   901  C C   . VAL A 1 125 ? -4.290  9.058   -4.842  1.00 26.82 ? 124 VAL A C   1 
ATOM   902  O O   . VAL A 1 125 ? -3.119  8.827   -5.163  1.00 25.90 ? 124 VAL A O   1 
ATOM   903  C CB  . VAL A 1 125 ? -5.803  7.228   -5.661  1.00 28.73 ? 124 VAL A CB  1 
ATOM   904  C CG1 . VAL A 1 125 ? -6.321  6.894   -4.245  1.00 31.04 ? 124 VAL A CG1 1 
ATOM   905  C CG2 . VAL A 1 125 ? -6.868  6.843   -6.712  1.00 29.68 ? 124 VAL A CG2 1 
ATOM   906  N N   . LEU A 1 126 ? -4.654  9.652   -3.703  1.00 26.38 ? 125 LEU A N   1 
ATOM   907  C CA  . LEU A 1 126 ? -3.737  9.968   -2.637  1.00 25.14 ? 125 LEU A CA  1 
ATOM   908  C C   . LEU A 1 126 ? -4.411  9.495   -1.345  1.00 25.22 ? 125 LEU A C   1 
ATOM   909  O O   . LEU A 1 126 ? -5.531  9.930   -1.013  1.00 24.22 ? 125 LEU A O   1 
ATOM   910  C CB  . LEU A 1 126 ? -3.450  11.483  -2.596  1.00 26.79 ? 125 LEU A CB  1 
ATOM   911  C CG  . LEU A 1 126 ? -2.314  11.977  -1.679  1.00 28.18 ? 125 LEU A CG  1 
ATOM   912  C CD1 . LEU A 1 126 ? -2.651  11.921  -0.206  1.00 34.82 ? 125 LEU A CD1 1 
ATOM   913  C CD2 . LEU A 1 126 ? -0.987  11.279  -1.918  1.00 29.69 ? 125 LEU A CD2 1 
ATOM   914  N N   . LEU A 1 127 ? -3.729  8.586   -0.649  1.00 23.79 ? 126 LEU A N   1 
ATOM   915  C CA  . LEU A 1 127 ? -4.247  7.943   0.562   1.00 24.65 ? 126 LEU A CA  1 
ATOM   916  C C   . LEU A 1 127 ? -3.192  7.828   1.640   1.00 24.80 ? 126 LEU A C   1 
ATOM   917  O O   . LEU A 1 127 ? -2.009  7.712   1.338   1.00 24.73 ? 126 LEU A O   1 
ATOM   918  C CB  . LEU A 1 127 ? -4.756  6.525   0.273   1.00 23.02 ? 126 LEU A CB  1 
ATOM   919  C CG  . LEU A 1 127 ? -5.824  6.388   -0.815  1.00 24.72 ? 126 LEU A CG  1 
ATOM   920  C CD1 . LEU A 1 127 ? -5.924  4.931   -1.257  1.00 25.75 ? 126 LEU A CD1 1 
ATOM   921  C CD2 . LEU A 1 127 ? -7.151  6.897   -0.303  1.00 26.30 ? 126 LEU A CD2 1 
ATOM   922  N N   . PRO A 1 128 ? -3.633  7.835   2.899   1.00 25.60 ? 127 PRO A N   1 
ATOM   923  C CA  . PRO A 1 128 ? -2.725  7.646   4.031   1.00 25.74 ? 127 PRO A CA  1 
ATOM   924  C C   . PRO A 1 128 ? -2.308  6.176   4.179   1.00 26.06 ? 127 PRO A C   1 
ATOM   925  O O   . PRO A 1 128 ? -2.995  5.262   3.663   1.00 26.53 ? 127 PRO A O   1 
ATOM   926  C CB  . PRO A 1 128 ? -3.555  8.134   5.240   1.00 27.15 ? 127 PRO A CB  1 
ATOM   927  C CG  . PRO A 1 128 ? -5.004  7.869   4.847   1.00 26.56 ? 127 PRO A CG  1 
ATOM   928  C CD  . PRO A 1 128 ? -5.037  8.016   3.320   1.00 25.68 ? 127 PRO A CD  1 
ATOM   929  N N   . LEU A 1 129 ? -1.158  5.946   4.813   1.00 25.95 ? 128 LEU A N   1 
ATOM   930  C CA  . LEU A 1 129 ? -0.675  4.577   5.085   1.00 25.71 ? 128 LEU A CA  1 
ATOM   931  C C   . LEU A 1 129 ? -0.214  4.491   6.524   1.00 26.29 ? 128 LEU A C   1 
ATOM   932  O O   . LEU A 1 129 ? 0.351   5.457   7.056   1.00 25.43 ? 128 LEU A O   1 
ATOM   933  C CB  . LEU A 1 129 ? 0.521   4.230   4.208   1.00 26.26 ? 128 LEU A CB  1 
ATOM   934  C CG  . LEU A 1 129 ? 0.383   3.984   2.708   1.00 28.18 ? 128 LEU A CG  1 
ATOM   935  C CD1 . LEU A 1 129 ? 1.804   3.700   2.108   1.00 24.75 ? 128 LEU A CD1 1 
ATOM   936  C CD2 . LEU A 1 129 ? -0.547  2.799   2.500   1.00 28.91 ? 128 LEU A CD2 1 
ATOM   937  N N   . ALA A 1 130 ? -0.465  3.337   7.149   1.00 25.42 ? 129 ALA A N   1 
ATOM   938  C CA  . ALA A 1 130 ? 0.057   3.022   8.477   1.00 25.48 ? 129 ALA A CA  1 
ATOM   939  C C   . ALA A 1 130 ? 0.372   1.542   8.467   1.00 25.34 ? 129 ALA A C   1 
ATOM   940  O O   . ALA A 1 130 ? -0.272  0.765   7.743   1.00 25.04 ? 129 ALA A O   1 
ATOM   941  C CB  . ALA A 1 130 ? -0.961  3.319   9.571   1.00 25.75 ? 129 ALA A CB  1 
ATOM   942  N N   . SER A 1 131 ? 1.361   1.136   9.254   1.00 24.18 ? 130 SER A N   1 
ATOM   943  C CA  . SER A 1 131 ? 1.707   -0.270  9.339   1.00 24.55 ? 130 SER A CA  1 
ATOM   944  C C   . SER A 1 131 ? 2.417   -0.645  10.625  1.00 24.34 ? 130 SER A C   1 
ATOM   945  O O   . SER A 1 131 ? 3.023   0.197   11.286  1.00 23.49 ? 130 SER A O   1 
ATOM   946  C CB  . SER A 1 131 ? 2.566   -0.716  8.137   1.00 25.83 ? 130 SER A CB  1 
ATOM   947  O OG  . SER A 1 131 ? 3.899   -0.243  8.269   1.00 28.23 ? 130 SER A OG  1 
ATOM   948  N N   . VAL A 1 132 ? 2.286   -1.923  10.972  1.00 24.67 ? 131 VAL A N   1 
ATOM   949  C CA  . VAL A 1 132 ? 3.046   -2.541  12.057  1.00 24.07 ? 131 VAL A CA  1 
ATOM   950  C C   . VAL A 1 132 ? 3.477   -3.894  11.530  1.00 24.18 ? 131 VAL A C   1 
ATOM   951  O O   . VAL A 1 132 ? 2.674   -4.657  10.938  1.00 23.20 ? 131 VAL A O   1 
ATOM   952  C CB  . VAL A 1 132 ? 2.208   -2.690  13.342  1.00 24.37 ? 131 VAL A CB  1 
ATOM   953  C CG1 . VAL A 1 132 ? 3.053   -3.317  14.475  1.00 25.27 ? 131 VAL A CG1 1 
ATOM   954  C CG2 . VAL A 1 132 ? 1.690   -1.318  13.833  1.00 27.15 ? 131 VAL A CG2 1 
ATOM   955  N N   . GLY A 1 133 ? 4.755   -4.223  11.714  1.00 23.23 ? 132 GLY A N   1 
ATOM   956  C CA  . GLY A 1 133 ? 5.229   -5.515  11.259  1.00 22.41 ? 132 GLY A CA  1 
ATOM   957  C C   . GLY A 1 133 ? 6.415   -6.040  12.039  1.00 22.70 ? 132 GLY A C   1 
ATOM   958  O O   . GLY A 1 133 ? 6.957   -5.351  12.897  1.00 21.70 ? 132 GLY A O   1 
ATOM   959  N N   . TYR A 1 134 ? 6.794   -7.280  11.742  1.00 22.27 ? 133 TYR A N   1 
ATOM   960  C CA  . TYR A 1 134 ? 7.989   -7.889  12.313  1.00 21.95 ? 133 TYR A CA  1 
ATOM   961  C C   . TYR A 1 134 ? 8.823   -8.406  11.136  1.00 23.14 ? 133 TYR A C   1 
ATOM   962  O O   . TYR A 1 134 ? 8.415   -9.365  10.452  1.00 21.64 ? 133 TYR A O   1 
ATOM   963  C CB  . TYR A 1 134 ? 7.622   -9.033  13.294  1.00 21.46 ? 133 TYR A CB  1 
ATOM   964  C CG  . TYR A 1 134 ? 8.848   -9.607  13.980  1.00 19.63 ? 133 TYR A CG  1 
ATOM   965  C CD1 . TYR A 1 134 ? 9.298   -9.088  15.203  1.00 18.84 ? 133 TYR A CD1 1 
ATOM   966  C CD2 . TYR A 1 134 ? 9.609   -10.598 13.362  1.00 20.02 ? 133 TYR A CD2 1 
ATOM   967  C CE1 . TYR A 1 134 ? 10.463  -9.607  15.823  1.00 17.30 ? 133 TYR A CE1 1 
ATOM   968  C CE2 . TYR A 1 134 ? 10.777  -11.097 13.954  1.00 20.44 ? 133 TYR A CE2 1 
ATOM   969  C CZ  . TYR A 1 134 ? 11.198  -10.582 15.174  1.00 19.80 ? 133 TYR A CZ  1 
ATOM   970  O OH  . TYR A 1 134 ? 12.352  -11.077 15.759  1.00 20.38 ? 133 TYR A OH  1 
ATOM   971  N N   . GLY A 1 135 ? 9.990   -7.789  10.912  1.00 23.12 ? 134 GLY A N   1 
ATOM   972  C CA  . GLY A 1 135 ? 10.839  -8.207  9.800   1.00 24.36 ? 134 GLY A CA  1 
ATOM   973  C C   . GLY A 1 135 ? 10.071  -8.144  8.460   1.00 23.55 ? 134 GLY A C   1 
ATOM   974  O O   . GLY A 1 135 ? 9.510   -7.106  8.111   1.00 24.73 ? 134 GLY A O   1 
ATOM   975  N N   . PRO A 1 136 ? 10.036  -9.236  7.714   1.00 23.61 ? 135 PRO A N   1 
ATOM   976  C CA  . PRO A 1 136 ? 9.391   -9.240  6.391   1.00 24.32 ? 135 PRO A CA  1 
ATOM   977  C C   . PRO A 1 136 ? 7.864   -9.435  6.378   1.00 24.44 ? 135 PRO A C   1 
ATOM   978  O O   . PRO A 1 136 ? 7.293   -9.594  5.295   1.00 24.83 ? 135 PRO A O   1 
ATOM   979  C CB  . PRO A 1 136 ? 10.054  -10.450 5.695   1.00 24.84 ? 135 PRO A CB  1 
ATOM   980  C CG  . PRO A 1 136 ? 10.295  -11.406 6.786   1.00 25.99 ? 135 PRO A CG  1 
ATOM   981  C CD  . PRO A 1 136 ? 10.661  -10.535 8.024   1.00 24.97 ? 135 PRO A CD  1 
ATOM   982  N N   . VAL A 1 137 ? 7.228   -9.441  7.542   1.00 23.30 ? 136 VAL A N   1 
ATOM   983  C CA  . VAL A 1 137 ? 5.777   -9.683  7.610   1.00 23.45 ? 136 VAL A CA  1 
ATOM   984  C C   . VAL A 1 137 ? 5.143   -8.447  8.200   1.00 24.24 ? 136 VAL A C   1 
ATOM   985  O O   . VAL A 1 137 ? 5.432   -8.101  9.347   1.00 22.72 ? 136 VAL A O   1 
ATOM   986  C CB  . VAL A 1 137 ? 5.465   -10.916 8.472   1.00 23.58 ? 136 VAL A CB  1 
ATOM   987  C CG1 . VAL A 1 137 ? 3.912   -11.101 8.593   1.00 24.78 ? 136 VAL A CG1 1 
ATOM   988  C CG2 . VAL A 1 137 ? 6.118   -12.170 7.860   1.00 24.41 ? 136 VAL A CG2 1 
ATOM   989  N N   . THR A 1 138 ? 4.263   -7.778  7.437   1.00 23.18 ? 137 THR A N   1 
ATOM   990  C CA  . THR A 1 138 ? 3.752   -6.472  7.860   1.00 23.85 ? 137 THR A CA  1 
ATOM   991  C C   . THR A 1 138 ? 2.232   -6.411  7.675   1.00 24.30 ? 137 THR A C   1 
ATOM   992  O O   . THR A 1 138 ? 1.718   -6.896  6.660   1.00 24.93 ? 137 THR A O   1 
ATOM   993  C CB  . THR A 1 138 ? 4.393   -5.389  7.003   1.00 24.15 ? 137 THR A CB  1 
ATOM   994  O OG1 . THR A 1 138 ? 5.807   -5.379  7.261   1.00 23.84 ? 137 THR A OG1 1 
ATOM   995  C CG2 . THR A 1 138 ? 3.904   -3.949  7.433   1.00 25.41 ? 137 THR A CG2 1 
ATOM   996  N N   . PHE A 1 139 ? 1.527   -5.882  8.680   1.00 22.35 ? 138 PHE A N   1 
ATOM   997  C CA  . PHE A 1 139 ? 0.118   -5.524  8.538   1.00 22.55 ? 138 PHE A CA  1 
ATOM   998  C C   . PHE A 1 139 ? 0.109   -4.043  8.196   1.00 22.37 ? 138 PHE A C   1 
ATOM   999  O O   . PHE A 1 139 ? 0.507   -3.197  8.984   1.00 23.53 ? 138 PHE A O   1 
ATOM   1000 C CB  . PHE A 1 139 ? -0.613  -5.870  9.850   1.00 22.37 ? 138 PHE A CB  1 
ATOM   1001 C CG  . PHE A 1 139 ? -2.103  -5.513  9.888   1.00 23.17 ? 138 PHE A CG  1 
ATOM   1002 C CD1 . PHE A 1 139 ? -3.070  -6.483  9.547   1.00 23.64 ? 138 PHE A CD1 1 
ATOM   1003 C CD2 . PHE A 1 139 ? -2.524  -4.262  10.326  1.00 25.03 ? 138 PHE A CD2 1 
ATOM   1004 C CE1 . PHE A 1 139 ? -4.447  -6.188  9.609   1.00 24.96 ? 138 PHE A CE1 1 
ATOM   1005 C CE2 . PHE A 1 139 ? -3.879  -3.950  10.394  1.00 27.99 ? 138 PHE A CE2 1 
ATOM   1006 C CZ  . PHE A 1 139 ? -4.849  -4.919  10.035  1.00 23.53 ? 138 PHE A CZ  1 
ATOM   1007 N N   . GLN A 1 140 ? -0.393  -3.717  7.009   1.00 21.73 ? 139 GLN A N   1 
ATOM   1008 C CA  . GLN A 1 140 ? -0.339  -2.381  6.478   1.00 22.02 ? 139 GLN A CA  1 
ATOM   1009 C C   . GLN A 1 140 ? -1.751  -1.992  6.015   1.00 23.13 ? 139 GLN A C   1 
ATOM   1010 O O   . GLN A 1 140 ? -2.483  -2.841  5.512   1.00 23.00 ? 139 GLN A O   1 
ATOM   1011 C CB  . GLN A 1 140 ? 0.644   -2.359  5.279   1.00 22.35 ? 139 GLN A CB  1 
ATOM   1012 C CG  . GLN A 1 140 ? 0.889   -0.946  4.666   1.00 22.95 ? 139 GLN A CG  1 
ATOM   1013 C CD  . GLN A 1 140 ? 1.949   -0.935  3.600   1.00 24.09 ? 139 GLN A CD  1 
ATOM   1014 O OE1 . GLN A 1 140 ? 2.050   -1.885  2.813   1.00 24.83 ? 139 GLN A OE1 1 
ATOM   1015 N NE2 . GLN A 1 140 ? 2.791   0.107   3.605   1.00 24.99 ? 139 GLN A NE2 1 
ATOM   1016 N N   . MET A 1 141 ? -2.111  -0.713  6.165   1.00 23.68 ? 140 MET A N   1 
ATOM   1017 C CA  . MET A 1 141 ? -3.502  -0.337  5.946   1.00 24.72 ? 140 MET A CA  1 
ATOM   1018 C C   . MET A 1 141 ? -3.649  1.108   5.478   1.00 24.53 ? 140 MET A C   1 
ATOM   1019 O O   . MET A 1 141 ? -2.705  1.923   5.567   1.00 24.43 ? 140 MET A O   1 
ATOM   1020 C CB  . MET A 1 141 ? -4.317  -0.543  7.248   1.00 23.91 ? 140 MET A CB  1 
ATOM   1021 C CG  . MET A 1 141 ? -3.860  0.381   8.391   1.00 27.91 ? 140 MET A CG  1 
ATOM   1022 S SD  . MET A 1 141 ? -4.915  0.109   9.824   1.00 29.71 ? 140 MET A SD  1 
ATOM   1023 C CE  . MET A 1 141 ? -6.353  1.047   9.287   1.00 30.83 ? 140 MET A CE  1 
ATOM   1024 N N   . THR A 1 142 ? -4.869  1.440   5.044   1.00 24.80 ? 141 THR A N   1 
ATOM   1025 C CA  . THR A 1 142 ? -5.200  2.809   4.633   1.00 23.81 ? 141 THR A CA  1 
ATOM   1026 C C   . THR A 1 142 ? -6.604  3.140   5.128   1.00 23.30 ? 141 THR A C   1 
ATOM   1027 O O   . THR A 1 142 ? -7.342  2.249   5.611   1.00 23.00 ? 141 THR A O   1 
ATOM   1028 C CB  . THR A 1 142 ? -5.057  2.959   3.092   1.00 24.10 ? 141 THR A CB  1 
ATOM   1029 O OG1 . THR A 1 142 ? -5.297  4.327   2.707   1.00 26.09 ? 141 THR A OG1 1 
ATOM   1030 C CG2 . THR A 1 142 ? -6.149  2.147   2.347   1.00 24.46 ? 141 THR A CG2 1 
ATOM   1031 N N   . TYR A 1 143 ? -6.949  4.423   5.047   1.00 22.34 ? 142 TYR A N   1 
ATOM   1032 C CA  . TYR A 1 143 ? -8.309  4.872   5.219   1.00 21.61 ? 142 TYR A CA  1 
ATOM   1033 C C   . TYR A 1 143 ? -8.753  5.431   3.851   1.00 21.65 ? 142 TYR A C   1 
ATOM   1034 O O   . TYR A 1 143 ? -8.149  6.394   3.322   1.00 20.88 ? 142 TYR A O   1 
ATOM   1035 C CB  . TYR A 1 143 ? -8.438  5.928   6.351   1.00 20.37 ? 142 TYR A CB  1 
ATOM   1036 C CG  . TYR A 1 143 ? -9.750  6.661   6.299   1.00 21.35 ? 142 TYR A CG  1 
ATOM   1037 C CD1 . TYR A 1 143 ? -10.941 6.007   6.609   1.00 18.74 ? 142 TYR A CD1 1 
ATOM   1038 C CD2 . TYR A 1 143 ? -9.809  8.021   5.917   1.00 18.68 ? 142 TYR A CD2 1 
ATOM   1039 C CE1 . TYR A 1 143 ? -12.151 6.644   6.519   1.00 16.56 ? 142 TYR A CE1 1 
ATOM   1040 C CE2 . TYR A 1 143 ? -11.021 8.674   5.841   1.00 22.92 ? 142 TYR A CE2 1 
ATOM   1041 C CZ  . TYR A 1 143 ? -12.197 7.981   6.153   1.00 19.02 ? 142 TYR A CZ  1 
ATOM   1042 O OH  . TYR A 1 143 ? -13.391 8.597   6.053   1.00 19.18 ? 142 TYR A OH  1 
ATOM   1043 N N   . ILE A 1 144 ? -9.798  4.835   3.285   1.00 19.69 ? 143 ILE A N   1 
ATOM   1044 C CA  . ILE A 1 144 ? -10.377 5.330   2.041   1.00 20.19 ? 143 ILE A CA  1 
ATOM   1045 C C   . ILE A 1 144 ? -11.460 6.343   2.432   1.00 20.01 ? 143 ILE A C   1 
ATOM   1046 O O   . ILE A 1 144 ? -12.459 5.951   3.070   1.00 20.05 ? 143 ILE A O   1 
ATOM   1047 C CB  . ILE A 1 144 ? -11.006 4.169   1.228   1.00 20.84 ? 143 ILE A CB  1 
ATOM   1048 C CG1 . ILE A 1 144 ? -9.979  3.059   0.931   1.00 25.55 ? 143 ILE A CG1 1 
ATOM   1049 C CG2 . ILE A 1 144 ? -11.738 4.708   -0.045  1.00 19.44 ? 143 ILE A CG2 1 
ATOM   1050 C CD1 . ILE A 1 144 ? -8.708  3.563   0.231   1.00 32.25 ? 143 ILE A CD1 1 
ATOM   1051 N N   . PRO A 1 145 ? -11.263 7.635   2.125   1.00 19.35 ? 144 PRO A N   1 
ATOM   1052 C CA  . PRO A 1 145 ? -12.243 8.646   2.539   1.00 19.46 ? 144 PRO A CA  1 
ATOM   1053 C C   . PRO A 1 145 ? -13.597 8.473   1.821   1.00 18.08 ? 144 PRO A C   1 
ATOM   1054 O O   . PRO A 1 145 ? -13.663 7.901   0.738   1.00 17.61 ? 144 PRO A O   1 
ATOM   1055 C CB  . PRO A 1 145 ? -11.569 10.007  2.198   1.00 19.22 ? 144 PRO A CB  1 
ATOM   1056 C CG  . PRO A 1 145 ? -10.498 9.652   1.142   1.00 22.68 ? 144 PRO A CG  1 
ATOM   1057 C CD  . PRO A 1 145 ? -10.132 8.220   1.377   1.00 19.31 ? 144 PRO A CD  1 
ATOM   1058 N N   . GLY A 1 146 ? -14.657 8.990   2.448   1.00 17.85 ? 145 GLY A N   1 
ATOM   1059 C CA  . GLY A 1 146 ? -15.987 9.008   1.842   1.00 17.22 ? 145 GLY A CA  1 
ATOM   1060 C C   . GLY A 1 146 ? -16.148 9.817   0.572   1.00 17.15 ? 145 GLY A C   1 
ATOM   1061 O O   . GLY A 1 146 ? -17.243 9.846   0.015   1.00 17.66 ? 145 GLY A O   1 
ATOM   1062 N N   . THR A 1 147 ? -15.090 10.498  0.121   1.00 17.55 ? 146 THR A N   1 
ATOM   1063 C CA  . THR A 1 147 ? -15.111 11.232  -1.152  1.00 18.70 ? 146 THR A CA  1 
ATOM   1064 C C   . THR A 1 147 ? -15.186 10.243  -2.306  1.00 19.68 ? 146 THR A C   1 
ATOM   1065 O O   . THR A 1 147 ? -15.602 10.605  -3.396  1.00 19.15 ? 146 THR A O   1 
ATOM   1066 C CB  . THR A 1 147 ? -13.837 12.099  -1.307  1.00 18.79 ? 146 THR A CB  1 
ATOM   1067 O OG1 . THR A 1 147 ? -12.690 11.301  -0.969  1.00 18.50 ? 146 THR A OG1 1 
ATOM   1068 C CG2 . THR A 1 147 ? -13.797 13.184  -0.239  1.00 19.07 ? 146 THR A CG2 1 
ATOM   1069 N N   . TYR A 1 148 ? -14.779 8.998   -2.036  1.00 21.22 ? 147 TYR A N   1 
ATOM   1070 C CA  . TYR A 1 148 ? -14.794 7.907   -3.014  1.00 23.47 ? 147 TYR A CA  1 
ATOM   1071 C C   . TYR A 1 148 ? -16.046 7.046   -2.849  1.00 24.81 ? 147 TYR A C   1 
ATOM   1072 O O   . TYR A 1 148 ? -16.535 6.854   -1.734  1.00 24.06 ? 147 TYR A O   1 
ATOM   1073 C CB  . TYR A 1 148 ? -13.526 7.039   -2.849  1.00 23.79 ? 147 TYR A CB  1 
ATOM   1074 C CG  . TYR A 1 148 ? -12.247 7.775   -3.189  1.00 25.51 ? 147 TYR A CG  1 
ATOM   1075 C CD1 . TYR A 1 148 ? -11.336 8.073   -2.211  1.00 26.40 ? 147 TYR A CD1 1 
ATOM   1076 C CD2 . TYR A 1 148 ? -11.966 8.192   -4.506  1.00 29.37 ? 147 TYR A CD2 1 
ATOM   1077 C CE1 . TYR A 1 148 ? -10.158 8.762   -2.494  1.00 29.45 ? 147 TYR A CE1 1 
ATOM   1078 C CE2 . TYR A 1 148 ? -10.771 8.901   -4.798  1.00 30.46 ? 147 TYR A CE2 1 
ATOM   1079 C CZ  . TYR A 1 148 ? -9.873  9.155   -3.781  1.00 31.08 ? 147 TYR A CZ  1 
ATOM   1080 O OH  . TYR A 1 148 ? -8.692  9.856   -3.980  1.00 34.52 ? 147 TYR A OH  1 
ATOM   1081 N N   . ASN A 1 149 ? -16.557 6.518   -3.963  1.00 26.97 ? 148 ASN A N   1 
ATOM   1082 C CA  . ASN A 1 149 ? -17.645 5.538   -3.921  1.00 29.02 ? 148 ASN A CA  1 
ATOM   1083 C C   . ASN A 1 149 ? -17.225 4.328   -3.114  1.00 28.97 ? 148 ASN A C   1 
ATOM   1084 O O   . ASN A 1 149 ? -16.085 3.879   -3.227  1.00 30.47 ? 148 ASN A O   1 
ATOM   1085 C CB  . ASN A 1 149 ? -18.055 5.119   -5.357  1.00 30.11 ? 148 ASN A CB  1 
ATOM   1086 C CG  . ASN A 1 149 ? -19.195 4.114   -5.372  1.00 32.42 ? 148 ASN A CG  1 
ATOM   1087 O OD1 . ASN A 1 149 ? -20.330 4.426   -5.002  1.00 33.32 ? 148 ASN A OD1 1 
ATOM   1088 N ND2 . ASN A 1 149 ? -18.893 2.896   -5.805  1.00 35.88 ? 148 ASN A ND2 1 
ATOM   1089 N N   . ASN A 1 150 ? -18.135 3.801   -2.292  1.00 29.46 ? 149 ASN A N   1 
ATOM   1090 C CA  . ASN A 1 150 ? -17.813 2.734   -1.332  1.00 30.38 ? 149 ASN A CA  1 
ATOM   1091 C C   . ASN A 1 150 ? -16.623 3.056   -0.422  1.00 29.26 ? 149 ASN A C   1 
ATOM   1092 O O   . ASN A 1 150 ? -15.795 2.193   -0.102  1.00 29.93 ? 149 ASN A O   1 
ATOM   1093 C CB  . ASN A 1 150 ? -17.615 1.392   -2.042  1.00 31.40 ? 149 ASN A CB  1 
ATOM   1094 C CG  . ASN A 1 150 ? -18.834 0.983   -2.831  1.00 33.45 ? 149 ASN A CG  1 
ATOM   1095 O OD1 . ASN A 1 150 ? -19.971 1.222   -2.412  1.00 37.17 ? 149 ASN A OD1 1 
ATOM   1096 N ND2 . ASN A 1 150 ? -18.612 0.389   -3.986  1.00 37.72 ? 149 ASN A ND2 1 
ATOM   1097 N N   . GLY A 1 151 ? -16.530 4.315   -0.015  1.00 28.13 ? 150 GLY A N   1 
ATOM   1098 C CA  . GLY A 1 151 ? -15.417 4.733   0.825   1.00 25.90 ? 150 GLY A CA  1 
ATOM   1099 C C   . GLY A 1 151 ? -15.847 4.835   2.265   1.00 24.91 ? 150 GLY A C   1 
ATOM   1100 O O   . GLY A 1 151 ? -16.818 4.189   2.690   1.00 23.76 ? 150 GLY A O   1 
ATOM   1101 N N   . ASN A 1 152 ? -15.133 5.676   3.014   1.00 23.56 ? 151 ASN A N   1 
ATOM   1102 C CA  . ASN A 1 152 ? -15.244 5.750   4.468   1.00 23.15 ? 151 ASN A CA  1 
ATOM   1103 C C   . ASN A 1 152 ? -14.988 4.396   5.141   1.00 23.18 ? 151 ASN A C   1 
ATOM   1104 O O   . ASN A 1 152 ? -15.660 4.035   6.114   1.00 24.02 ? 151 ASN A O   1 
ATOM   1105 C CB  . ASN A 1 152 ? -16.596 6.339   4.918   1.00 23.94 ? 151 ASN A CB  1 
ATOM   1106 C CG  . ASN A 1 152 ? -16.589 6.753   6.360   1.00 24.87 ? 151 ASN A CG  1 
ATOM   1107 O OD1 . ASN A 1 152 ? -15.541 7.120   6.897   1.00 26.81 ? 151 ASN A OD1 1 
ATOM   1108 N ND2 . ASN A 1 152 ? -17.758 6.696   7.013   1.00 24.29 ? 151 ASN A ND2 1 
ATOM   1109 N N   . VAL A 1 153 ? -13.992 3.674   4.652   1.00 22.17 ? 152 VAL A N   1 
ATOM   1110 C CA  . VAL A 1 153 ? -13.646 2.367   5.225   1.00 22.78 ? 152 VAL A CA  1 
ATOM   1111 C C   . VAL A 1 153 ? -12.168 2.269   5.452   1.00 22.22 ? 152 VAL A C   1 
ATOM   1112 O O   . VAL A 1 153 ? -11.421 2.876   4.717   1.00 22.18 ? 152 VAL A O   1 
ATOM   1113 C CB  . VAL A 1 153 ? -14.053 1.192   4.281   1.00 22.62 ? 152 VAL A CB  1 
ATOM   1114 C CG1 . VAL A 1 153 ? -15.575 1.112   4.153   1.00 24.36 ? 152 VAL A CG1 1 
ATOM   1115 C CG2 . VAL A 1 153 ? -13.411 1.321   2.894   1.00 23.96 ? 152 VAL A CG2 1 
ATOM   1116 N N   . TYR A 1 154 ? -11.754 1.468   6.439   1.00 21.47 ? 153 TYR A N   1 
ATOM   1117 C CA  . TYR A 1 154 ? -10.361 1.108   6.589   1.00 21.60 ? 153 TYR A CA  1 
ATOM   1118 C C   . TYR A 1 154 ? -10.175 -0.165  5.794   1.00 21.51 ? 153 TYR A C   1 
ATOM   1119 O O   . TYR A 1 154 ? -11.066 -1.000  5.741   1.00 22.12 ? 153 TYR A O   1 
ATOM   1120 C CB  . TYR A 1 154 ? -9.991  0.845   8.057   1.00 20.91 ? 153 TYR A CB  1 
ATOM   1121 C CG  . TYR A 1 154 ? -10.032 2.117   8.897   1.00 20.62 ? 153 TYR A CG  1 
ATOM   1122 C CD1 . TYR A 1 154 ? -11.003 2.285   9.882   1.00 19.41 ? 153 TYR A CD1 1 
ATOM   1123 C CD2 . TYR A 1 154 ? -9.077  3.126   8.714   1.00 18.64 ? 153 TYR A CD2 1 
ATOM   1124 C CE1 . TYR A 1 154 ? -11.061 3.475   10.675  1.00 20.25 ? 153 TYR A CE1 1 
ATOM   1125 C CE2 . TYR A 1 154 ? -9.131  4.313   9.512   1.00 20.74 ? 153 TYR A CE2 1 
ATOM   1126 C CZ  . TYR A 1 154 ? -10.107 4.462   10.462  1.00 20.21 ? 153 TYR A CZ  1 
ATOM   1127 O OH  . TYR A 1 154 ? -10.151 5.597   11.263  1.00 20.59 ? 153 TYR A OH  1 
ATOM   1128 N N   . PHE A 1 155 ? -9.042  -0.275  5.143   1.00 21.76 ? 154 PHE A N   1 
ATOM   1129 C CA  . PHE A 1 155 ? -8.777  -1.447  4.340   1.00 22.57 ? 154 PHE A CA  1 
ATOM   1130 C C   . PHE A 1 155 ? -7.352  -1.850  4.675   1.00 22.85 ? 154 PHE A C   1 
ATOM   1131 O O   . PHE A 1 155 ? -6.433  -1.018  4.561   1.00 23.22 ? 154 PHE A O   1 
ATOM   1132 C CB  . PHE A 1 155 ? -8.928  -1.070  2.862   1.00 22.73 ? 154 PHE A CB  1 
ATOM   1133 C CG  . PHE A 1 155 ? -8.911  -2.249  1.935   1.00 26.18 ? 154 PHE A CG  1 
ATOM   1134 C CD1 . PHE A 1 155 ? -10.121 -2.884  1.565   1.00 29.29 ? 154 PHE A CD1 1 
ATOM   1135 C CD2 . PHE A 1 155 ? -7.713  -2.700  1.400   1.00 29.48 ? 154 PHE A CD2 1 
ATOM   1136 C CE1 . PHE A 1 155 ? -10.116 -3.988  0.666   1.00 30.43 ? 154 PHE A CE1 1 
ATOM   1137 C CE2 . PHE A 1 155 ? -7.690  -3.856  0.517   1.00 30.48 ? 154 PHE A CE2 1 
ATOM   1138 C CZ  . PHE A 1 155 ? -8.899  -4.467  0.170   1.00 30.55 ? 154 PHE A CZ  1 
ATOM   1139 N N   . ALA A 1 156 ? -7.155  -3.118  5.039   1.00 22.91 ? 155 ALA A N   1 
ATOM   1140 C CA  . ALA A 1 156 ? -5.832  -3.569  5.491   1.00 22.35 ? 155 ALA A CA  1 
ATOM   1141 C C   . ALA A 1 156 ? -5.429  -4.838  4.746   1.00 21.63 ? 155 ALA A C   1 
ATOM   1142 O O   . ALA A 1 156 ? -6.282  -5.574  4.317   1.00 21.86 ? 155 ALA A O   1 
ATOM   1143 C CB  . ALA A 1 156 ? -5.856  -3.833  7.015   1.00 22.00 ? 155 ALA A CB  1 
ATOM   1144 N N   . TRP A 1 157 ? -4.120  -5.050  4.589   1.00 21.85 ? 156 TRP A N   1 
ATOM   1145 C CA  . TRP A 1 157 ? -3.555  -6.198  3.875   1.00 22.12 ? 156 TRP A CA  1 
ATOM   1146 C C   . TRP A 1 157 ? -2.304  -6.655  4.626   1.00 23.75 ? 156 TRP A C   1 
ATOM   1147 O O   . TRP A 1 157 ? -1.728  -5.879  5.403   1.00 24.35 ? 156 TRP A O   1 
ATOM   1148 C CB  . TRP A 1 157 ? -3.163  -5.827  2.418   1.00 21.80 ? 156 TRP A CB  1 
ATOM   1149 C CG  . TRP A 1 157 ? -2.290  -4.624  2.298   1.00 23.33 ? 156 TRP A CG  1 
ATOM   1150 C CD1 . TRP A 1 157 ? -0.914  -4.589  2.293   1.00 22.38 ? 156 TRP A CD1 1 
ATOM   1151 C CD2 . TRP A 1 157 ? -2.728  -3.258  2.231   1.00 22.67 ? 156 TRP A CD2 1 
ATOM   1152 N NE1 . TRP A 1 157 ? -0.483  -3.288  2.182   1.00 24.94 ? 156 TRP A NE1 1 
ATOM   1153 C CE2 . TRP A 1 157 ? -1.566  -2.450  2.141   1.00 22.74 ? 156 TRP A CE2 1 
ATOM   1154 C CE3 . TRP A 1 157 ? -3.994  -2.635  2.196   1.00 23.28 ? 156 TRP A CE3 1 
ATOM   1155 C CZ2 . TRP A 1 157 ? -1.612  -1.040  2.069   1.00 23.10 ? 156 TRP A CZ2 1 
ATOM   1156 C CZ3 . TRP A 1 157 ? -4.051  -1.208  2.115   1.00 25.68 ? 156 TRP A CZ3 1 
ATOM   1157 C CH2 . TRP A 1 157 ? -2.859  -0.440  2.060   1.00 25.07 ? 156 TRP A CH2 1 
ATOM   1158 N N   . MET A 1 158 ? -1.884  -7.901  4.395   1.00 23.11 ? 157 MET A N   1 
ATOM   1159 C CA  . MET A 1 158 ? -0.563  -8.312  4.821   1.00 24.24 ? 157 MET A CA  1 
ATOM   1160 C C   . MET A 1 158 ? 0.382   -8.052  3.647   1.00 24.90 ? 157 MET A C   1 
ATOM   1161 O O   . MET A 1 158 ? 0.015   -8.297  2.455   1.00 25.38 ? 157 MET A O   1 
ATOM   1162 C CB  . MET A 1 158 ? -0.554  -9.813  5.156   1.00 24.15 ? 157 MET A CB  1 
ATOM   1163 C CG  . MET A 1 158 ? -1.491  -10.197 6.314   1.00 27.33 ? 157 MET A CG  1 
ATOM   1164 S SD  . MET A 1 158 ? -1.058  -9.299  7.848   1.00 28.18 ? 157 MET A SD  1 
ATOM   1165 C CE  . MET A 1 158 ? 0.647   -9.812  8.155   1.00 30.13 ? 157 MET A CE  1 
ATOM   1166 N N   . ARG A 1 159 ? 1.582   -7.568  3.956   1.00 24.42 ? 158 ARG A N   1 
ATOM   1167 C CA  . ARG A 1 159 ? 2.611   -7.451  2.950   1.00 23.11 ? 158 ARG A CA  1 
ATOM   1168 C C   . ARG A 1 159 ? 3.750   -8.385  3.348   1.00 25.06 ? 158 ARG A C   1 
ATOM   1169 O O   . ARG A 1 159 ? 4.284   -8.282  4.462   1.00 24.67 ? 158 ARG A O   1 
ATOM   1170 C CB  . ARG A 1 159 ? 3.115   -6.015  2.839   1.00 25.09 ? 158 ARG A CB  1 
ATOM   1171 C CG  . ARG A 1 159 ? 4.139   -5.828  1.678   1.00 22.38 ? 158 ARG A CG  1 
ATOM   1172 C CD  . ARG A 1 159 ? 4.741   -4.429  1.639   1.00 26.41 ? 158 ARG A CD  1 
ATOM   1173 N NE  . ARG A 1 159 ? 5.807   -4.269  2.639   1.00 27.50 ? 158 ARG A NE  1 
ATOM   1174 C CZ  . ARG A 1 159 ? 5.786   -3.394  3.639   1.00 27.11 ? 158 ARG A CZ  1 
ATOM   1175 N NH1 . ARG A 1 159 ? 4.749   -2.592  3.815   1.00 25.67 ? 158 ARG A NH1 1 
ATOM   1176 N NH2 . ARG A 1 159 ? 6.813   -3.313  4.478   1.00 27.62 ? 158 ARG A NH2 1 
ATOM   1177 N N   . PHE A 1 160 ? 4.118   -9.279  2.431   1.00 23.50 ? 159 PHE A N   1 
ATOM   1178 C CA  . PHE A 1 160 ? 5.212   -10.230 2.659   1.00 23.82 ? 159 PHE A CA  1 
ATOM   1179 C C   . PHE A 1 160 ? 6.411   -9.870  1.798   1.00 24.42 ? 159 PHE A C   1 
ATOM   1180 O O   . PHE A 1 160 ? 6.326   -9.845  0.559   1.00 24.51 ? 159 PHE A O   1 
ATOM   1181 C CB  . PHE A 1 160 ? 4.746   -11.637 2.322   1.00 23.53 ? 159 PHE A CB  1 
ATOM   1182 C CG  . PHE A 1 160 ? 3.514   -12.067 3.099   1.00 24.52 ? 159 PHE A CG  1 
ATOM   1183 C CD1 . PHE A 1 160 ? 2.237   -11.954 2.537   1.00 24.92 ? 159 PHE A CD1 1 
ATOM   1184 C CD2 . PHE A 1 160 ? 3.632   -12.545 4.417   1.00 28.11 ? 159 PHE A CD2 1 
ATOM   1185 C CE1 . PHE A 1 160 ? 1.096   -12.338 3.252   1.00 26.14 ? 159 PHE A CE1 1 
ATOM   1186 C CE2 . PHE A 1 160 ? 2.467   -12.942 5.160   1.00 26.45 ? 159 PHE A CE2 1 
ATOM   1187 C CZ  . PHE A 1 160 ? 1.213   -12.848 4.567   1.00 25.72 ? 159 PHE A CZ  1 
ATOM   1188 N N   . GLN A 1 161 ? 7.533   -9.630  2.459   1.00 24.40 ? 160 GLN A N   1 
ATOM   1189 C CA  . GLN A 1 161 ? 8.720   -9.110  1.788   1.00 24.76 ? 160 GLN A CA  1 
ATOM   1190 C C   . GLN A 1 161 ? 9.643   -10.254 1.452   1.00 25.30 ? 160 GLN A C   1 
ATOM   1191 O O   . GLN A 1 161 ? 9.881   -11.106 2.302   1.00 24.98 ? 160 GLN A O   1 
ATOM   1192 C CB  . GLN A 1 161 ? 9.414   -8.102  2.721   1.00 24.95 ? 160 GLN A CB  1 
ATOM   1193 C CG  . GLN A 1 161 ? 10.712  -7.499  2.128   1.00 25.87 ? 160 GLN A CG  1 
ATOM   1194 C CD  . GLN A 1 161 ? 11.526  -6.762  3.170   1.00 26.87 ? 160 GLN A CD  1 
ATOM   1195 O OE1 . GLN A 1 161 ? 12.501  -7.316  3.744   1.00 28.62 ? 160 GLN A OE1 1 
ATOM   1196 N NE2 . GLN A 1 161 ? 11.152  -5.526  3.420   1.00 24.56 ? 160 GLN A NE2 1 
ATOM   1197 N N   . PHE A 1 162 ? 10.194  -10.266 0.231   1.00 25.34 ? 161 PHE A N   1 
ATOM   1198 C CA  . PHE A 1 162 ? 11.080  -11.351 -0.191  1.00 26.53 ? 161 PHE A CA  1 
ATOM   1199 C C   . PHE A 1 162 ? 12.476  -10.870 -0.561  1.00 27.28 ? 161 PHE A C   1 
ATOM   1200 O O   . PHE A 1 162 ? 12.675  -9.681  -0.799  1.00 25.92 ? 161 PHE A O   1 
ATOM   1201 C CB  . PHE A 1 162 ? 10.447  -12.156 -1.331  1.00 26.78 ? 161 PHE A CB  1 
ATOM   1202 C CG  . PHE A 1 162 ? 9.206   -12.876 -0.913  1.00 27.99 ? 161 PHE A CG  1 
ATOM   1203 C CD1 . PHE A 1 162 ? 7.960   -12.281 -1.066  1.00 29.62 ? 161 PHE A CD1 1 
ATOM   1204 C CD2 . PHE A 1 162 ? 9.289   -14.146 -0.319  1.00 30.93 ? 161 PHE A CD2 1 
ATOM   1205 C CE1 . PHE A 1 162 ? 6.799   -12.950 -0.656  1.00 30.63 ? 161 PHE A CE1 1 
ATOM   1206 C CE2 . PHE A 1 162 ? 8.131   -14.812 0.102   1.00 32.53 ? 161 PHE A CE2 1 
ATOM   1207 C CZ  . PHE A 1 162 ? 6.891   -14.204 -0.062  1.00 32.79 ? 161 PHE A CZ  1 
ATOM   1208 N N   . LEU A 1 163 ? 13.418  -11.820 -0.585  1.00 29.00 ? 162 LEU A N   1 
ATOM   1209 C CA  . LEU A 1 163 ? 14.846  -11.612 -0.905  1.00 31.10 ? 162 LEU A CA  1 
ATOM   1210 C C   . LEU A 1 163 ? 15.604  -11.034 0.289   1.00 32.79 ? 162 LEU A C   1 
ATOM   1211 O O   . LEU A 1 163 ? 15.095  -10.161 1.009   1.00 32.70 ? 162 LEU A O   1 
ATOM   1212 C CB  . LEU A 1 163 ? 15.067  -10.740 -2.153  1.00 31.53 ? 162 LEU A CB  1 
ATOM   1213 C CG  . LEU A 1 163 ? 14.324  -10.998 -3.477  1.00 31.74 ? 162 LEU A CG  1 
ATOM   1214 C CD1 . LEU A 1 163 ? 14.614  -9.863  -4.453  1.00 33.04 ? 162 LEU A CD1 1 
ATOM   1215 C CD2 . LEU A 1 163 ? 14.719  -12.345 -4.104  1.00 33.54 ? 162 LEU A CD2 1 
ATOM   1216 N N   . GLU A 1 164 ? 16.817  -11.542 0.488   1.00 34.68 ? 163 GLU A N   1 
ATOM   1217 C CA  . GLU A 1 164 ? 17.657  -11.193 1.625   1.00 37.21 ? 163 GLU A CA  1 
ATOM   1218 C C   . GLU A 1 164 ? 18.668  -10.128 1.201   1.00 37.72 ? 163 GLU A C   1 
ATOM   1219 O O   . GLU A 1 164 ? 18.762  -9.032  1.767   1.00 38.36 ? 163 GLU A O   1 
ATOM   1220 C CB  . GLU A 1 164 ? 18.383  -12.450 2.144   1.00 37.79 ? 163 GLU A CB  1 
ATOM   1221 C CG  . GLU A 1 164 ? 17.627  -13.199 3.243   1.00 41.48 ? 163 GLU A CG  1 
ATOM   1222 C CD  . GLU A 1 164 ? 16.949  -14.479 2.760   1.00 45.61 ? 163 GLU A CD  1 
ATOM   1223 O OE1 . GLU A 1 164 ? 17.654  -15.376 2.240   1.00 47.46 ? 163 GLU A OE1 1 
ATOM   1224 O OE2 . GLU A 1 164 ? 15.710  -14.598 2.914   1.00 47.86 ? 163 GLU A OE2 1 
HETATM 1225 C C   . ACT B 2 .   ? -10.421 3.433   -4.903  1.00 50.63 ? 400 ACT A C   1 
HETATM 1226 O O   . ACT B 2 .   ? -10.947 4.207   -5.732  1.00 50.20 ? 400 ACT A O   1 
HETATM 1227 O OXT . ACT B 2 .   ? -10.336 3.851   -3.734  1.00 50.87 ? 400 ACT A OXT 1 
HETATM 1228 C CH3 . ACT B 2 .   ? -9.918  2.075   -5.296  1.00 50.61 ? 400 ACT A CH3 1 
HETATM 1229 C C   . ACT C 2 .   ? 9.599   11.361  0.221   1.00 54.06 ? 401 ACT A C   1 
HETATM 1230 O O   . ACT C 2 .   ? 9.900   12.372  -0.450  1.00 53.80 ? 401 ACT A O   1 
HETATM 1231 O OXT . ACT C 2 .   ? 8.943   10.475  -0.373  1.00 53.92 ? 401 ACT A OXT 1 
HETATM 1232 C CH3 . ACT C 2 .   ? 10.018  11.228  1.655   1.00 53.97 ? 401 ACT A CH3 1 
HETATM 1233 C C   . ACT D 2 .   ? 3.819   -12.977 -6.649  1.00 50.26 ? 402 ACT A C   1 
HETATM 1234 O O   . ACT D 2 .   ? 2.610   -12.681 -6.784  1.00 50.09 ? 402 ACT A O   1 
HETATM 1235 O OXT . ACT D 2 .   ? 4.198   -14.049 -7.182  1.00 50.55 ? 402 ACT A OXT 1 
HETATM 1236 C CH3 . ACT D 2 .   ? 4.765   -12.092 -5.893  1.00 49.90 ? 402 ACT A CH3 1 
HETATM 1237 C C   . ACT E 2 .   ? 20.434  -4.604  -0.237  1.00 53.67 ? 403 ACT A C   1 
HETATM 1238 O O   . ACT E 2 .   ? 21.514  -4.217  0.259   1.00 53.61 ? 403 ACT A O   1 
HETATM 1239 O OXT . ACT E 2 .   ? 19.466  -4.686  0.553   1.00 53.64 ? 403 ACT A OXT 1 
HETATM 1240 C CH3 . ACT E 2 .   ? 20.311  -4.958  -1.692  1.00 53.71 ? 403 ACT A CH3 1 
HETATM 1241 C C   . ACT F 2 .   ? 7.818   -14.339 4.787   1.00 67.01 ? 404 ACT A C   1 
HETATM 1242 O O   . ACT F 2 .   ? 6.833   -15.111 4.826   1.00 67.05 ? 404 ACT A O   1 
HETATM 1243 O OXT . ACT F 2 .   ? 8.847   -14.721 5.390   1.00 67.05 ? 404 ACT A OXT 1 
HETATM 1244 C CH3 . ACT F 2 .   ? 7.766   -13.031 4.056   1.00 66.66 ? 404 ACT A CH3 1 
HETATM 1245 N N1  . LDA G 3 .   ? -12.386 -2.103  -2.875  1.00 56.15 ? 200 LDA A N1  1 
HETATM 1246 O O1  . LDA G 3 .   ? -12.824 -1.010  -3.307  1.00 57.90 ? 200 LDA A O1  1 
HETATM 1247 C CM1 . LDA G 3 .   ? -12.711 -2.247  -1.444  1.00 56.13 ? 200 LDA A CM1 1 
HETATM 1248 C CM2 . LDA G 3 .   ? -13.056 -3.178  -3.620  1.00 55.18 ? 200 LDA A CM2 1 
HETATM 1249 C C1  . LDA G 3 .   ? -10.944 -2.200  -3.076  1.00 53.57 ? 200 LDA A C1  1 
HETATM 1250 C C2  . LDA G 3 .   ? -10.259 -0.971  -2.476  1.00 49.69 ? 200 LDA A C2  1 
HETATM 1251 C C3  . LDA G 3 .   ? -8.858  -1.332  -2.014  1.00 45.66 ? 200 LDA A C3  1 
HETATM 1252 C C4  . LDA G 3 .   ? -8.111  -0.150  -1.426  1.00 42.24 ? 200 LDA A C4  1 
HETATM 1253 C C5  . LDA G 3 .   ? -7.231  0.507   -2.475  1.00 40.26 ? 200 LDA A C5  1 
HETATM 1254 C C6  . LDA G 3 .   ? -6.008  1.228   -1.906  1.00 38.17 ? 200 LDA A C6  1 
HETATM 1255 C C7  . LDA G 3 .   ? -4.837  0.269   -1.696  1.00 34.72 ? 200 LDA A C7  1 
HETATM 1256 C C8  . LDA G 3 .   ? -3.515  1.003   -1.431  1.00 33.51 ? 200 LDA A C8  1 
HETATM 1257 C C9  . LDA G 3 .   ? -2.323  0.041   -1.485  1.00 30.82 ? 200 LDA A C9  1 
HETATM 1258 C C10 . LDA G 3 .   ? -1.042  0.737   -1.043  1.00 27.84 ? 200 LDA A C10 1 
HETATM 1259 C C11 . LDA G 3 .   ? 0.122   -0.272  -1.023  1.00 28.79 ? 200 LDA A C11 1 
HETATM 1260 C C12 . LDA G 3 .   ? 1.411   0.372   -0.475  1.00 26.26 ? 200 LDA A C12 1 
HETATM 1261 N N1  . LDA H 3 .   ? 8.365   -11.444 -8.996  1.00 56.65 ? 201 LDA A N1  1 
HETATM 1262 O O1  . LDA H 3 .   ? 8.403   -11.243 -7.765  1.00 58.45 ? 201 LDA A O1  1 
HETATM 1263 C CM1 . LDA H 3 .   ? 9.369   -12.474 -9.307  1.00 56.90 ? 201 LDA A CM1 1 
HETATM 1264 C CM2 . LDA H 3 .   ? 7.030   -11.946 -9.370  1.00 57.15 ? 201 LDA A CM2 1 
HETATM 1265 C C1  . LDA H 3 .   ? 8.661   -10.215 -9.724  1.00 56.40 ? 201 LDA A C1  1 
HETATM 1266 C C2  . LDA H 3 .   ? 7.947   -9.035  -9.050  1.00 55.28 ? 201 LDA A C2  1 
HETATM 1267 C C3  . LDA H 3 .   ? 7.588   -7.960  -10.072 1.00 53.47 ? 201 LDA A C3  1 
HETATM 1268 C C4  . LDA H 3 .   ? 7.099   -6.691  -9.382  1.00 52.04 ? 201 LDA A C4  1 
HETATM 1269 C C5  . LDA H 3 .   ? 6.766   -5.596  -10.396 1.00 50.19 ? 201 LDA A C5  1 
HETATM 1270 C C6  . LDA H 3 .   ? 5.675   -4.674  -9.855  1.00 46.91 ? 201 LDA A C6  1 
HETATM 1271 C C7  . LDA H 3 .   ? 6.009   -3.204  -10.057 1.00 45.07 ? 201 LDA A C7  1 
HETATM 1272 C C8  . LDA H 3 .   ? 4.744   -2.362  -10.114 1.00 43.41 ? 201 LDA A C8  1 
HETATM 1273 C C9  . LDA H 3 .   ? 5.089   -0.896  -10.313 1.00 43.32 ? 201 LDA A C9  1 
HETATM 1274 C C10 . LDA H 3 .   ? 4.001   -0.139  -11.055 1.00 42.50 ? 201 LDA A C10 1 
HETATM 1275 C C11 . LDA H 3 .   ? 3.968   1.317   -10.596 1.00 43.57 ? 201 LDA A C11 1 
HETATM 1276 C C12 . LDA H 3 .   ? 3.262   2.212   -11.606 1.00 43.78 ? 201 LDA A C12 1 
HETATM 1277 N N1  . LDA I 3 .   ? 8.201   8.327   13.805  1.00 60.59 ? 202 LDA A N1  1 
HETATM 1278 O O1  . LDA I 3 .   ? 8.176   8.413   12.554  1.00 60.14 ? 202 LDA A O1  1 
HETATM 1279 C CM1 . LDA I 3 .   ? 9.547   7.931   14.260  1.00 59.62 ? 202 LDA A CM1 1 
HETATM 1280 C CM2 . LDA I 3 .   ? 7.909   9.649   14.389  1.00 61.10 ? 202 LDA A CM2 1 
HETATM 1281 C C1  . LDA I 3 .   ? 7.217   7.354   14.270  1.00 60.54 ? 202 LDA A C1  1 
HETATM 1282 C C2  . LDA I 3 .   ? 6.447   6.792   13.066  1.00 58.97 ? 202 LDA A C2  1 
HETATM 1283 C C3  . LDA I 3 .   ? 5.428   5.740   13.490  1.00 58.55 ? 202 LDA A C3  1 
HETATM 1284 C C4  . LDA I 3 .   ? 4.188   6.339   14.157  1.00 56.57 ? 202 LDA A C4  1 
HETATM 1285 C C5  . LDA I 3 .   ? 3.348   5.238   14.798  1.00 54.59 ? 202 LDA A C5  1 
HETATM 1286 C C6  . LDA I 3 .   ? 2.035   5.041   14.049  1.00 52.04 ? 202 LDA A C6  1 
HETATM 1287 C C7  . LDA I 3 .   ? 1.621   3.578   14.093  1.00 50.21 ? 202 LDA A C7  1 
HETATM 1288 C C8  . LDA I 3 .   ? 0.130   3.392   13.836  1.00 49.11 ? 202 LDA A C8  1 
HETATM 1289 C C9  . LDA I 3 .   ? -0.144  1.959   13.423  1.00 49.18 ? 202 LDA A C9  1 
HETATM 1290 C C10 . LDA I 3 .   ? -1.633  1.646   13.301  1.00 49.92 ? 202 LDA A C10 1 
HETATM 1291 C C11 . LDA I 3 .   ? -1.912  0.158   13.093  1.00 49.62 ? 202 LDA A C11 1 
HETATM 1292 C C12 . LDA I 3 .   ? -1.609  -0.344  11.684  1.00 48.11 ? 202 LDA A C12 1 
HETATM 1293 C C1  . LDA J 3 .   ? -5.099  -3.212  14.194  1.00 47.81 ? 203 LDA A C1  1 
HETATM 1294 C C2  . LDA J 3 .   ? -6.430  -3.757  14.676  1.00 47.06 ? 203 LDA A C2  1 
HETATM 1295 C C3  . LDA J 3 .   ? -7.434  -3.935  13.535  1.00 47.09 ? 203 LDA A C3  1 
HETATM 1296 C C4  . LDA J 3 .   ? -8.748  -4.505  14.074  1.00 44.43 ? 203 LDA A C4  1 
HETATM 1297 C C5  . LDA J 3 .   ? -9.908  -4.420  13.086  1.00 43.17 ? 203 LDA A C5  1 
HETATM 1298 C C6  . LDA J 3 .   ? -11.241 -4.435  13.820  1.00 43.32 ? 203 LDA A C6  1 
HETATM 1299 C C7  . LDA J 3 .   ? -12.420 -4.629  12.872  1.00 44.78 ? 203 LDA A C7  1 
HETATM 1300 C C8  . LDA J 3 .   ? -13.562 -5.343  13.578  1.00 46.42 ? 203 LDA A C8  1 
HETATM 1301 C C9  . LDA J 3 .   ? -14.726 -5.576  12.633  1.00 47.56 ? 203 LDA A C9  1 
HETATM 1302 C C1  . LDA K 3 .   ? -13.661 -9.436  13.963  1.00 60.55 ? 204 LDA A C1  1 
HETATM 1303 C C2  . LDA K 3 .   ? -12.253 -9.330  14.507  1.00 60.81 ? 204 LDA A C2  1 
HETATM 1304 C C3  . LDA K 3 .   ? -11.244 -10.114 13.671  1.00 60.67 ? 204 LDA A C3  1 
HETATM 1305 C C4  . LDA K 3 .   ? -10.201 -9.171  13.082  1.00 60.72 ? 204 LDA A C4  1 
HETATM 1306 C C5  . LDA K 3 .   ? -8.772  -9.670  13.286  1.00 60.62 ? 204 LDA A C5  1 
HETATM 1307 C C6  . LDA K 3 .   ? -7.849  -9.133  12.193  1.00 59.94 ? 204 LDA A C6  1 
HETATM 1308 C C7  . LDA K 3 .   ? -6.383  -9.160  12.613  1.00 59.51 ? 204 LDA A C7  1 
HETATM 1309 C C8  . LDA K 3 .   ? -5.958  -7.806  13.174  1.00 58.64 ? 204 LDA A C8  1 
HETATM 1310 C C9  . LDA K 3 .   ? -4.453  -7.679  13.265  1.00 59.18 ? 204 LDA A C9  1 
HETATM 1311 C C1  . MPD L 4 .   ? -11.669 16.362  -0.146  1.00 36.51 ? 300 MPD A C1  1 
HETATM 1312 C C2  . MPD L 4 .   ? -12.269 17.010  -1.426  1.00 35.19 ? 300 MPD A C2  1 
HETATM 1313 O O2  . MPD L 4 .   ? -11.150 17.403  -2.314  1.00 38.31 ? 300 MPD A O2  1 
HETATM 1314 C CM  . MPD L 4 .   ? -13.078 15.964  -2.219  1.00 34.26 ? 300 MPD A CM  1 
HETATM 1315 C C3  . MPD L 4 .   ? -13.157 18.266  -1.031  1.00 34.00 ? 300 MPD A C3  1 
HETATM 1316 C C4  . MPD L 4 .   ? -12.313 19.236  -0.166  1.00 33.79 ? 300 MPD A C4  1 
HETATM 1317 O O4  . MPD L 4 .   ? -11.327 19.865  -1.062  1.00 38.91 ? 300 MPD A O4  1 
HETATM 1318 C C5  . MPD L 4 .   ? -13.243 20.317  0.462   1.00 34.90 ? 300 MPD A C5  1 
HETATM 1319 C C1  . MPD M 4 .   ? -15.203 -12.560 19.363  1.00 53.26 ? 301 MPD A C1  1 
HETATM 1320 C C2  . MPD M 4 .   ? -15.842 -13.661 18.521  1.00 53.89 ? 301 MPD A C2  1 
HETATM 1321 O O2  . MPD M 4 .   ? -16.538 -14.589 19.403  1.00 54.36 ? 301 MPD A O2  1 
HETATM 1322 C CM  . MPD M 4 .   ? -16.877 -13.028 17.597  1.00 53.74 ? 301 MPD A CM  1 
HETATM 1323 C C3  . MPD M 4 .   ? -14.815 -14.423 17.669  1.00 54.27 ? 301 MPD A C3  1 
HETATM 1324 C C4  . MPD M 4 .   ? -13.668 -15.094 18.426  1.00 53.77 ? 301 MPD A C4  1 
HETATM 1325 O O4  . MPD M 4 .   ? -14.115 -16.256 19.091  1.00 54.46 ? 301 MPD A O4  1 
HETATM 1326 C C5  . MPD M 4 .   ? -12.540 -15.475 17.474  1.00 53.78 ? 301 MPD A C5  1 
HETATM 1327 O O   . HOH N 5 .   ? 8.688   -4.544  2.144   1.00 27.87 ? 500 HOH A O   1 
HETATM 1328 O O   . HOH N 5 .   ? 6.651   -6.617  4.833   1.00 26.84 ? 501 HOH A O   1 
HETATM 1329 O O   . HOH N 5 .   ? -7.768  -11.818 -1.546  1.00 26.49 ? 502 HOH A O   1 
HETATM 1330 O O   . HOH N 5 .   ? 6.163   -3.435  -2.798  1.00 25.83 ? 503 HOH A O   1 
HETATM 1331 O O   . HOH N 5 .   ? -11.893 -6.620  -4.134  1.00 28.54 ? 504 HOH A O   1 
HETATM 1332 O O   . HOH N 5 .   ? 7.019   1.182   7.618   1.00 28.05 ? 505 HOH A O   1 
HETATM 1333 O O   . HOH N 5 .   ? 12.470  8.531   3.662   1.00 26.34 ? 506 HOH A O   1 
HETATM 1334 O O   . HOH N 5 .   ? 9.109   -5.618  5.641   1.00 32.30 ? 507 HOH A O   1 
HETATM 1335 O O   . HOH N 5 .   ? 13.016  -10.053 2.938   1.00 31.85 ? 508 HOH A O   1 
HETATM 1336 O O   . HOH N 5 .   ? 12.181  -3.606  24.036  1.00 21.94 ? 509 HOH A O   1 
HETATM 1337 O O   . HOH N 5 .   ? 5.826   -0.967  6.225   1.00 36.95 ? 510 HOH A O   1 
HETATM 1338 O O   . HOH N 5 .   ? 12.860  -3.516  11.125  1.00 30.28 ? 511 HOH A O   1 
HETATM 1339 O O   . HOH N 5 .   ? -8.729  -13.308 -4.572  1.00 26.25 ? 512 HOH A O   1 
HETATM 1340 O O   . HOH N 5 .   ? -4.421  -5.034  -11.661 1.00 31.30 ? 513 HOH A O   1 
HETATM 1341 O O   . HOH N 5 .   ? -6.036  -13.326 -3.324  1.00 36.88 ? 514 HOH A O   1 
HETATM 1342 O O   . HOH N 5 .   ? 6.342   -0.538  9.622   1.00 30.48 ? 515 HOH A O   1 
HETATM 1343 O O   . HOH N 5 .   ? 13.309  4.104   15.113  1.00 27.49 ? 516 HOH A O   1 
HETATM 1344 O O   . HOH N 5 .   ? -13.067 -7.998  5.864   1.00 32.81 ? 517 HOH A O   1 
HETATM 1345 O O   . HOH N 5 .   ? -10.301 12.807  -0.782  1.00 30.00 ? 518 HOH A O   1 
HETATM 1346 O O   . HOH N 5 .   ? -19.501 8.806   1.355   1.00 25.08 ? 519 HOH A O   1 
HETATM 1347 O O   . HOH N 5 .   ? -12.373 7.940   -8.396  1.00 30.59 ? 520 HOH A O   1 
HETATM 1348 O O   . HOH N 5 .   ? 15.256  -0.837  17.562  1.00 30.54 ? 521 HOH A O   1 
HETATM 1349 O O   . HOH N 5 .   ? -18.554 6.722   0.438   1.00 41.51 ? 522 HOH A O   1 
HETATM 1350 O O   . HOH N 5 .   ? 12.022  -3.002  1.298   1.00 33.51 ? 523 HOH A O   1 
HETATM 1351 O O   . HOH N 5 .   ? -13.429 -1.354  -12.645 1.00 31.14 ? 524 HOH A O   1 
HETATM 1352 O O   . HOH N 5 .   ? 18.987  -0.628  2.470   1.00 47.63 ? 525 HOH A O   1 
HETATM 1353 O O   . HOH N 5 .   ? 11.818  -2.196  17.172  1.00 18.92 ? 526 HOH A O   1 
HETATM 1354 O O   . HOH N 5 .   ? 2.801   9.915   15.108  1.00 57.23 ? 527 HOH A O   1 
HETATM 1355 O O   . HOH N 5 .   ? 16.451  -4.039  10.390  1.00 57.90 ? 528 HOH A O   1 
HETATM 1356 O O   . HOH N 5 .   ? 7.661   -15.306 -3.236  1.00 52.16 ? 529 HOH A O   1 
HETATM 1357 O O   . HOH N 5 .   ? 13.514  -7.404  -7.274  1.00 42.53 ? 530 HOH A O   1 
HETATM 1358 O O   . HOH N 5 .   ? -14.047 -8.695  -1.924  1.00 35.70 ? 531 HOH A O   1 
HETATM 1359 O O   . HOH N 5 .   ? -4.619  -12.867 13.883  1.00 53.99 ? 532 HOH A O   1 
HETATM 1360 O O   . HOH N 5 .   ? -17.452 -4.937  3.611   1.00 54.59 ? 533 HOH A O   1 
HETATM 1361 O O   . HOH N 5 .   ? -10.634 -21.108 -2.353  1.00 55.66 ? 534 HOH A O   1 
HETATM 1362 O O   . HOH N 5 .   ? -10.448 -23.001 2.642   1.00 63.11 ? 535 HOH A O   1 
HETATM 1363 O O   . HOH N 5 .   ? 13.065  -14.393 0.291   1.00 38.18 ? 536 HOH A O   1 
HETATM 1364 O O   . HOH N 5 .   ? 2.362   14.311  1.537   1.00 60.30 ? 537 HOH A O   1 
# 
